data_4FSX
#
_entry.id   4FSX
#
_cell.length_a   64.857
_cell.length_b   88.952
_cell.length_c   113.493
_cell.angle_alpha   93.47
_cell.angle_beta   95.53
_cell.angle_gamma   110.41
#
_symmetry.space_group_name_H-M   'P 1'
#
loop_
_entity.id
_entity.type
_entity.pdbx_description
1 polymer 'DNA (cytosine-5)-methyltransferase 1'
2 non-polymer S-ADENOSYL-L-HOMOCYSTEINE
#
_entity_poly.entity_id   1
_entity_poly.type   'polypeptide(L)'
_entity_poly.pdbx_seq_one_letter_code
;SAGDHEPEFIGSPVAADEARSNWPKRYGRSTAAKKPDEEEELKARCHYRSAKVDNVVYCLGDDVYVKAGENEADYIGRIT
EFFEGTDQCHYFTCRWFFRAEDTVINSLVSISVDGHKHDPRRVFLSEEKNDNVLDCIISKVKIVHVDPN(MSE)DPKAKA
QLIESCDLYYD(MSE)SYSVAYSTFANISSENGQSGSDTASGISSDDVDLETSSS(MSE)PTRTATLLDLYSGCGG
(MSE)STGLCLGAALSGLKLETRWAVDFNSFACQSLKYNHPQTEVRNEKADEFLALLKEWAVLCKKYVQDVDSNLASSED
QADEDSPLDKDEFVVEKLVGICYGGSDRENGIYFKVQWEGYGPEEDTWEPIDNLSDCPQKIREFVQEGHKRKILPLPGDV
DVICGGPPCQGISGFNRYRNRDEPLKDEKNKQ(MSE)VTF(MSE)DIVAYLKPKYVL(MSE)ENVVDILKFADGYLGKYA
LSCLVA(MSE)KYQARLG(MSE)(MSE)VAGCYGLPQFR(MSE)RVFLWGALSS(MSE)VLPKYPLPTYDVVVRGGAPNA
FSQC(MSE)VAYDETQKPSLKKALLLGDAISDLPKVQNHQPNDV(MSE)EYGGSPKTEFQRYIRLSRKD(MSE)LDWSFG
EGAGPDEGKLLDHQPLRLNNDDYERVQQIPVKKGANFRDLKGVRVGANNIVEWDPEIERVKLSSGKPLVPDYA(MSE)SF
IKGKSLKPFGRLWWDETVPTVVTRAEPHNQVIIHPTQARVLTIRENARLQGFPDYYRLFGPIKEKYIQVGNAVAVPVARA
LGYCLGQAYLGESEGSDPLYQLPPSFTSVGGRTAGQARASPVGTPAGEVVEQ
;
_entity_poly.pdbx_strand_id   A,B
#
# COMPACT_ATOMS: atom_id res chain seq x y z
N GLU A 6 3.70 -69.33 30.54
CA GLU A 6 2.74 -68.36 31.02
C GLU A 6 3.35 -67.29 31.93
N PRO A 7 2.70 -67.03 33.05
CA PRO A 7 3.19 -65.99 33.95
C PRO A 7 4.68 -65.76 34.12
N GLU A 8 5.58 -66.66 33.73
CA GLU A 8 7.00 -66.41 34.05
C GLU A 8 8.13 -66.59 32.97
N PHE A 9 9.33 -66.20 33.39
CA PHE A 9 10.59 -66.35 32.69
C PHE A 9 10.93 -67.72 32.19
N ILE A 10 11.32 -67.75 30.93
CA ILE A 10 11.85 -68.95 30.38
C ILE A 10 13.10 -69.07 31.19
N GLY A 11 13.87 -70.11 30.96
CA GLY A 11 15.07 -70.23 31.74
C GLY A 11 16.22 -70.70 30.90
N SER A 12 17.40 -70.39 31.41
CA SER A 12 18.67 -70.65 30.75
C SER A 12 19.70 -69.91 31.61
N PRO A 13 20.95 -69.83 31.15
CA PRO A 13 22.02 -69.67 32.13
C PRO A 13 21.65 -68.66 33.20
N VAL A 14 21.13 -67.49 32.85
CA VAL A 14 21.23 -66.32 33.74
C VAL A 14 22.59 -65.69 33.50
N ALA A 15 23.32 -66.27 32.53
CA ALA A 15 24.51 -65.68 31.97
C ALA A 15 25.61 -65.56 33.00
N ALA A 16 25.67 -66.56 33.89
CA ALA A 16 26.65 -66.56 34.97
C ALA A 16 26.61 -65.15 35.48
N ASP A 17 27.78 -64.52 35.53
CA ASP A 17 27.74 -63.07 35.45
C ASP A 17 28.66 -62.33 34.50
N GLU A 18 28.06 -61.93 33.39
CA GLU A 18 28.43 -60.73 32.67
C GLU A 18 27.34 -59.75 33.06
N ALA A 19 26.38 -60.26 33.83
CA ALA A 19 25.18 -59.51 34.19
C ALA A 19 25.52 -58.18 34.83
N ARG A 20 26.35 -58.26 35.86
CA ARG A 20 26.86 -57.08 36.53
C ARG A 20 27.78 -56.34 35.58
N SER A 21 28.67 -57.07 34.93
CA SER A 21 29.55 -56.49 33.93
C SER A 21 28.71 -55.73 32.91
N ASN A 22 27.69 -56.39 32.40
CA ASN A 22 26.80 -55.77 31.42
C ASN A 22 26.02 -54.56 31.95
N TRP A 23 25.25 -54.74 33.02
CA TRP A 23 24.42 -53.67 33.56
C TRP A 23 24.29 -53.71 35.09
N PRO A 24 25.31 -53.24 35.82
CA PRO A 24 25.27 -53.34 37.27
C PRO A 24 24.64 -52.15 38.00
N LYS A 25 23.43 -51.72 37.64
CA LYS A 25 22.73 -50.73 38.46
C LYS A 25 22.07 -51.41 39.67
N ARG A 26 21.42 -52.54 39.44
CA ARG A 26 21.11 -53.46 40.53
C ARG A 26 22.47 -54.06 40.76
N TYR A 27 22.55 -55.11 41.58
CA TYR A 27 23.85 -55.69 41.85
C TYR A 27 24.66 -54.64 42.60
N GLY A 28 23.97 -53.85 43.41
CA GLY A 28 24.61 -52.81 44.20
C GLY A 28 24.51 -53.09 45.69
N LEU A 42 15.47 -51.32 41.45
CA LEU A 42 15.95 -52.39 40.59
C LEU A 42 17.02 -53.21 41.30
N LYS A 43 16.71 -54.48 41.54
CA LYS A 43 17.66 -55.42 42.12
C LYS A 43 17.58 -56.69 41.28
N ALA A 44 18.68 -57.41 41.11
CA ALA A 44 18.58 -58.68 40.40
C ALA A 44 19.17 -59.85 41.13
N ARG A 45 18.29 -60.78 41.46
CA ARG A 45 18.67 -62.13 41.80
C ARG A 45 19.51 -62.63 40.64
N CYS A 46 19.03 -62.36 39.43
CA CYS A 46 19.71 -62.77 38.20
C CYS A 46 18.92 -62.31 36.97
N HIS A 47 19.49 -62.52 35.79
CA HIS A 47 18.85 -62.06 34.55
C HIS A 47 18.63 -63.17 33.54
N TYR A 48 17.75 -62.92 32.60
CA TYR A 48 17.46 -63.89 31.55
C TYR A 48 17.48 -63.24 30.18
N ARG A 49 17.77 -64.03 29.16
CA ARG A 49 17.81 -63.54 27.79
C ARG A 49 16.51 -63.84 27.06
N SER A 50 15.60 -64.49 27.77
CA SER A 50 14.30 -64.83 27.21
C SER A 50 13.25 -64.86 28.32
N ALA A 51 12.01 -64.57 27.95
CA ALA A 51 10.92 -64.69 28.91
C ALA A 51 9.69 -65.23 28.20
N LYS A 52 8.85 -65.98 28.90
CA LYS A 52 7.62 -66.46 28.26
C LYS A 52 6.36 -65.86 28.84
N VAL A 53 5.64 -65.12 28.01
CA VAL A 53 4.34 -64.56 28.39
C VAL A 53 3.29 -65.12 27.45
N ASP A 54 2.26 -65.73 28.04
CA ASP A 54 1.25 -66.44 27.28
C ASP A 54 1.97 -67.42 26.37
N ASN A 55 1.47 -67.57 25.14
CA ASN A 55 2.06 -68.55 24.26
C ASN A 55 3.53 -68.28 23.98
N VAL A 56 3.90 -67.01 23.94
CA VAL A 56 5.13 -66.62 23.27
C VAL A 56 6.23 -66.12 24.19
N VAL A 57 7.46 -66.33 23.72
CA VAL A 57 8.66 -65.94 24.44
C VAL A 57 9.34 -64.78 23.73
N TYR A 58 9.72 -63.77 24.49
CA TYR A 58 10.42 -62.62 23.96
C TYR A 58 11.89 -62.64 24.40
N CYS A 59 12.77 -62.55 23.41
CA CYS A 59 14.19 -62.43 23.65
C CYS A 59 14.49 -60.95 23.83
N LEU A 60 15.77 -60.62 23.99
CA LEU A 60 16.19 -59.23 24.07
C LEU A 60 16.26 -58.65 22.67
N GLY A 61 16.13 -57.33 22.56
CA GLY A 61 16.21 -56.67 21.26
C GLY A 61 14.92 -56.83 20.49
N ASP A 62 13.92 -57.45 21.12
CA ASP A 62 12.59 -57.53 20.54
C ASP A 62 11.83 -56.25 20.81
N ASP A 63 11.20 -55.71 19.77
CA ASP A 63 10.32 -54.57 19.94
C ASP A 63 8.95 -55.06 20.37
N VAL A 64 8.33 -54.33 21.28
CA VAL A 64 7.15 -54.83 21.94
C VAL A 64 6.17 -53.72 22.27
N TYR A 65 4.91 -54.10 22.44
CA TYR A 65 3.90 -53.20 22.98
C TYR A 65 3.76 -53.47 24.46
N VAL A 66 3.69 -52.42 25.26
CA VAL A 66 3.56 -52.56 26.71
C VAL A 66 2.31 -51.85 27.21
N LYS A 67 1.83 -52.26 28.39
CA LYS A 67 0.59 -51.73 28.93
C LYS A 67 0.80 -50.47 29.74
N ALA A 68 0.23 -49.37 29.26
CA ALA A 68 0.25 -48.12 29.99
C ALA A 68 -0.93 -48.10 30.95
N GLY A 69 -1.12 -46.99 31.64
CA GLY A 69 -2.27 -46.84 32.51
C GLY A 69 -3.53 -46.98 31.67
N GLU A 70 -4.64 -47.31 32.32
CA GLU A 70 -5.88 -47.51 31.58
C GLU A 70 -6.23 -46.28 30.76
N ASN A 71 -6.66 -46.51 29.52
CA ASN A 71 -6.98 -45.44 28.58
C ASN A 71 -5.76 -44.77 27.93
N GLU A 72 -4.57 -45.03 28.47
CA GLU A 72 -3.34 -44.57 27.83
C GLU A 72 -3.05 -45.43 26.60
N ALA A 73 -2.26 -44.89 25.68
CA ALA A 73 -1.79 -45.66 24.55
C ALA A 73 -0.76 -46.67 25.04
N ASP A 74 -0.68 -47.81 24.37
CA ASP A 74 0.31 -48.81 24.71
C ASP A 74 1.69 -48.22 24.48
N TYR A 75 2.61 -48.49 25.40
CA TYR A 75 3.98 -48.05 25.19
C TYR A 75 4.58 -48.92 24.11
N ILE A 76 5.78 -48.58 23.73
CA ILE A 76 6.53 -49.35 22.76
C ILE A 76 7.89 -49.43 23.38
N GLY A 77 8.63 -50.48 23.09
CA GLY A 77 9.93 -50.60 23.70
C GLY A 77 10.85 -51.55 23.01
N ARG A 78 12.12 -51.42 23.33
CA ARG A 78 13.11 -52.37 22.92
C ARG A 78 13.45 -52.95 24.24
N ILE A 79 13.52 -54.26 24.30
CA ILE A 79 13.77 -54.91 25.55
C ILE A 79 15.24 -54.93 25.84
N THR A 80 15.59 -54.41 26.99
CA THR A 80 16.98 -54.32 27.41
C THR A 80 17.35 -55.29 28.50
N GLU A 81 16.47 -55.38 29.49
CA GLU A 81 16.73 -56.10 30.71
C GLU A 81 15.62 -57.08 31.00
N PHE A 82 15.97 -58.33 31.28
CA PHE A 82 15.00 -59.31 31.78
C PHE A 82 15.69 -59.73 33.04
N PHE A 83 15.06 -59.62 34.20
CA PHE A 83 15.80 -59.92 35.39
C PHE A 83 15.01 -60.41 36.58
N GLU A 84 15.64 -61.25 37.39
CA GLU A 84 15.01 -61.74 38.59
C GLU A 84 15.36 -60.81 39.71
N GLY A 85 14.59 -59.75 39.84
CA GLY A 85 14.87 -58.78 40.85
C GLY A 85 14.52 -59.43 42.14
N THR A 86 15.07 -58.94 43.22
CA THR A 86 14.74 -59.44 44.51
C THR A 86 13.34 -58.95 44.69
N ASP A 87 12.67 -59.50 45.67
CA ASP A 87 11.26 -59.24 45.87
C ASP A 87 10.62 -60.43 45.22
N GLN A 88 11.41 -61.13 44.44
CA GLN A 88 11.00 -62.40 43.87
C GLN A 88 10.20 -62.24 42.60
N CYS A 89 9.95 -61.00 42.19
CA CYS A 89 9.20 -60.73 40.99
C CYS A 89 10.00 -60.87 39.72
N HIS A 90 9.29 -61.05 38.61
CA HIS A 90 9.92 -61.19 37.31
C HIS A 90 9.64 -59.93 36.54
N TYR A 91 10.70 -59.26 36.11
CA TYR A 91 10.62 -57.96 35.53
C TYR A 91 11.33 -57.95 34.22
N PHE A 92 11.00 -56.96 33.41
CA PHE A 92 11.70 -56.63 32.21
C PHE A 92 11.77 -55.14 32.17
N THR A 93 12.88 -54.61 31.67
CA THR A 93 13.03 -53.20 31.39
C THR A 93 13.37 -53.03 29.93
N CYS A 94 12.55 -52.28 29.24
CA CYS A 94 12.82 -51.94 27.87
C CYS A 94 12.98 -50.45 27.77
N ARG A 95 13.75 -49.99 26.80
CA ARG A 95 13.88 -48.56 26.57
C ARG A 95 12.89 -48.12 25.50
N TRP A 96 12.38 -46.91 25.68
CA TRP A 96 11.17 -46.46 25.02
C TRP A 96 11.28 -45.97 23.59
N PHE A 97 10.18 -46.19 22.88
CA PHE A 97 9.99 -45.70 21.53
C PHE A 97 8.95 -44.59 21.62
N PHE A 98 8.99 -43.67 20.66
CA PHE A 98 8.19 -42.46 20.76
C PHE A 98 7.30 -42.12 19.57
N ARG A 99 6.04 -41.86 19.85
CA ARG A 99 5.15 -41.31 18.84
C ARG A 99 5.14 -39.79 18.97
N ALA A 100 5.05 -39.11 17.84
CA ALA A 100 5.13 -37.66 17.79
C ALA A 100 4.22 -37.04 18.83
N GLU A 101 3.11 -37.72 19.09
CA GLU A 101 2.16 -37.23 20.07
C GLU A 101 2.57 -37.54 21.50
N ASP A 102 3.67 -38.26 21.71
CA ASP A 102 4.21 -38.43 23.07
C ASP A 102 5.38 -37.48 23.35
N THR A 103 5.76 -36.74 22.32
CA THR A 103 6.90 -35.85 22.39
C THR A 103 6.43 -34.57 23.07
N VAL A 104 7.25 -33.53 22.99
CA VAL A 104 6.87 -32.21 23.45
C VAL A 104 5.66 -31.70 22.67
N ILE A 105 5.49 -32.26 21.47
CA ILE A 105 4.62 -31.76 20.42
C ILE A 105 3.21 -32.38 20.39
N ASN A 106 2.85 -33.08 21.46
CA ASN A 106 1.57 -33.77 21.50
C ASN A 106 0.53 -32.85 20.91
N SER A 107 -0.39 -33.43 20.15
CA SER A 107 -1.53 -32.69 19.60
C SER A 107 -1.25 -31.87 18.35
N LEU A 108 0.03 -31.64 18.05
CA LEU A 108 0.38 -30.87 16.87
C LEU A 108 0.77 -31.73 15.68
N VAL A 109 0.62 -33.03 15.89
CA VAL A 109 0.69 -34.05 14.86
C VAL A 109 -0.41 -33.80 13.82
N SER A 110 -1.42 -33.07 14.27
CA SER A 110 -2.62 -32.77 13.49
C SER A 110 -2.28 -31.76 12.40
N ILE A 111 -1.04 -31.27 12.44
CA ILE A 111 -0.57 -30.28 11.48
C ILE A 111 -0.17 -30.90 10.14
N SER A 112 -0.38 -30.14 9.07
CA SER A 112 0.17 -30.47 7.78
C SER A 112 0.77 -29.20 7.18
N VAL A 113 2.00 -29.30 6.70
CA VAL A 113 2.60 -28.23 5.93
C VAL A 113 2.79 -28.72 4.52
N ASP A 114 2.08 -28.10 3.58
CA ASP A 114 2.08 -28.58 2.20
C ASP A 114 1.57 -30.01 2.19
N GLY A 115 2.31 -30.89 1.54
CA GLY A 115 1.94 -32.29 1.48
C GLY A 115 2.52 -33.09 2.62
N HIS A 116 3.18 -32.42 3.54
CA HIS A 116 3.84 -33.10 4.64
C HIS A 116 2.92 -33.31 5.79
N LYS A 117 2.77 -34.57 6.18
CA LYS A 117 1.91 -34.99 7.28
C LYS A 117 2.68 -35.93 8.15
N HIS A 118 2.29 -36.06 9.39
CA HIS A 118 3.04 -36.94 10.23
C HIS A 118 2.64 -38.37 9.99
N ASP A 119 3.62 -39.22 9.72
CA ASP A 119 3.34 -40.61 9.51
C ASP A 119 2.85 -41.08 10.83
N PRO A 120 1.73 -41.78 10.81
CA PRO A 120 1.06 -42.35 11.96
C PRO A 120 1.84 -43.49 12.56
N ARG A 121 2.43 -44.33 11.72
CA ARG A 121 3.37 -45.31 12.21
C ARG A 121 4.75 -44.79 11.83
N ARG A 122 5.38 -44.14 12.79
CA ARG A 122 6.76 -43.72 12.66
C ARG A 122 7.08 -43.47 14.11
N VAL A 123 8.35 -43.50 14.46
CA VAL A 123 8.69 -43.34 15.86
C VAL A 123 10.09 -42.81 16.06
N PHE A 124 10.33 -42.27 17.24
CA PHE A 124 11.60 -41.66 17.56
C PHE A 124 12.12 -42.34 18.81
N LEU A 125 13.38 -42.72 18.77
CA LEU A 125 13.87 -43.69 19.72
C LEU A 125 14.62 -42.99 20.85
N SER A 126 13.97 -42.92 22.00
CA SER A 126 14.58 -42.35 23.18
C SER A 126 15.56 -43.35 23.72
N GLU A 127 16.48 -42.90 24.56
CA GLU A 127 17.05 -43.82 25.52
C GLU A 127 16.35 -43.40 26.80
N GLU A 128 15.23 -44.05 27.06
CA GLU A 128 14.48 -43.84 28.28
C GLU A 128 13.91 -45.19 28.61
N LYS A 129 14.18 -45.66 29.83
CA LYS A 129 13.79 -47.01 30.18
C LYS A 129 13.13 -47.05 31.53
N ASN A 130 12.26 -48.03 31.70
CA ASN A 130 11.52 -48.21 32.93
C ASN A 130 11.27 -49.70 33.12
N ASP A 131 11.04 -50.11 34.35
CA ASP A 131 10.91 -51.53 34.67
C ASP A 131 9.47 -51.92 34.93
N ASN A 132 9.02 -53.01 34.33
CA ASN A 132 7.68 -53.52 34.59
C ASN A 132 7.65 -55.04 34.75
N VAL A 133 6.56 -55.55 35.32
CA VAL A 133 6.35 -56.99 35.38
C VAL A 133 6.00 -57.48 33.98
N LEU A 134 6.34 -58.73 33.68
CA LEU A 134 6.10 -59.27 32.35
C LEU A 134 4.62 -59.31 31.99
N ASP A 135 3.78 -59.25 33.01
CA ASP A 135 2.34 -59.24 32.79
C ASP A 135 2.04 -58.17 31.77
N CYS A 136 2.79 -57.07 31.82
CA CYS A 136 2.47 -56.05 30.84
C CYS A 136 3.43 -56.30 29.71
N ILE A 137 2.99 -57.22 28.86
CA ILE A 137 3.44 -57.29 27.50
C ILE A 137 2.27 -57.76 26.63
N ILE A 138 1.69 -56.83 25.90
CA ILE A 138 0.58 -57.17 25.03
C ILE A 138 1.04 -58.14 23.98
N SER A 139 1.89 -57.61 23.12
CA SER A 139 2.34 -58.27 21.93
C SER A 139 3.75 -57.78 21.71
N LYS A 140 4.39 -58.31 20.67
CA LYS A 140 5.70 -57.82 20.29
C LYS A 140 5.60 -57.35 18.86
N VAL A 141 6.22 -56.22 18.59
CA VAL A 141 6.06 -55.55 17.32
C VAL A 141 7.34 -55.60 16.51
N LYS A 142 7.19 -55.50 15.20
CA LYS A 142 8.33 -55.34 14.31
C LYS A 142 8.59 -53.85 14.12
N ILE A 143 9.67 -53.37 14.70
CA ILE A 143 10.06 -51.99 14.46
C ILE A 143 11.34 -51.96 13.69
N VAL A 144 11.20 -51.54 12.45
CA VAL A 144 12.28 -51.50 11.50
C VAL A 144 12.98 -50.15 11.55
N HIS A 145 14.29 -50.20 11.32
CA HIS A 145 15.09 -49.00 11.29
C HIS A 145 15.51 -48.56 9.89
N VAL A 146 15.29 -47.28 9.65
CA VAL A 146 15.61 -46.63 8.39
C VAL A 146 16.95 -45.91 8.46
N ASP A 147 17.22 -45.16 7.42
CA ASP A 147 18.50 -44.53 7.22
C ASP A 147 18.31 -43.63 6.01
N PRO A 148 18.84 -42.41 6.11
CA PRO A 148 18.55 -41.33 5.16
C PRO A 148 18.86 -41.77 3.75
N ASN A 149 20.07 -42.30 3.56
CA ASN A 149 20.50 -42.75 2.26
C ASN A 149 19.85 -44.07 1.95
N ASP A 151 16.96 -45.46 -1.54
CA ASP A 151 16.39 -45.17 -2.82
C ASP A 151 14.93 -45.51 -2.85
N PRO A 152 14.30 -45.15 -3.96
CA PRO A 152 12.89 -45.41 -4.05
C PRO A 152 12.75 -46.88 -3.83
N LYS A 153 11.93 -47.24 -2.86
CA LYS A 153 11.67 -48.62 -2.56
C LYS A 153 12.65 -49.23 -1.58
N ALA A 154 13.84 -48.65 -1.43
CA ALA A 154 14.75 -49.23 -0.46
C ALA A 154 13.97 -48.94 0.80
N LYS A 155 13.45 -47.72 0.82
CA LYS A 155 12.60 -47.19 1.84
C LYS A 155 11.27 -47.86 1.59
N ALA A 156 10.66 -47.58 0.43
CA ALA A 156 9.31 -48.09 0.14
C ALA A 156 9.16 -49.57 0.47
N GLN A 157 10.17 -50.38 0.16
CA GLN A 157 10.10 -51.76 0.62
C GLN A 157 9.88 -51.70 2.11
N LEU A 158 10.94 -51.30 2.79
CA LEU A 158 11.01 -51.45 4.23
C LEU A 158 9.69 -51.06 4.81
N ILE A 159 9.36 -49.79 4.62
CA ILE A 159 8.12 -49.22 5.12
C ILE A 159 6.92 -50.11 4.80
N GLU A 160 6.76 -50.49 3.53
CA GLU A 160 5.63 -51.34 3.15
C GLU A 160 5.75 -52.69 3.83
N SER A 161 6.97 -53.07 4.21
CA SER A 161 7.12 -54.26 5.01
C SER A 161 7.55 -53.92 6.42
N CYS A 162 6.59 -53.69 7.30
CA CYS A 162 6.96 -53.39 8.67
C CYS A 162 5.75 -52.92 9.42
N ASP A 163 5.80 -53.09 10.73
CA ASP A 163 4.74 -52.56 11.57
C ASP A 163 5.02 -51.09 11.76
N LEU A 164 6.28 -50.76 12.09
CA LEU A 164 6.69 -49.38 12.29
C LEU A 164 8.09 -49.16 11.73
N TYR A 165 8.58 -47.92 11.86
CA TYR A 165 9.97 -47.61 11.56
C TYR A 165 10.45 -46.45 12.43
N TYR A 166 11.76 -46.31 12.59
CA TYR A 166 12.30 -45.11 13.22
C TYR A 166 13.52 -44.56 12.48
N ASP A 167 13.46 -43.29 12.08
CA ASP A 167 14.62 -42.67 11.44
C ASP A 167 15.49 -41.87 12.37
N SER A 169 16.21 -40.35 16.73
CA SER A 169 16.00 -40.40 18.16
C SER A 169 15.40 -39.08 18.64
N TYR A 170 14.41 -39.18 19.51
CA TYR A 170 13.88 -38.02 20.17
C TYR A 170 14.30 -38.05 21.61
N SER A 171 15.05 -37.05 22.01
CA SER A 171 15.55 -36.88 23.35
C SER A 171 14.86 -35.66 23.82
N VAL A 172 14.52 -35.57 25.08
CA VAL A 172 13.76 -34.44 25.51
C VAL A 172 14.59 -33.30 25.98
N ALA A 173 15.90 -33.46 25.95
CA ALA A 173 16.74 -32.45 26.52
C ALA A 173 16.52 -31.18 25.80
N TYR A 174 16.54 -31.24 24.48
CA TYR A 174 16.35 -30.02 23.74
C TYR A 174 15.23 -30.22 22.77
N SER A 175 14.36 -31.15 23.06
CA SER A 175 13.33 -31.39 22.12
C SER A 175 14.11 -31.65 20.90
N THR A 176 15.04 -32.59 20.97
CA THR A 176 15.89 -32.89 19.85
C THR A 176 15.46 -34.13 19.13
N PHE A 177 15.17 -33.99 17.85
CA PHE A 177 14.92 -35.10 16.99
C PHE A 177 16.09 -35.13 16.06
N ALA A 178 16.93 -36.14 16.13
CA ALA A 178 18.10 -36.22 15.26
C ALA A 178 18.42 -37.60 14.74
N ASN A 179 19.32 -37.68 13.79
CA ASN A 179 19.60 -38.93 13.14
C ASN A 179 20.12 -39.90 14.13
N ILE A 180 19.88 -41.17 13.92
CA ILE A 180 20.35 -42.19 14.82
C ILE A 180 20.91 -43.23 13.93
N SER A 181 21.84 -44.04 14.40
CA SER A 181 22.39 -45.07 13.54
C SER A 181 21.77 -46.47 13.71
N SER A 182 21.28 -46.76 14.90
CA SER A 182 20.75 -48.10 15.18
C SER A 182 21.77 -48.95 15.94
N THR A 210 38.10 -21.08 0.16
CA THR A 210 37.30 -21.55 1.28
C THR A 210 35.90 -22.01 0.83
N ARG A 211 34.98 -22.20 1.78
CA ARG A 211 33.68 -22.74 1.44
C ARG A 211 32.52 -21.78 1.68
N THR A 212 31.57 -21.82 0.76
CA THR A 212 30.49 -20.84 0.71
C THR A 212 29.12 -21.50 0.80
N ALA A 213 28.27 -20.97 1.67
CA ALA A 213 26.88 -21.38 1.74
C ALA A 213 25.99 -20.14 1.71
N THR A 214 24.91 -20.21 0.94
CA THR A 214 24.00 -19.07 0.84
C THR A 214 23.11 -19.00 2.06
N LEU A 215 22.61 -17.80 2.37
CA LEU A 215 21.72 -17.61 3.50
C LEU A 215 20.52 -16.77 3.08
N LEU A 216 19.35 -17.12 3.61
CA LEU A 216 18.15 -16.31 3.42
C LEU A 216 17.65 -15.81 4.76
N ASP A 217 17.66 -14.48 4.94
CA ASP A 217 17.15 -13.89 6.16
C ASP A 217 15.77 -13.32 5.91
N LEU A 218 14.77 -13.88 6.59
CA LEU A 218 13.41 -13.38 6.50
C LEU A 218 13.09 -12.62 7.77
N TYR A 219 12.29 -11.57 7.66
CA TYR A 219 12.00 -10.75 8.82
C TYR A 219 13.34 -10.22 9.31
N SER A 220 14.17 -9.84 8.35
CA SER A 220 15.57 -9.56 8.58
C SER A 220 15.82 -8.34 9.46
N GLY A 221 14.98 -7.32 9.31
CA GLY A 221 15.24 -6.05 9.97
C GLY A 221 16.57 -5.51 9.48
N CYS A 222 17.43 -5.11 10.40
CA CYS A 222 18.76 -4.62 10.06
C CYS A 222 19.72 -5.80 9.79
N GLY A 223 19.27 -7.00 10.13
CA GLY A 223 20.05 -8.19 9.90
C GLY A 223 21.04 -8.53 11.01
N GLY A 224 20.72 -8.14 12.24
CA GLY A 224 21.58 -8.44 13.36
C GLY A 224 21.92 -9.92 13.43
N SER A 226 21.44 -12.15 11.09
CA SER A 226 22.03 -12.55 9.81
C SER A 226 23.53 -12.27 9.77
N THR A 227 23.90 -11.03 10.11
CA THR A 227 25.30 -10.65 10.14
C THR A 227 26.04 -11.50 11.15
N GLY A 228 25.56 -11.51 12.40
CA GLY A 228 26.22 -12.25 13.45
C GLY A 228 26.52 -13.68 13.03
N LEU A 229 25.50 -14.34 12.48
CA LEU A 229 25.66 -15.68 11.93
C LEU A 229 26.79 -15.70 10.92
N CYS A 230 26.75 -14.76 9.97
CA CYS A 230 27.79 -14.68 8.95
C CYS A 230 29.20 -14.51 9.55
N LEU A 231 29.25 -13.91 10.73
CA LEU A 231 30.52 -13.65 11.42
C LEU A 231 31.03 -14.92 12.09
N GLY A 232 30.13 -15.68 12.70
CA GLY A 232 30.50 -16.95 13.29
C GLY A 232 30.94 -17.95 12.23
N ALA A 233 30.26 -17.91 11.09
CA ALA A 233 30.58 -18.78 9.97
C ALA A 233 32.07 -18.72 9.65
N ALA A 234 32.64 -17.53 9.74
CA ALA A 234 34.07 -17.33 9.49
C ALA A 234 34.91 -18.10 10.52
N LEU A 235 34.53 -17.98 11.78
CA LEU A 235 35.21 -18.71 12.84
C LEU A 235 35.21 -20.19 12.51
N SER A 236 34.04 -20.73 12.20
CA SER A 236 33.96 -22.12 11.75
C SER A 236 34.79 -22.29 10.49
N GLY A 237 34.97 -21.20 9.74
CA GLY A 237 35.77 -21.24 8.54
C GLY A 237 34.93 -21.35 7.29
N LEU A 238 33.61 -21.31 7.47
CA LEU A 238 32.67 -21.39 6.36
C LEU A 238 32.34 -19.98 5.88
N LYS A 239 32.15 -19.80 4.59
CA LYS A 239 31.76 -18.48 4.11
C LYS A 239 30.26 -18.48 3.91
N LEU A 240 29.56 -17.88 4.85
CA LEU A 240 28.11 -17.84 4.82
C LEU A 240 27.75 -16.47 4.31
N GLU A 241 26.96 -16.41 3.25
CA GLU A 241 26.61 -15.13 2.71
C GLU A 241 25.14 -14.89 2.71
N THR A 242 24.70 -13.76 3.16
CA THR A 242 23.30 -13.47 3.15
C THR A 242 22.98 -13.01 1.79
N ARG A 243 22.81 -13.93 0.86
CA ARG A 243 22.49 -13.56 -0.48
C ARG A 243 21.11 -12.91 -0.59
N TRP A 244 20.20 -13.16 0.33
CA TRP A 244 18.91 -12.50 0.29
C TRP A 244 18.47 -12.08 1.66
N ALA A 245 17.72 -10.99 1.75
CA ALA A 245 17.15 -10.58 3.01
C ALA A 245 15.76 -10.07 2.67
N VAL A 246 14.78 -10.42 3.48
CA VAL A 246 13.43 -9.91 3.25
C VAL A 246 12.91 -9.22 4.48
N ASP A 247 12.54 -7.95 4.34
CA ASP A 247 11.81 -7.26 5.39
C ASP A 247 10.97 -6.19 4.70
N PHE A 248 9.80 -5.89 5.25
CA PHE A 248 8.85 -5.01 4.57
C PHE A 248 8.99 -3.54 4.99
N ASN A 249 9.88 -3.26 5.94
CA ASN A 249 10.13 -1.87 6.36
C ASN A 249 11.26 -1.28 5.55
N SER A 250 10.96 -0.17 4.89
CA SER A 250 11.94 0.51 4.06
C SER A 250 13.29 0.72 4.75
N PHE A 251 13.24 1.26 5.96
CA PHE A 251 14.46 1.69 6.65
C PHE A 251 15.34 0.53 7.11
N ALA A 252 14.74 -0.45 7.80
CA ALA A 252 15.48 -1.63 8.20
C ALA A 252 16.20 -2.17 6.98
N CYS A 253 15.45 -2.29 5.89
CA CYS A 253 15.98 -2.72 4.61
C CYS A 253 17.22 -1.93 4.22
N GLN A 254 17.11 -0.60 4.21
CA GLN A 254 18.25 0.20 3.73
C GLN A 254 19.49 0.13 4.64
N SER A 255 19.29 0.11 5.96
CA SER A 255 20.38 -0.17 6.88
C SER A 255 21.09 -1.37 6.32
N LEU A 256 20.34 -2.47 6.32
CA LEU A 256 20.86 -3.78 5.96
C LEU A 256 21.69 -3.62 4.71
N LYS A 257 21.03 -3.29 3.61
CA LYS A 257 21.71 -3.22 2.32
C LYS A 257 23.00 -2.44 2.40
N TYR A 258 22.96 -1.24 2.98
CA TYR A 258 24.19 -0.47 3.11
C TYR A 258 25.27 -1.32 3.72
N ASN A 259 24.95 -2.00 4.83
CA ASN A 259 25.94 -2.77 5.56
C ASN A 259 26.31 -4.12 4.94
N HIS A 260 25.50 -4.58 4.01
CA HIS A 260 25.82 -5.73 3.18
C HIS A 260 25.42 -5.37 1.77
N PRO A 261 26.24 -4.63 1.04
CA PRO A 261 25.82 -4.13 -0.24
C PRO A 261 25.51 -5.22 -1.21
N GLN A 262 26.31 -6.26 -1.26
CA GLN A 262 26.04 -7.31 -2.23
C GLN A 262 25.09 -8.36 -1.72
N THR A 263 23.86 -7.96 -1.44
CA THR A 263 22.88 -8.88 -0.94
C THR A 263 21.65 -8.44 -1.65
N GLU A 264 20.67 -9.31 -1.82
CA GLU A 264 19.46 -8.85 -2.44
C GLU A 264 18.49 -8.60 -1.36
N VAL A 265 18.25 -7.33 -1.13
CA VAL A 265 17.32 -6.85 -0.12
C VAL A 265 15.95 -6.62 -0.75
N ARG A 266 14.99 -7.40 -0.30
CA ARG A 266 13.62 -7.28 -0.77
C ARG A 266 12.80 -6.63 0.33
N ASN A 267 12.21 -5.48 -0.02
CA ASN A 267 11.30 -4.83 0.90
C ASN A 267 9.87 -5.11 0.47
N GLU A 268 9.25 -6.04 1.18
CA GLU A 268 7.91 -6.53 0.86
C GLU A 268 7.51 -7.49 1.97
N LYS A 269 6.39 -8.17 1.77
CA LYS A 269 5.91 -9.14 2.75
C LYS A 269 6.27 -10.57 2.38
N ALA A 270 6.47 -11.38 3.41
CA ALA A 270 6.74 -12.81 3.23
C ALA A 270 5.74 -13.43 2.26
N ASP A 271 4.47 -13.06 2.38
CA ASP A 271 3.45 -13.54 1.46
C ASP A 271 3.88 -13.28 0.01
N GLU A 272 3.94 -12.00 -0.32
CA GLU A 272 4.32 -11.53 -1.64
C GLU A 272 5.60 -12.21 -2.13
N PHE A 273 6.61 -12.23 -1.25
CA PHE A 273 7.88 -12.86 -1.57
C PHE A 273 7.68 -14.29 -2.03
N LEU A 274 6.94 -15.06 -1.28
CA LEU A 274 6.75 -16.42 -1.65
C LEU A 274 6.05 -16.54 -2.97
N ALA A 275 4.97 -15.81 -3.13
CA ALA A 275 4.21 -15.97 -4.33
C ALA A 275 5.11 -15.58 -5.44
N LEU A 276 5.86 -14.54 -5.19
CA LEU A 276 6.74 -14.07 -6.22
C LEU A 276 7.66 -15.20 -6.47
N LEU A 277 8.06 -15.85 -5.41
CA LEU A 277 9.05 -16.87 -5.57
C LEU A 277 8.56 -17.99 -6.44
N LYS A 278 7.32 -18.41 -6.28
CA LYS A 278 6.82 -19.53 -7.07
C LYS A 278 6.75 -19.23 -8.56
N GLU A 279 6.19 -18.09 -8.89
CA GLU A 279 6.03 -17.60 -10.25
C GLU A 279 7.37 -17.51 -10.98
N TRP A 280 8.36 -16.95 -10.28
CA TRP A 280 9.71 -16.85 -10.80
C TRP A 280 10.22 -18.20 -11.25
N ALA A 281 10.03 -19.22 -10.42
CA ALA A 281 10.39 -20.58 -10.82
C ALA A 281 9.77 -20.87 -12.18
N VAL A 282 8.47 -20.60 -12.28
CA VAL A 282 7.76 -20.81 -13.55
C VAL A 282 8.53 -20.20 -14.74
N LEU A 283 8.90 -18.93 -14.56
CA LEU A 283 9.59 -18.20 -15.62
C LEU A 283 10.89 -18.89 -15.99
N CYS A 284 11.73 -19.14 -15.00
CA CYS A 284 13.00 -19.81 -15.25
C CYS A 284 12.73 -21.03 -16.12
N LYS A 285 11.67 -21.76 -15.79
CA LYS A 285 11.24 -22.84 -16.67
C LYS A 285 11.19 -22.31 -18.10
N LYS A 286 10.31 -21.34 -18.34
CA LYS A 286 10.15 -20.81 -19.69
C LYS A 286 11.44 -20.32 -20.38
N TYR A 287 12.05 -19.27 -19.86
CA TYR A 287 13.14 -18.63 -20.56
C TYR A 287 14.52 -19.24 -20.49
N VAL A 288 14.78 -20.09 -19.52
CA VAL A 288 16.15 -20.51 -19.35
C VAL A 288 16.92 -21.33 -20.41
N GLN A 289 16.34 -22.39 -20.98
CA GLN A 289 17.13 -23.14 -21.97
C GLN A 289 16.34 -24.11 -22.85
N ASP A 290 16.36 -25.39 -22.52
CA ASP A 290 15.61 -26.32 -23.34
C ASP A 290 14.31 -25.59 -23.18
N VAL A 291 13.57 -25.41 -24.24
CA VAL A 291 12.37 -24.63 -24.09
C VAL A 291 11.59 -25.41 -23.07
N ASP A 292 11.00 -24.71 -22.12
CA ASP A 292 10.23 -25.38 -21.09
C ASP A 292 8.92 -24.63 -20.95
N GLU A 312 5.23 7.31 -28.16
CA GLU A 312 4.65 7.90 -26.97
C GLU A 312 5.59 7.73 -25.78
N PHE A 313 5.38 6.65 -25.03
CA PHE A 313 6.32 6.18 -24.03
C PHE A 313 6.86 4.87 -24.53
N VAL A 314 8.15 4.65 -24.33
CA VAL A 314 8.71 3.37 -24.69
C VAL A 314 9.55 2.80 -23.56
N VAL A 315 9.12 1.65 -23.06
CA VAL A 315 9.93 0.93 -22.11
C VAL A 315 11.27 0.59 -22.77
N GLU A 316 12.34 0.97 -22.10
CA GLU A 316 13.70 0.70 -22.55
C GLU A 316 14.25 -0.55 -21.84
N LYS A 317 14.31 -0.53 -20.51
CA LYS A 317 14.80 -1.69 -19.77
C LYS A 317 14.01 -2.03 -18.51
N LEU A 318 14.11 -3.30 -18.09
CA LEU A 318 13.44 -3.79 -16.89
C LEU A 318 14.45 -3.93 -15.75
N VAL A 319 14.29 -3.08 -14.72
CA VAL A 319 15.23 -3.06 -13.61
C VAL A 319 14.77 -3.86 -12.37
N GLY A 320 13.55 -4.38 -12.38
CA GLY A 320 13.03 -5.05 -11.20
C GLY A 320 11.83 -5.95 -11.41
N ILE A 321 11.52 -6.73 -10.37
CA ILE A 321 10.39 -7.67 -10.39
C ILE A 321 9.79 -7.83 -9.01
N CYS A 322 8.47 -7.95 -8.93
CA CYS A 322 7.83 -8.24 -7.65
C CYS A 322 6.41 -8.80 -7.82
N TYR A 323 5.80 -9.13 -6.69
CA TYR A 323 4.39 -9.49 -6.63
C TYR A 323 3.77 -8.33 -5.84
N GLY A 324 3.08 -7.43 -6.52
CA GLY A 324 2.84 -6.10 -5.96
C GLY A 324 2.13 -6.05 -4.62
N GLY A 325 2.78 -5.46 -3.62
CA GLY A 325 2.15 -5.27 -2.32
C GLY A 325 1.07 -4.19 -2.20
N SER A 326 1.45 -2.93 -2.45
CA SER A 326 0.51 -1.81 -2.43
C SER A 326 -0.06 -1.67 -3.82
N ASP A 327 0.64 -2.32 -4.73
CA ASP A 327 0.46 -2.22 -6.16
C ASP A 327 -0.70 -3.13 -6.40
N ARG A 328 -1.50 -3.32 -5.35
CA ARG A 328 -1.96 -4.62 -5.02
C ARG A 328 -3.07 -4.94 -5.96
N GLU A 329 -2.63 -5.48 -7.10
CA GLU A 329 -3.34 -6.43 -7.95
C GLU A 329 -2.85 -7.90 -8.02
N ASN A 330 -2.01 -8.31 -7.07
CA ASN A 330 -1.66 -9.71 -6.98
C ASN A 330 -1.30 -10.25 -8.36
N GLY A 331 -0.21 -9.73 -8.91
CA GLY A 331 0.29 -10.21 -10.17
C GLY A 331 1.72 -9.76 -10.25
N ILE A 332 2.53 -10.47 -11.01
CA ILE A 332 3.90 -10.06 -11.21
C ILE A 332 3.91 -8.69 -11.88
N TYR A 333 4.66 -7.77 -11.27
CA TYR A 333 4.92 -6.48 -11.88
C TYR A 333 6.42 -6.35 -12.10
N PHE A 334 6.79 -5.57 -13.10
CA PHE A 334 8.21 -5.35 -13.41
C PHE A 334 8.55 -3.86 -13.44
N LYS A 335 9.67 -3.49 -12.81
CA LYS A 335 10.10 -2.10 -12.80
C LYS A 335 10.43 -1.67 -14.22
N VAL A 336 10.04 -0.45 -14.58
CA VAL A 336 10.26 0.04 -15.94
C VAL A 336 11.09 1.32 -16.03
N GLN A 337 12.08 1.30 -16.92
CA GLN A 337 12.90 2.47 -17.21
C GLN A 337 12.66 2.80 -18.69
N TRP A 338 12.37 4.05 -18.98
CA TRP A 338 12.02 4.41 -20.34
C TRP A 338 12.76 5.64 -20.77
N GLU A 339 13.01 5.69 -22.06
CA GLU A 339 13.92 6.64 -22.65
C GLU A 339 13.62 8.03 -22.15
N GLY A 340 14.69 8.76 -21.84
CA GLY A 340 14.57 10.13 -21.36
C GLY A 340 14.19 10.28 -19.91
N TYR A 341 13.87 9.18 -19.23
CA TYR A 341 13.39 9.28 -17.85
C TYR A 341 14.33 8.69 -16.81
N GLY A 342 14.64 9.51 -15.80
CA GLY A 342 15.52 9.09 -14.73
C GLY A 342 14.90 7.97 -13.91
N PRO A 343 15.67 7.45 -12.94
CA PRO A 343 15.23 6.35 -12.09
C PRO A 343 14.01 6.78 -11.29
N GLU A 344 13.82 8.09 -11.24
CA GLU A 344 12.75 8.70 -10.46
C GLU A 344 11.41 8.64 -11.17
N GLU A 345 11.44 8.45 -12.48
CA GLU A 345 10.22 8.39 -13.26
C GLU A 345 9.78 6.95 -13.47
N ASP A 346 10.50 6.00 -12.91
CA ASP A 346 10.19 4.58 -13.14
C ASP A 346 8.91 4.16 -12.47
N THR A 347 8.33 3.07 -12.95
CA THR A 347 7.06 2.59 -12.42
C THR A 347 6.93 1.08 -12.52
N TRP A 348 6.00 0.49 -11.79
CA TRP A 348 5.79 -0.97 -11.82
C TRP A 348 4.63 -1.31 -12.70
N GLU A 349 4.85 -2.20 -13.64
CA GLU A 349 3.80 -2.55 -14.57
C GLU A 349 3.53 -4.03 -14.58
N PRO A 350 2.27 -4.38 -14.65
CA PRO A 350 1.87 -5.77 -14.62
C PRO A 350 2.48 -6.50 -15.79
N ILE A 351 2.80 -7.76 -15.59
CA ILE A 351 3.50 -8.51 -16.63
C ILE A 351 2.73 -8.52 -17.95
N ASP A 352 1.43 -8.79 -17.87
CA ASP A 352 0.58 -8.84 -19.05
C ASP A 352 0.56 -7.50 -19.78
N ASN A 353 0.59 -6.42 -19.01
CA ASN A 353 0.64 -5.07 -19.55
C ASN A 353 1.73 -4.99 -20.61
N LEU A 354 2.85 -5.63 -20.29
CA LEU A 354 3.99 -5.68 -21.19
C LEU A 354 3.56 -6.33 -22.50
N SER A 355 4.12 -5.85 -23.59
CA SER A 355 3.82 -6.42 -24.89
C SER A 355 4.62 -7.69 -25.03
N ASP A 356 4.68 -8.20 -26.26
CA ASP A 356 5.30 -9.48 -26.53
C ASP A 356 6.76 -9.45 -26.16
N CYS A 357 7.26 -8.30 -25.72
CA CYS A 357 8.68 -8.06 -25.81
C CYS A 357 9.37 -9.22 -25.15
N PRO A 358 9.95 -10.10 -25.98
CA PRO A 358 10.72 -11.16 -25.35
C PRO A 358 11.98 -10.52 -24.83
N GLN A 359 12.72 -9.87 -25.71
CA GLN A 359 14.11 -9.54 -25.41
C GLN A 359 14.21 -8.92 -24.03
N LYS A 360 13.26 -8.04 -23.71
CA LYS A 360 13.20 -7.43 -22.40
C LYS A 360 13.03 -8.46 -21.29
N ILE A 361 11.99 -9.29 -21.36
CA ILE A 361 11.74 -10.30 -20.34
C ILE A 361 12.70 -11.50 -20.40
N ARG A 362 12.78 -12.14 -21.56
CA ARG A 362 13.72 -13.23 -21.78
C ARG A 362 15.10 -12.83 -21.27
N GLU A 363 15.57 -11.65 -21.66
CA GLU A 363 16.87 -11.18 -21.18
C GLU A 363 16.83 -10.94 -19.68
N PHE A 364 15.78 -10.29 -19.19
CA PHE A 364 15.71 -9.92 -17.79
C PHE A 364 15.84 -11.15 -16.91
N VAL A 365 15.00 -12.14 -17.18
CA VAL A 365 15.03 -13.40 -16.46
C VAL A 365 16.36 -14.10 -16.68
N GLN A 366 16.72 -14.38 -17.92
CA GLN A 366 17.93 -15.17 -18.15
C GLN A 366 19.05 -14.57 -17.30
N GLU A 367 19.30 -13.30 -17.50
CA GLU A 367 20.38 -12.61 -16.82
C GLU A 367 20.18 -12.54 -15.30
N GLY A 368 18.94 -12.53 -14.86
CA GLY A 368 18.64 -12.55 -13.44
C GLY A 368 19.03 -13.89 -12.83
N HIS A 369 18.51 -14.95 -13.43
CA HIS A 369 18.81 -16.32 -13.06
C HIS A 369 20.31 -16.49 -12.92
N LYS A 370 21.05 -16.05 -13.93
CA LYS A 370 22.50 -16.16 -13.87
C LYS A 370 23.01 -15.56 -12.56
N ARG A 371 22.46 -14.41 -12.20
CA ARG A 371 22.88 -13.69 -11.01
C ARG A 371 22.23 -14.21 -9.73
N LYS A 372 21.34 -15.19 -9.87
CA LYS A 372 20.63 -15.72 -8.71
C LYS A 372 20.09 -14.57 -7.89
N ILE A 373 19.42 -13.63 -8.56
CA ILE A 373 18.86 -12.46 -7.92
C ILE A 373 17.78 -12.89 -6.96
N LEU A 374 17.30 -14.12 -7.18
CA LEU A 374 16.22 -14.71 -6.44
C LEU A 374 16.44 -16.21 -6.24
N PRO A 375 16.06 -16.74 -5.07
CA PRO A 375 16.27 -18.15 -4.75
C PRO A 375 15.38 -19.11 -5.54
N LEU A 376 15.95 -20.29 -5.78
CA LEU A 376 15.26 -21.47 -6.24
C LEU A 376 15.41 -22.48 -5.12
N PRO A 377 14.52 -23.47 -5.07
CA PRO A 377 14.70 -24.46 -4.00
C PRO A 377 16.15 -24.98 -3.88
N GLY A 378 16.77 -25.37 -4.99
CA GLY A 378 18.10 -25.96 -4.94
C GLY A 378 19.05 -25.10 -4.13
N ASP A 379 19.00 -23.79 -4.35
CA ASP A 379 19.98 -22.93 -3.72
C ASP A 379 19.37 -22.07 -2.64
N VAL A 380 19.38 -22.59 -1.42
CA VAL A 380 19.49 -21.82 -0.19
C VAL A 380 20.10 -22.82 0.80
N ASP A 381 21.22 -22.48 1.42
CA ASP A 381 21.87 -23.43 2.34
C ASP A 381 21.67 -23.15 3.85
N VAL A 382 21.03 -22.05 4.15
CA VAL A 382 20.60 -21.75 5.50
C VAL A 382 19.46 -20.77 5.38
N ILE A 383 18.57 -20.77 6.35
CA ILE A 383 17.65 -19.65 6.44
C ILE A 383 17.23 -19.40 7.87
N CYS A 384 17.20 -18.12 8.24
CA CYS A 384 16.84 -17.70 9.58
C CYS A 384 15.58 -16.86 9.49
N GLY A 385 14.85 -16.78 10.59
CA GLY A 385 13.71 -15.90 10.63
C GLY A 385 13.39 -15.41 12.03
N GLY A 386 12.83 -14.21 12.06
CA GLY A 386 12.40 -13.56 13.27
C GLY A 386 10.90 -13.45 13.42
N PRO A 387 10.13 -14.31 12.73
CA PRO A 387 8.74 -13.90 12.51
C PRO A 387 8.09 -13.46 13.80
N PRO A 388 7.51 -12.26 13.78
CA PRO A 388 7.03 -11.61 15.00
C PRO A 388 5.84 -12.34 15.61
N CYS A 389 4.88 -12.71 14.78
CA CYS A 389 3.64 -13.32 15.25
C CYS A 389 3.28 -12.65 16.58
N GLN A 390 3.04 -11.35 16.56
CA GLN A 390 2.86 -10.53 17.75
C GLN A 390 1.74 -11.23 18.49
N GLY A 391 1.65 -11.13 19.81
CA GLY A 391 0.41 -11.65 20.36
C GLY A 391 0.37 -12.71 21.45
N LYS A 406 -5.32 -20.74 19.03
CA LYS A 406 -5.28 -21.12 17.63
C LYS A 406 -4.61 -20.04 16.78
N ASP A 407 -5.25 -19.63 15.69
CA ASP A 407 -4.64 -18.60 14.87
C ASP A 407 -5.32 -17.24 14.87
N GLU A 408 -4.56 -16.24 15.25
CA GLU A 408 -4.91 -14.85 15.10
C GLU A 408 -3.65 -14.30 14.49
N LYS A 409 -3.71 -13.81 13.27
CA LYS A 409 -2.48 -13.29 12.72
C LYS A 409 -1.60 -14.46 13.05
N ASN A 410 -0.31 -14.23 13.25
CA ASN A 410 0.67 -15.29 13.55
C ASN A 410 0.84 -16.09 12.29
N LYS A 411 0.12 -15.64 11.31
CA LYS A 411 0.14 -16.31 10.07
C LYS A 411 1.56 -16.08 9.69
N GLN A 412 2.19 -15.12 10.34
CA GLN A 412 3.57 -14.85 10.01
C GLN A 412 4.45 -16.02 10.37
N VAL A 414 3.41 -18.93 10.60
CA VAL A 414 3.06 -19.99 9.69
C VAL A 414 3.72 -19.86 8.34
N THR A 415 3.82 -18.65 7.84
CA THR A 415 4.38 -18.40 6.53
C THR A 415 5.83 -18.76 6.50
N PHE A 416 6.49 -18.45 7.59
CA PHE A 416 7.90 -18.78 7.69
C PHE A 416 8.07 -20.21 7.24
N ASP A 418 6.05 -22.02 5.59
CA ASP A 418 5.62 -22.22 4.20
C ASP A 418 6.80 -21.98 3.26
N ILE A 419 7.48 -20.87 3.45
CA ILE A 419 8.67 -20.54 2.67
C ILE A 419 9.73 -21.63 2.83
N VAL A 420 10.02 -22.00 4.08
CA VAL A 420 10.95 -23.09 4.33
C VAL A 420 10.55 -24.33 3.55
N ALA A 421 9.29 -24.71 3.69
CA ALA A 421 8.74 -25.86 3.00
C ALA A 421 9.06 -25.80 1.52
N TYR A 422 8.91 -24.62 0.94
CA TYR A 422 9.22 -24.43 -0.48
C TYR A 422 10.70 -24.65 -0.79
N LEU A 423 11.58 -23.97 -0.04
CA LEU A 423 12.98 -23.89 -0.43
C LEU A 423 13.93 -25.00 0.06
N LYS A 424 13.49 -25.81 1.01
CA LYS A 424 14.32 -26.90 1.53
C LYS A 424 15.76 -26.49 1.83
N PRO A 425 15.93 -25.51 2.72
CA PRO A 425 17.30 -25.14 3.11
C PRO A 425 17.97 -26.30 3.82
N LYS A 426 19.29 -26.35 3.75
CA LYS A 426 20.06 -27.39 4.42
C LYS A 426 19.96 -27.24 5.93
N TYR A 427 19.77 -26.00 6.37
CA TYR A 427 19.50 -25.66 7.76
C TYR A 427 18.36 -24.66 7.90
N VAL A 428 17.82 -24.60 9.10
CA VAL A 428 16.85 -23.58 9.45
C VAL A 428 17.18 -23.07 10.84
N LEU A 429 17.01 -21.78 11.05
CA LEU A 429 17.13 -21.22 12.39
C LEU A 429 15.96 -20.27 12.63
N GLU A 431 14.43 -17.45 15.51
CA GLU A 431 14.43 -16.66 16.73
C GLU A 431 13.00 -16.24 17.06
N ASN A 432 12.64 -16.30 18.33
CA ASN A 432 11.37 -15.74 18.77
C ASN A 432 11.39 -15.45 20.26
N VAL A 433 10.47 -14.61 20.72
CA VAL A 433 10.36 -14.31 22.13
C VAL A 433 10.02 -15.60 22.89
N VAL A 434 10.44 -15.67 24.15
CA VAL A 434 10.25 -16.86 24.96
C VAL A 434 8.80 -17.31 25.07
N ASP A 435 7.88 -16.37 24.94
CA ASP A 435 6.45 -16.63 25.14
C ASP A 435 5.89 -17.68 24.19
N ILE A 436 6.56 -17.90 23.08
CA ILE A 436 6.07 -18.85 22.11
C ILE A 436 5.64 -20.07 22.91
N LEU A 437 6.48 -20.43 23.88
CA LEU A 437 6.30 -21.62 24.69
C LEU A 437 5.26 -21.43 25.79
N LYS A 438 5.10 -20.19 26.25
CA LYS A 438 4.17 -19.88 27.34
C LYS A 438 2.72 -19.76 26.89
N PHE A 439 2.51 -19.25 25.68
CA PHE A 439 1.26 -18.61 25.32
C PHE A 439 0.04 -19.47 25.56
N ALA A 440 -0.22 -20.41 24.67
CA ALA A 440 -0.94 -21.56 25.12
C ALA A 440 0.06 -22.66 24.91
N ASP A 441 0.79 -22.97 25.96
CA ASP A 441 1.60 -24.16 25.98
C ASP A 441 2.18 -24.29 24.58
N GLY A 442 2.99 -23.29 24.23
CA GLY A 442 3.78 -23.31 23.02
C GLY A 442 3.01 -23.82 21.82
N TYR A 443 1.76 -23.40 21.67
CA TYR A 443 1.03 -23.78 20.47
C TYR A 443 2.01 -23.49 19.35
N LEU A 444 2.37 -22.21 19.26
CA LEU A 444 3.33 -21.72 18.28
C LEU A 444 4.63 -22.54 18.25
N GLY A 445 5.26 -22.70 19.42
CA GLY A 445 6.55 -23.37 19.49
C GLY A 445 6.47 -24.79 18.99
N LYS A 446 5.49 -25.54 19.48
CA LYS A 446 5.28 -26.91 19.06
C LYS A 446 4.83 -26.99 17.61
N TYR A 447 4.31 -25.89 17.10
CA TYR A 447 3.84 -25.83 15.71
C TYR A 447 5.07 -25.74 14.83
N ALA A 448 6.00 -24.89 15.22
CA ALA A 448 7.26 -24.75 14.50
C ALA A 448 8.01 -26.07 14.53
N LEU A 449 8.16 -26.63 15.72
CA LEU A 449 8.86 -27.90 15.90
C LEU A 449 8.21 -29.00 15.04
N SER A 450 6.91 -29.16 15.22
CA SER A 450 6.12 -30.14 14.49
C SER A 450 6.26 -30.00 12.99
N CYS A 451 6.16 -28.77 12.50
CA CYS A 451 6.32 -28.51 11.07
C CYS A 451 7.70 -28.94 10.62
N LEU A 452 8.70 -28.59 11.41
CA LEU A 452 10.07 -28.99 11.14
C LEU A 452 10.14 -30.49 10.90
N VAL A 453 9.80 -31.28 11.92
CA VAL A 453 9.91 -32.73 11.81
C VAL A 453 9.03 -33.33 10.72
N ALA A 454 7.83 -32.77 10.52
CA ALA A 454 6.91 -33.27 9.51
C ALA A 454 7.61 -33.34 8.15
N LYS A 456 10.69 -34.02 7.73
CA LYS A 456 11.88 -34.84 7.91
C LYS A 456 13.11 -33.94 8.00
N TYR A 457 13.12 -33.12 9.05
CA TYR A 457 14.18 -32.17 9.27
C TYR A 457 14.69 -32.36 10.70
N GLN A 458 15.98 -32.64 10.86
CA GLN A 458 16.54 -32.71 12.19
C GLN A 458 16.22 -31.41 12.88
N ALA A 459 15.72 -31.49 14.11
CA ALA A 459 15.33 -30.29 14.83
C ALA A 459 15.69 -30.36 16.30
N ARG A 460 15.87 -29.22 16.90
CA ARG A 460 15.93 -29.10 18.33
C ARG A 460 15.76 -27.63 18.61
N LEU A 461 15.38 -27.27 19.82
CA LEU A 461 15.37 -25.86 20.18
C LEU A 461 15.65 -25.64 21.62
N GLY A 462 16.32 -24.55 21.91
CA GLY A 462 16.70 -24.20 23.27
C GLY A 462 16.73 -22.70 23.40
N VAL A 465 20.29 -16.69 26.62
CA VAL A 465 20.32 -15.37 27.22
C VAL A 465 21.40 -14.55 26.54
N ALA A 466 21.06 -13.32 26.15
CA ALA A 466 22.03 -12.45 25.49
C ALA A 466 23.23 -12.16 26.38
N GLY A 467 22.96 -11.87 27.65
CA GLY A 467 24.00 -11.51 28.59
C GLY A 467 25.15 -12.50 28.68
N CYS A 468 24.81 -13.79 28.72
CA CYS A 468 25.80 -14.85 28.88
C CYS A 468 26.88 -14.78 27.81
N TYR A 469 26.53 -14.14 26.70
CA TYR A 469 27.41 -13.99 25.56
C TYR A 469 28.18 -12.66 25.55
N GLY A 470 28.15 -11.98 26.70
CA GLY A 470 28.80 -10.70 26.89
C GLY A 470 28.08 -9.43 26.47
N LEU A 471 26.84 -9.28 26.91
CA LEU A 471 26.11 -8.02 26.80
C LEU A 471 25.61 -7.53 28.17
N PRO A 472 25.58 -6.21 28.36
CA PRO A 472 25.03 -5.63 29.58
C PRO A 472 23.51 -5.71 29.61
N GLN A 473 22.96 -6.89 29.36
CA GLN A 473 21.53 -7.12 29.50
C GLN A 473 21.20 -8.60 29.65
N PHE A 474 20.03 -8.88 30.20
CA PHE A 474 19.54 -10.25 30.27
C PHE A 474 18.39 -10.35 29.28
N ARG A 475 18.65 -10.98 28.14
CA ARG A 475 17.65 -11.08 27.09
C ARG A 475 17.52 -12.54 26.72
N ARG A 477 15.72 -15.55 24.68
CA ARG A 477 14.85 -15.87 23.55
C ARG A 477 15.05 -17.29 23.07
N VAL A 478 14.23 -17.70 22.11
CA VAL A 478 14.14 -19.09 21.71
C VAL A 478 14.63 -19.27 20.28
N PHE A 479 15.52 -20.25 20.12
CA PHE A 479 16.09 -20.57 18.81
C PHE A 479 15.81 -22.01 18.43
N LEU A 480 15.35 -22.18 17.20
CA LEU A 480 14.92 -23.45 16.65
C LEU A 480 15.89 -23.85 15.53
N TRP A 481 16.56 -24.98 15.72
CA TRP A 481 17.48 -25.53 14.71
C TRP A 481 16.83 -26.61 13.87
N GLY A 482 16.80 -26.36 12.56
CA GLY A 482 16.14 -27.19 11.58
C GLY A 482 16.99 -28.07 10.65
N ALA A 483 18.20 -28.45 11.03
CA ALA A 483 19.11 -29.13 10.11
C ALA A 483 18.50 -30.32 9.37
N LEU A 484 18.89 -30.48 8.10
CA LEU A 484 18.39 -31.57 7.24
C LEU A 484 18.88 -32.95 7.68
N SER A 485 18.19 -33.99 7.23
CA SER A 485 18.57 -35.37 7.54
C SER A 485 19.98 -35.65 7.04
N SER A 486 20.34 -35.04 5.92
CA SER A 486 21.61 -35.31 5.25
C SER A 486 22.76 -34.57 5.92
N VAL A 488 24.54 -32.50 9.53
CA VAL A 488 24.66 -32.54 10.97
C VAL A 488 23.72 -31.51 11.58
N LEU A 489 23.32 -31.73 12.83
CA LEU A 489 22.44 -30.81 13.53
C LEU A 489 23.24 -29.92 14.50
N PRO A 490 23.32 -28.61 14.21
CA PRO A 490 24.14 -27.71 15.04
C PRO A 490 23.64 -27.71 16.46
N LYS A 491 24.58 -27.65 17.39
CA LYS A 491 24.28 -27.62 18.80
C LYS A 491 24.02 -26.18 19.19
N TYR A 492 23.96 -25.93 20.50
CA TYR A 492 23.89 -24.56 20.99
C TYR A 492 25.15 -24.31 21.80
N PRO A 493 25.70 -23.09 21.69
CA PRO A 493 26.89 -22.70 22.43
C PRO A 493 26.58 -22.40 23.90
N LEU A 494 27.47 -22.79 24.80
CA LEU A 494 27.32 -22.50 26.21
C LEU A 494 27.79 -21.06 26.51
N PRO A 495 27.20 -20.44 27.53
CA PRO A 495 27.44 -19.04 27.93
C PRO A 495 28.91 -18.69 28.07
N THR A 496 29.30 -17.53 27.55
CA THR A 496 30.66 -17.04 27.70
C THR A 496 30.79 -16.10 28.90
N TYR A 497 29.68 -15.82 29.57
CA TYR A 497 29.71 -14.90 30.71
C TYR A 497 29.01 -15.44 31.96
N ASP A 498 29.33 -14.86 33.11
CA ASP A 498 28.91 -15.39 34.40
C ASP A 498 27.55 -14.88 34.86
N VAL A 499 26.86 -14.18 33.96
CA VAL A 499 25.51 -13.70 34.28
C VAL A 499 24.73 -14.84 34.87
N VAL A 500 24.01 -14.56 35.95
CA VAL A 500 23.24 -15.58 36.64
C VAL A 500 21.89 -15.71 35.94
N VAL A 501 21.61 -16.90 35.42
CA VAL A 501 20.34 -17.13 34.76
C VAL A 501 19.45 -18.01 35.63
N ARG A 502 18.28 -17.47 35.97
CA ARG A 502 17.27 -18.23 36.67
C ARG A 502 16.17 -18.43 35.67
N GLY A 503 16.05 -19.65 35.15
CA GLY A 503 15.17 -19.81 34.02
C GLY A 503 13.73 -19.58 34.38
N GLY A 504 13.13 -18.58 33.75
CA GLY A 504 11.70 -18.66 33.54
C GLY A 504 11.87 -19.82 32.58
N ALA A 505 11.37 -20.98 32.98
CA ALA A 505 11.73 -22.18 32.27
C ALA A 505 10.45 -22.95 32.24
N PRO A 506 9.55 -22.58 31.29
CA PRO A 506 8.12 -22.87 31.33
C PRO A 506 8.03 -24.33 31.63
N ASN A 507 6.87 -24.97 31.54
CA ASN A 507 6.95 -26.38 31.83
C ASN A 507 7.56 -27.08 30.64
N ALA A 508 6.76 -27.32 29.62
CA ALA A 508 7.06 -28.35 28.65
C ALA A 508 8.48 -28.18 28.19
N PHE A 509 8.90 -26.93 28.13
CA PHE A 509 10.21 -26.55 27.65
C PHE A 509 11.25 -26.29 28.74
N SER A 510 10.97 -26.72 29.96
CA SER A 510 11.83 -26.43 31.09
C SER A 510 13.23 -26.93 30.85
N GLN A 511 13.35 -28.02 30.13
CA GLN A 511 14.65 -28.58 29.85
C GLN A 511 15.29 -28.10 28.58
N CYS A 512 14.64 -27.17 27.90
CA CYS A 512 15.28 -26.59 26.75
C CYS A 512 15.85 -25.26 27.18
N VAL A 514 20.04 -23.18 27.66
CA VAL A 514 21.49 -23.32 27.58
C VAL A 514 22.11 -22.71 28.83
N ALA A 515 22.79 -23.54 29.60
CA ALA A 515 23.45 -23.08 30.80
C ALA A 515 24.39 -24.16 31.32
N TYR A 516 25.04 -23.85 32.42
CA TYR A 516 25.87 -24.81 33.12
C TYR A 516 25.11 -25.16 34.38
N ASP A 517 24.82 -26.44 34.55
CA ASP A 517 24.04 -26.92 35.68
C ASP A 517 24.68 -26.72 37.03
N GLU A 518 25.96 -27.03 37.11
CA GLU A 518 26.72 -26.90 38.32
C GLU A 518 28.03 -27.57 38.08
N THR A 519 28.61 -27.17 36.96
CA THR A 519 29.93 -27.54 36.59
C THR A 519 30.57 -26.17 36.68
N GLN A 520 31.71 -26.08 37.32
CA GLN A 520 32.28 -24.79 37.59
C GLN A 520 32.95 -24.29 36.35
N LYS A 521 32.17 -24.23 35.29
CA LYS A 521 32.75 -23.73 34.10
C LYS A 521 33.25 -22.51 34.75
N PRO A 522 34.43 -22.07 34.36
CA PRO A 522 34.95 -20.81 34.87
C PRO A 522 34.96 -19.85 33.71
N SER A 523 34.11 -18.84 33.81
CA SER A 523 34.04 -17.84 32.79
C SER A 523 33.99 -16.55 33.56
N LEU A 524 35.08 -16.15 34.20
CA LEU A 524 34.92 -15.07 35.16
C LEU A 524 34.21 -14.08 34.29
N LYS A 525 34.71 -13.91 33.12
CA LYS A 525 33.92 -13.13 32.21
C LYS A 525 33.04 -12.31 33.09
N LYS A 526 33.69 -11.40 33.80
CA LYS A 526 33.00 -10.58 34.75
C LYS A 526 31.83 -10.07 33.97
N ALA A 527 30.64 -10.25 34.52
CA ALA A 527 29.43 -9.90 33.80
C ALA A 527 29.61 -8.47 33.34
N LEU A 528 29.23 -8.20 32.09
CA LEU A 528 29.34 -6.85 31.56
C LEU A 528 28.35 -5.95 32.25
N LEU A 529 28.74 -4.69 32.43
CA LEU A 529 27.83 -3.68 32.96
C LEU A 529 27.87 -2.46 32.04
N LEU A 530 26.88 -1.59 32.18
CA LEU A 530 26.74 -0.45 31.28
C LEU A 530 28.03 0.34 31.11
N GLY A 531 28.69 0.64 32.22
CA GLY A 531 29.92 1.40 32.18
C GLY A 531 30.85 0.83 31.13
N ASP A 532 31.02 -0.49 31.16
CA ASP A 532 31.89 -1.16 30.21
C ASP A 532 31.44 -0.95 28.78
N ALA A 533 30.12 -0.95 28.56
CA ALA A 533 29.59 -0.86 27.21
C ALA A 533 29.76 0.52 26.56
N ILE A 534 29.23 1.56 27.21
CA ILE A 534 29.23 2.89 26.62
C ILE A 534 30.32 3.86 27.11
N SER A 535 31.24 3.38 27.95
CA SER A 535 32.20 4.27 28.65
C SER A 535 32.98 5.24 27.75
N ASP A 536 33.50 4.80 26.61
CA ASP A 536 34.22 5.76 25.76
C ASP A 536 33.21 6.33 24.78
N LEU A 537 32.72 7.52 25.11
CA LEU A 537 31.54 8.07 24.43
C LEU A 537 31.47 9.58 24.31
N PRO A 538 32.00 10.16 23.23
CA PRO A 538 32.03 11.62 23.30
C PRO A 538 30.73 12.19 23.86
N LYS A 539 30.84 13.16 24.77
CA LYS A 539 29.67 13.81 25.34
C LYS A 539 28.78 14.36 24.24
N VAL A 540 27.47 14.25 24.42
CA VAL A 540 26.50 14.73 23.44
C VAL A 540 25.23 15.13 24.16
N GLN A 541 24.50 16.07 23.58
CA GLN A 541 23.31 16.59 24.23
C GLN A 541 22.04 16.22 23.48
N ASN A 542 20.93 16.75 23.98
CA ASN A 542 19.59 16.36 23.52
C ASN A 542 19.36 16.58 22.04
N HIS A 543 20.03 17.57 21.46
CA HIS A 543 19.95 17.79 20.01
C HIS A 543 21.30 17.61 19.27
N GLN A 544 21.35 16.54 18.48
CA GLN A 544 22.57 16.10 17.80
C GLN A 544 22.23 15.54 16.41
N PRO A 545 22.12 16.41 15.41
CA PRO A 545 21.64 15.84 14.17
C PRO A 545 22.76 15.35 13.26
N ASN A 546 23.75 14.66 13.80
CA ASN A 546 24.89 14.25 12.99
C ASN A 546 25.03 12.76 13.04
N ASP A 547 24.78 12.09 11.92
CA ASP A 547 25.01 10.68 11.86
C ASP A 547 26.42 10.45 12.39
N VAL A 548 27.38 10.93 11.62
CA VAL A 548 28.77 10.60 11.85
C VAL A 548 29.51 11.74 12.53
N GLU A 550 32.97 12.13 15.51
CA GLU A 550 34.23 11.48 15.81
C GLU A 550 34.24 11.02 17.26
N TYR A 551 34.95 9.92 17.54
CA TYR A 551 35.12 9.48 18.92
C TYR A 551 35.91 10.51 19.71
N GLY A 552 37.06 10.87 19.17
CA GLY A 552 37.98 11.74 19.88
C GLY A 552 38.37 11.11 21.20
N GLY A 553 38.54 9.79 21.19
CA GLY A 553 38.92 9.04 22.36
C GLY A 553 39.29 7.60 22.02
N SER A 554 40.10 6.99 22.88
CA SER A 554 40.50 5.60 22.69
C SER A 554 39.56 4.63 23.39
N PRO A 555 39.26 3.48 22.75
CA PRO A 555 38.35 2.53 23.39
C PRO A 555 39.01 2.09 24.70
N LYS A 556 38.29 2.29 25.81
CA LYS A 556 38.89 2.14 27.14
C LYS A 556 38.59 0.87 27.94
N THR A 557 37.87 -0.07 27.35
CA THR A 557 37.62 -1.33 28.03
C THR A 557 37.71 -2.47 27.04
N GLU A 558 38.01 -3.66 27.56
CA GLU A 558 38.13 -4.84 26.73
C GLU A 558 36.96 -4.88 25.76
N PHE A 559 35.75 -4.73 26.29
CA PHE A 559 34.57 -4.68 25.45
C PHE A 559 34.71 -3.61 24.39
N GLN A 560 34.69 -2.35 24.81
CA GLN A 560 34.71 -1.22 23.89
C GLN A 560 35.80 -1.36 22.83
N ARG A 561 36.96 -1.83 23.25
CA ARG A 561 38.05 -2.06 22.32
C ARG A 561 37.61 -3.08 21.29
N TYR A 562 36.85 -4.07 21.74
CA TYR A 562 36.31 -5.08 20.83
C TYR A 562 35.19 -4.55 19.92
N ILE A 563 34.38 -3.64 20.44
CA ILE A 563 33.17 -3.22 19.73
C ILE A 563 33.51 -2.40 18.50
N ARG A 564 34.59 -1.63 18.56
CA ARG A 564 35.01 -0.93 17.35
C ARG A 564 36.18 -1.69 16.75
N LEU A 565 35.88 -2.39 15.66
CA LEU A 565 36.87 -3.15 14.93
C LEU A 565 36.50 -3.11 13.46
N SER A 566 37.52 -3.05 12.62
CA SER A 566 37.31 -3.03 11.19
C SER A 566 36.50 -4.26 10.79
N ARG A 567 35.70 -4.11 9.74
CA ARG A 567 34.99 -5.24 9.18
C ARG A 567 36.00 -6.33 8.92
N LYS A 568 37.22 -5.92 8.58
CA LYS A 568 38.31 -6.86 8.31
C LYS A 568 38.65 -7.71 9.52
N ASP A 569 38.75 -7.08 10.70
CA ASP A 569 39.12 -7.78 11.92
C ASP A 569 37.97 -8.60 12.49
N LEU A 571 35.69 -9.72 10.31
CA LEU A 571 35.32 -10.52 9.15
C LEU A 571 33.91 -10.24 8.63
N ASP A 572 33.49 -8.97 8.65
CA ASP A 572 32.21 -8.61 8.04
C ASP A 572 32.31 -8.90 6.54
N TRP A 573 33.49 -8.66 5.97
CA TRP A 573 33.87 -9.32 4.73
C TRP A 573 32.97 -8.96 3.56
N SER A 574 31.86 -8.30 3.87
CA SER A 574 30.84 -8.03 2.87
C SER A 574 31.48 -7.35 1.68
N PHE A 575 32.39 -6.44 1.98
CA PHE A 575 33.23 -5.79 0.99
C PHE A 575 34.37 -6.69 0.52
N GLY A 576 34.99 -6.32 -0.59
CA GLY A 576 35.75 -7.23 -1.43
C GLY A 576 37.16 -7.51 -0.97
N GLU A 577 37.38 -7.46 0.34
CA GLU A 577 38.71 -7.56 0.93
C GLU A 577 39.28 -6.16 1.06
N GLY A 578 38.54 -5.20 0.51
CA GLY A 578 38.84 -3.80 0.70
C GLY A 578 38.21 -3.32 1.99
N ALA A 579 38.64 -2.15 2.45
CA ALA A 579 38.08 -1.56 3.66
C ALA A 579 36.62 -1.19 3.43
N GLY A 580 35.84 -1.17 4.50
CA GLY A 580 34.46 -0.76 4.42
C GLY A 580 34.37 0.76 4.46
N PRO A 581 33.19 1.30 4.17
CA PRO A 581 32.98 2.74 4.32
C PRO A 581 32.94 3.06 5.80
N ASP A 582 33.06 4.33 6.17
CA ASP A 582 32.92 4.72 7.56
C ASP A 582 34.01 4.13 8.43
N GLU A 583 35.20 3.95 7.88
CA GLU A 583 36.32 3.45 8.66
C GLU A 583 36.56 4.32 9.88
N GLY A 584 36.62 3.70 11.04
CA GLY A 584 37.04 4.38 12.26
C GLY A 584 36.14 5.54 12.64
N LYS A 585 35.07 5.73 11.87
CA LYS A 585 34.14 6.80 12.18
C LYS A 585 33.25 6.35 13.32
N LEU A 586 32.39 7.25 13.77
CA LEU A 586 31.36 6.92 14.75
C LEU A 586 30.05 7.21 14.06
N LEU A 587 29.07 6.33 14.23
CA LEU A 587 27.82 6.48 13.51
C LEU A 587 26.60 6.41 14.42
N ASP A 588 25.56 7.14 14.04
CA ASP A 588 24.27 7.03 14.68
C ASP A 588 24.37 7.26 16.19
N HIS A 589 25.32 8.08 16.60
CA HIS A 589 25.40 8.45 18.00
C HIS A 589 24.61 9.74 18.10
N GLN A 590 23.42 9.61 18.68
CA GLN A 590 22.48 10.70 18.78
C GLN A 590 21.23 10.11 19.41
N PRO A 591 20.68 10.78 20.44
CA PRO A 591 19.45 10.25 21.02
C PRO A 591 18.26 10.86 20.33
N LEU A 592 17.05 10.43 20.68
CA LEU A 592 15.88 11.11 20.17
C LEU A 592 15.73 12.42 20.93
N ARG A 593 15.00 13.36 20.34
CA ARG A 593 14.85 14.68 20.93
C ARG A 593 13.57 14.75 21.76
N LEU A 594 13.73 15.11 23.03
CA LEU A 594 12.58 15.31 23.92
C LEU A 594 11.99 16.68 23.63
N ASN A 595 10.68 16.72 23.38
CA ASN A 595 10.05 18.01 23.27
C ASN A 595 10.40 18.74 24.56
N ASN A 596 10.57 20.05 24.46
CA ASN A 596 11.15 20.82 25.55
C ASN A 596 10.58 20.49 26.90
N ASP A 597 9.27 20.30 26.98
CA ASP A 597 8.71 19.93 28.27
C ASP A 597 9.52 18.77 28.86
N ASP A 598 9.56 17.68 28.15
CA ASP A 598 10.28 16.51 28.60
C ASP A 598 11.73 16.85 28.81
N TYR A 599 12.30 17.63 27.92
CA TYR A 599 13.70 17.89 28.04
C TYR A 599 13.96 18.54 29.35
N GLU A 600 13.12 19.48 29.71
CA GLU A 600 13.31 20.16 30.96
C GLU A 600 13.18 19.17 32.07
N ARG A 601 12.23 18.27 31.96
CA ARG A 601 12.03 17.36 33.06
C ARG A 601 13.29 16.57 33.28
N VAL A 602 13.90 16.08 32.22
CA VAL A 602 15.17 15.39 32.40
C VAL A 602 16.27 16.31 32.94
N GLN A 603 16.13 17.62 32.68
CA GLN A 603 17.09 18.59 33.19
C GLN A 603 17.15 18.60 34.70
N GLN A 604 15.98 18.44 35.33
CA GLN A 604 15.88 18.51 36.78
C GLN A 604 16.12 17.17 37.45
N ILE A 605 16.14 16.10 36.67
CA ILE A 605 16.50 14.80 37.22
C ILE A 605 17.85 14.97 37.91
N PRO A 606 18.03 14.29 39.06
CA PRO A 606 19.36 14.38 39.66
C PRO A 606 20.36 13.46 38.95
N VAL A 607 21.61 13.56 39.34
CA VAL A 607 22.67 12.71 38.79
C VAL A 607 22.98 11.52 39.71
N LYS A 608 22.16 11.35 40.74
CA LYS A 608 22.43 10.32 41.74
C LYS A 608 22.28 8.97 41.07
N LYS A 609 22.50 7.90 41.82
CA LYS A 609 22.40 6.57 41.24
C LYS A 609 20.96 6.21 40.90
N GLY A 610 20.05 6.59 41.78
CA GLY A 610 18.66 6.15 41.73
C GLY A 610 17.70 7.14 41.12
N ALA A 611 18.19 8.02 40.25
CA ALA A 611 17.38 9.11 39.76
C ALA A 611 16.01 8.62 39.29
N ASN A 612 14.97 9.33 39.74
CA ASN A 612 13.60 9.03 39.38
C ASN A 612 12.85 10.35 39.47
N PHE A 613 11.63 10.42 38.98
CA PHE A 613 10.87 11.64 39.08
C PHE A 613 10.67 11.94 40.54
N ARG A 614 10.80 10.95 41.39
CA ARG A 614 10.51 11.16 42.79
C ARG A 614 11.36 12.30 43.21
N ASP A 615 12.52 12.45 42.62
CA ASP A 615 13.35 13.57 42.94
C ASP A 615 12.88 14.68 42.04
N LEU A 616 12.06 15.53 42.58
CA LEU A 616 11.41 16.61 41.86
C LEU A 616 10.45 17.25 42.85
N LYS A 617 9.97 18.46 42.55
CA LYS A 617 9.14 19.18 43.50
C LYS A 617 7.78 18.51 43.70
N GLY A 618 7.47 18.21 44.96
CA GLY A 618 6.36 17.37 45.33
C GLY A 618 6.90 15.97 45.49
N VAL A 619 6.41 15.25 46.49
CA VAL A 619 7.06 14.00 46.89
C VAL A 619 6.13 13.12 47.68
N ARG A 620 6.50 11.85 47.82
CA ARG A 620 5.58 10.91 48.43
C ARG A 620 6.19 9.80 49.28
N VAL A 621 5.34 9.29 50.16
CA VAL A 621 5.62 8.14 50.99
C VAL A 621 4.27 7.56 51.38
N GLY A 622 4.28 6.33 51.89
CA GLY A 622 3.06 5.67 52.30
C GLY A 622 3.28 4.18 52.18
N ALA A 623 2.23 3.39 52.45
CA ALA A 623 2.34 1.96 52.25
C ALA A 623 2.82 1.72 50.84
N ASN A 624 2.21 2.45 49.90
CA ASN A 624 2.48 2.22 48.50
C ASN A 624 3.85 2.72 48.05
N ASN A 625 4.51 3.56 48.83
CA ASN A 625 5.66 4.28 48.30
C ASN A 625 5.05 5.19 47.27
N ILE A 626 3.72 5.10 47.19
CA ILE A 626 2.91 5.82 46.23
C ILE A 626 3.32 7.26 46.22
N VAL A 627 3.38 7.82 45.03
CA VAL A 627 3.66 9.23 44.89
C VAL A 627 2.36 10.01 45.05
N GLU A 628 2.31 10.83 46.08
CA GLU A 628 1.22 11.77 46.30
C GLU A 628 1.90 13.11 46.49
N TRP A 629 1.35 14.15 45.87
CA TRP A 629 1.91 15.48 45.96
C TRP A 629 2.15 15.86 47.40
N ASP A 630 3.20 16.63 47.63
CA ASP A 630 3.55 17.07 48.98
C ASP A 630 2.99 18.46 49.26
N PRO A 631 1.84 18.52 49.92
CA PRO A 631 1.21 19.79 50.25
C PRO A 631 2.23 20.83 50.71
N GLU A 632 1.91 22.11 50.51
CA GLU A 632 2.81 23.19 50.89
C GLU A 632 3.62 23.70 49.69
N ILE A 633 3.81 22.82 48.71
CA ILE A 633 4.55 23.18 47.52
C ILE A 633 3.63 22.88 46.36
N GLU A 634 3.33 23.87 45.54
CA GLU A 634 2.31 23.71 44.52
C GLU A 634 2.90 23.61 43.13
N ARG A 635 2.85 22.40 42.58
CA ARG A 635 3.11 22.19 41.16
C ARG A 635 4.36 22.90 40.70
N VAL A 636 4.26 23.50 39.52
CA VAL A 636 5.37 24.13 38.84
C VAL A 636 4.86 24.52 37.45
N LYS A 637 5.70 25.20 36.71
CA LYS A 637 5.43 25.49 35.31
C LYS A 637 6.70 25.31 34.52
N LEU A 638 6.63 24.54 33.46
CA LEU A 638 7.71 24.53 32.52
C LEU A 638 7.54 25.87 31.83
N SER A 639 8.47 26.24 30.95
CA SER A 639 8.30 27.50 30.24
C SER A 639 6.91 27.50 29.59
N SER A 640 6.57 26.36 28.99
CA SER A 640 5.27 26.18 28.36
C SER A 640 4.13 26.20 29.38
N GLY A 641 4.46 26.01 30.65
CA GLY A 641 3.46 26.03 31.69
C GLY A 641 2.89 24.66 31.98
N LYS A 642 3.26 23.69 31.17
CA LYS A 642 2.93 22.31 31.48
C LYS A 642 3.64 21.98 32.77
N PRO A 643 3.19 20.94 33.48
CA PRO A 643 3.88 20.77 34.75
C PRO A 643 5.16 19.98 34.51
N LEU A 644 6.00 19.82 35.53
CA LEU A 644 7.10 18.87 35.45
C LEU A 644 6.51 17.48 35.52
N VAL A 645 5.85 17.15 36.64
CA VAL A 645 5.31 15.80 36.83
C VAL A 645 3.94 15.71 36.18
N PRO A 646 3.88 15.01 35.04
CA PRO A 646 2.62 14.68 34.40
C PRO A 646 1.82 13.82 35.36
N ASP A 647 0.50 13.82 35.23
CA ASP A 647 -0.34 13.06 36.14
C ASP A 647 -0.12 11.55 35.98
N TYR A 648 0.20 11.13 34.75
CA TYR A 648 0.40 9.70 34.47
C TYR A 648 1.52 9.09 35.30
N ALA A 649 2.59 9.87 35.52
CA ALA A 649 3.76 9.37 36.22
C ALA A 649 3.39 8.91 37.62
N SER A 651 0.44 7.87 38.64
CA SER A 651 -0.43 6.70 38.57
C SER A 651 0.21 5.34 38.44
N PHE A 652 1.39 5.28 37.85
CA PHE A 652 2.01 4.00 37.55
C PHE A 652 2.20 3.03 38.68
N ILE A 653 1.65 1.84 38.48
CA ILE A 653 1.77 0.75 39.41
C ILE A 653 1.04 1.24 40.60
N LYS A 654 0.38 2.36 40.41
CA LYS A 654 -0.32 2.95 41.51
C LYS A 654 0.76 3.64 42.31
N GLY A 655 1.98 3.59 41.79
CA GLY A 655 3.15 4.17 42.43
C GLY A 655 4.21 3.16 42.82
N LYS A 656 5.28 3.14 42.03
CA LYS A 656 6.46 2.28 42.20
C LYS A 656 7.65 3.20 41.95
N SER A 657 8.85 2.84 42.38
CA SER A 657 9.89 3.82 42.15
C SER A 657 9.72 4.02 40.72
N LEU A 658 9.67 2.94 39.99
CA LEU A 658 9.40 3.06 38.60
C LEU A 658 10.54 3.65 37.79
N LYS A 659 10.30 3.73 36.49
CA LYS A 659 11.24 4.17 35.52
C LYS A 659 10.91 5.48 34.88
N PRO A 660 9.93 6.14 35.41
CA PRO A 660 9.52 7.38 34.77
C PRO A 660 10.68 8.34 34.89
N PHE A 661 11.12 8.90 33.79
CA PHE A 661 12.15 9.86 33.96
C PHE A 661 13.13 9.31 34.95
N GLY A 662 13.78 8.22 34.61
CA GLY A 662 14.75 7.60 35.50
C GLY A 662 16.06 7.55 34.77
N ARG A 663 17.16 7.42 35.49
CA ARG A 663 18.49 7.39 34.90
C ARG A 663 19.24 6.19 35.40
N LEU A 664 20.28 5.77 34.70
CA LEU A 664 20.97 4.55 35.06
C LEU A 664 22.43 4.82 35.26
N TRP A 665 23.04 3.97 36.06
CA TRP A 665 24.44 4.05 36.38
C TRP A 665 25.25 3.21 35.39
N TRP A 666 26.54 3.14 35.66
CA TRP A 666 27.48 2.34 34.90
C TRP A 666 27.47 0.87 35.30
N ASP A 667 27.10 0.63 36.57
CA ASP A 667 27.04 -0.66 37.25
C ASP A 667 25.63 -1.27 37.17
N GLU A 668 24.80 -0.66 36.31
CA GLU A 668 23.43 -1.07 36.07
C GLU A 668 23.35 -1.87 34.79
N THR A 669 22.38 -2.77 34.71
CA THR A 669 22.14 -3.46 33.45
C THR A 669 20.70 -3.25 33.00
N VAL A 670 20.50 -3.22 31.69
CA VAL A 670 19.15 -3.20 31.15
C VAL A 670 18.68 -4.64 31.02
N PRO A 671 17.51 -4.95 31.60
CA PRO A 671 17.11 -6.35 31.40
C PRO A 671 17.12 -6.62 29.90
N THR A 672 16.50 -5.73 29.14
CA THR A 672 16.44 -5.87 27.70
C THR A 672 16.38 -4.52 27.02
N VAL A 673 17.15 -4.35 25.94
CA VAL A 673 17.03 -3.16 25.11
C VAL A 673 15.72 -3.18 24.34
N VAL A 674 14.96 -2.11 24.46
CA VAL A 674 13.62 -2.03 23.89
C VAL A 674 13.59 -1.15 22.64
N THR A 675 12.76 -1.57 21.68
CA THR A 675 12.66 -0.90 20.40
C THR A 675 12.48 0.61 20.50
N ARG A 676 11.72 1.04 21.51
CA ARG A 676 11.34 2.45 21.70
C ARG A 676 11.96 3.12 22.91
N ALA A 677 12.80 4.12 22.72
CA ALA A 677 13.34 4.80 23.89
C ALA A 677 12.65 6.15 24.08
N GLU A 678 11.76 6.20 25.06
CA GLU A 678 11.28 7.46 25.59
C GLU A 678 11.28 7.27 27.10
N PRO A 679 11.74 8.29 27.85
CA PRO A 679 12.05 8.21 29.27
C PRO A 679 10.79 8.08 30.10
N HIS A 680 9.62 8.30 29.51
CA HIS A 680 8.38 8.41 30.27
C HIS A 680 8.16 7.30 31.27
N ASN A 681 8.17 6.05 30.80
CA ASN A 681 8.30 4.90 31.69
C ASN A 681 9.49 3.97 31.88
N GLN A 682 10.54 4.15 31.11
CA GLN A 682 11.55 3.12 31.04
C GLN A 682 12.92 3.22 31.73
N VAL A 683 13.23 4.27 32.50
CA VAL A 683 14.59 4.46 33.05
C VAL A 683 15.63 4.29 31.94
N ILE A 684 15.43 5.05 30.86
CA ILE A 684 16.30 5.04 29.69
C ILE A 684 17.33 6.19 29.56
N ILE A 685 17.41 7.09 30.52
CA ILE A 685 18.19 8.31 30.29
C ILE A 685 19.63 8.19 30.79
N HIS A 686 20.56 8.69 29.99
CA HIS A 686 21.99 8.49 30.19
C HIS A 686 22.41 8.82 31.61
N PRO A 687 23.37 8.05 32.14
CA PRO A 687 23.77 8.24 33.54
C PRO A 687 24.15 9.67 33.88
N THR A 688 25.07 10.27 33.12
CA THR A 688 25.52 11.65 33.38
C THR A 688 25.06 12.77 32.42
N GLN A 689 24.43 12.42 31.31
CA GLN A 689 24.34 13.38 30.22
C GLN A 689 23.05 14.17 29.99
N ALA A 690 22.02 13.92 30.79
CA ALA A 690 20.78 14.71 30.64
C ALA A 690 19.95 14.26 29.45
N ARG A 691 20.40 13.24 28.74
CA ARG A 691 19.68 12.80 27.56
C ARG A 691 19.40 11.30 27.56
N VAL A 692 18.55 10.89 26.62
CA VAL A 692 18.18 9.49 26.43
C VAL A 692 19.36 8.74 25.83
N LEU A 693 19.51 7.47 26.21
CA LEU A 693 20.61 6.66 25.70
C LEU A 693 20.55 6.74 24.19
N THR A 694 21.65 7.15 23.58
CA THR A 694 21.66 7.38 22.14
C THR A 694 21.49 6.05 21.42
N ILE A 695 21.09 6.15 20.16
CA ILE A 695 20.89 4.96 19.33
C ILE A 695 22.11 4.05 19.41
N ARG A 696 23.28 4.60 19.13
CA ARG A 696 24.51 3.81 19.16
C ARG A 696 24.70 3.16 20.53
N GLU A 697 24.38 3.88 21.59
CA GLU A 697 24.52 3.32 22.93
C GLU A 697 23.69 2.04 23.07
N ASN A 698 22.51 2.02 22.45
CA ASN A 698 21.69 0.81 22.42
C ASN A 698 22.26 -0.26 21.48
N ALA A 699 22.84 0.18 20.36
CA ALA A 699 23.45 -0.73 19.40
C ALA A 699 24.58 -1.52 20.07
N ARG A 700 25.47 -0.79 20.73
CA ARG A 700 26.50 -1.41 21.57
C ARG A 700 25.83 -2.30 22.59
N LEU A 701 24.79 -1.76 23.23
CA LEU A 701 24.04 -2.52 24.22
C LEU A 701 23.54 -3.83 23.61
N GLN A 702 23.17 -3.80 22.34
CA GLN A 702 22.65 -4.99 21.67
C GLN A 702 23.76 -5.78 20.98
N GLY A 703 24.99 -5.32 21.14
CA GLY A 703 26.15 -6.02 20.63
C GLY A 703 26.46 -5.73 19.17
N PHE A 704 25.98 -4.59 18.68
CA PHE A 704 26.24 -4.19 17.30
C PHE A 704 27.64 -3.60 17.16
N PRO A 705 28.38 -4.07 16.14
CA PRO A 705 29.68 -3.45 15.83
C PRO A 705 29.49 -1.97 15.54
N ASP A 706 30.39 -1.14 16.06
CA ASP A 706 30.25 0.31 15.92
C ASP A 706 30.22 0.76 14.46
N TYR A 707 30.61 -0.14 13.55
CA TYR A 707 30.67 0.20 12.14
C TYR A 707 29.37 -0.10 11.39
N TYR A 708 28.35 -0.54 12.12
CA TYR A 708 27.08 -0.87 11.48
C TYR A 708 26.22 0.38 11.41
N ARG A 709 25.98 0.84 10.19
CA ARG A 709 25.23 2.08 9.95
C ARG A 709 23.73 1.83 9.96
N LEU A 710 23.00 2.78 10.54
CA LEU A 710 21.53 2.70 10.60
C LEU A 710 20.91 3.96 10.01
N PHE A 711 19.72 3.82 9.43
CA PHE A 711 19.12 4.88 8.62
C PHE A 711 17.66 5.11 8.95
N GLY A 712 17.15 6.24 8.49
CA GLY A 712 15.76 6.60 8.70
C GLY A 712 15.64 7.47 9.93
N PRO A 713 14.42 7.97 10.18
CA PRO A 713 14.16 8.82 11.34
C PRO A 713 14.72 8.18 12.61
N ILE A 714 15.24 8.99 13.52
CA ILE A 714 15.87 8.48 14.74
C ILE A 714 15.01 7.42 15.42
N LYS A 715 13.71 7.68 15.50
CA LYS A 715 12.78 6.73 16.11
C LYS A 715 12.82 5.39 15.36
N GLU A 716 12.84 5.46 14.04
CA GLU A 716 12.77 4.26 13.22
C GLU A 716 13.99 3.36 13.44
N LYS A 717 15.19 3.94 13.46
CA LYS A 717 16.38 3.13 13.68
C LYS A 717 16.51 2.70 15.15
N TYR A 718 16.01 3.53 16.06
CA TYR A 718 15.84 3.13 17.45
C TYR A 718 15.11 1.79 17.44
N ILE A 719 14.01 1.73 16.69
CA ILE A 719 13.28 0.48 16.54
C ILE A 719 14.15 -0.61 15.92
N GLN A 720 14.77 -0.30 14.78
CA GLN A 720 15.55 -1.28 14.04
C GLN A 720 16.44 -2.03 15.00
N VAL A 721 17.02 -1.28 15.94
CA VAL A 721 17.85 -1.86 17.00
C VAL A 721 17.05 -2.63 18.04
N GLY A 722 15.90 -2.09 18.44
CA GLY A 722 15.11 -2.69 19.51
C GLY A 722 14.76 -4.10 19.14
N ASN A 723 14.29 -4.28 17.92
CA ASN A 723 13.82 -5.58 17.46
C ASN A 723 14.91 -6.63 17.32
N ALA A 724 16.12 -6.19 16.97
CA ALA A 724 17.19 -7.10 16.59
C ALA A 724 17.53 -8.15 17.64
N VAL A 725 17.88 -9.34 17.17
CA VAL A 725 18.45 -10.36 18.03
C VAL A 725 19.93 -10.02 18.24
N ALA A 726 20.38 -10.13 19.48
CA ALA A 726 21.74 -9.73 19.83
C ALA A 726 22.77 -10.36 18.91
N VAL A 727 23.70 -9.54 18.42
CA VAL A 727 24.71 -10.01 17.48
C VAL A 727 25.71 -11.02 18.04
N PRO A 728 26.14 -10.86 19.30
CA PRO A 728 27.03 -11.89 19.86
C PRO A 728 26.39 -13.27 19.94
N VAL A 729 25.13 -13.33 20.41
CA VAL A 729 24.39 -14.57 20.50
C VAL A 729 24.30 -15.24 19.12
N ALA A 730 23.75 -14.49 18.18
CA ALA A 730 23.62 -14.94 16.80
C ALA A 730 24.97 -15.33 16.24
N ARG A 731 26.03 -14.71 16.75
CA ARG A 731 27.38 -14.90 16.24
C ARG A 731 27.98 -16.20 16.76
N ALA A 732 27.54 -16.63 17.93
CA ALA A 732 27.91 -17.94 18.45
C ALA A 732 27.15 -19.00 17.65
N LEU A 733 25.86 -18.75 17.46
CA LEU A 733 25.04 -19.62 16.63
C LEU A 733 25.73 -19.88 15.30
N GLY A 734 26.14 -18.79 14.66
CA GLY A 734 26.85 -18.84 13.39
C GLY A 734 28.03 -19.80 13.45
N TYR A 735 28.71 -19.83 14.59
CA TYR A 735 29.86 -20.71 14.74
C TYR A 735 29.49 -22.18 14.85
N CYS A 736 28.62 -22.51 15.80
CA CYS A 736 28.24 -23.91 16.00
C CYS A 736 27.77 -24.47 14.65
N LEU A 737 26.87 -23.71 14.05
CA LEU A 737 26.38 -24.01 12.72
C LEU A 737 27.58 -24.24 11.81
N GLY A 738 28.47 -23.26 11.74
CA GLY A 738 29.57 -23.30 10.79
C GLY A 738 30.20 -24.67 10.88
N GLN A 739 30.54 -25.07 12.09
CA GLN A 739 31.09 -26.40 12.31
C GLN A 739 30.21 -27.42 11.61
N ALA A 740 28.91 -27.35 11.89
CA ALA A 740 27.98 -28.33 11.34
C ALA A 740 28.01 -28.45 9.80
N TYR A 741 27.93 -27.32 9.10
CA TYR A 741 27.89 -27.34 7.63
C TYR A 741 29.06 -28.12 7.05
N LEU A 742 30.23 -28.00 7.67
CA LEU A 742 31.42 -28.73 7.21
C LEU A 742 31.58 -30.05 7.95
N GLY A 743 30.62 -30.36 8.83
CA GLY A 743 30.60 -31.63 9.53
C GLY A 743 31.85 -31.92 10.36
N GLU A 744 32.21 -31.01 11.24
CA GLU A 744 33.19 -31.31 12.27
C GLU A 744 32.56 -31.08 13.64
N SER A 745 32.24 -32.16 14.36
CA SER A 745 31.75 -32.05 15.74
C SER A 745 31.25 -33.37 16.33
N GLU A 746 31.14 -33.40 17.65
CA GLU A 746 30.82 -34.62 18.36
C GLU A 746 29.35 -34.95 18.16
N GLY A 747 28.88 -36.04 18.70
CA GLY A 747 27.49 -36.34 18.49
C GLY A 747 26.70 -36.35 19.77
N SER A 748 25.42 -36.18 19.63
CA SER A 748 24.56 -36.38 20.75
C SER A 748 24.87 -35.44 21.85
N ASP A 749 25.34 -34.26 21.56
CA ASP A 749 25.55 -33.33 22.64
C ASP A 749 24.80 -32.09 22.34
N PRO A 750 23.89 -31.76 23.22
CA PRO A 750 23.04 -30.65 22.93
C PRO A 750 23.89 -29.43 22.80
N LEU A 751 24.86 -29.23 23.68
CA LEU A 751 25.61 -27.99 23.59
C LEU A 751 27.13 -28.05 23.54
N TYR A 752 27.66 -27.04 22.86
CA TYR A 752 29.07 -26.79 22.56
C TYR A 752 29.72 -26.01 23.67
N GLN A 753 31.00 -25.68 23.43
CA GLN A 753 31.69 -24.62 24.14
C GLN A 753 32.72 -24.03 23.18
N LEU A 754 32.88 -22.71 23.21
CA LEU A 754 33.61 -21.98 22.15
C LEU A 754 35.10 -21.76 22.43
N PRO A 755 35.96 -22.03 21.42
CA PRO A 755 37.40 -22.08 21.72
C PRO A 755 38.15 -20.76 22.05
N PRO A 756 38.36 -19.84 21.07
CA PRO A 756 38.65 -18.49 21.58
C PRO A 756 37.36 -17.68 21.61
N SER A 757 36.95 -17.02 22.68
CA SER A 757 36.12 -15.84 22.55
C SER A 757 35.30 -15.96 21.24
N PHE A 758 34.40 -16.94 21.18
CA PHE A 758 33.68 -17.17 19.94
C PHE A 758 32.18 -17.27 20.17
N HIS B 5 -61.11 -1.94 -41.77
CA HIS B 5 -60.62 -3.12 -42.47
C HIS B 5 -59.70 -2.63 -43.52
N GLU B 6 -59.87 -1.39 -43.90
CA GLU B 6 -58.96 -0.81 -44.84
C GLU B 6 -58.51 0.43 -44.13
N PRO B 7 -57.22 0.67 -44.13
CA PRO B 7 -56.72 1.86 -43.50
C PRO B 7 -57.36 2.90 -44.36
N GLU B 8 -58.41 3.58 -43.91
CA GLU B 8 -58.98 4.60 -44.76
C GLU B 8 -59.07 5.84 -43.92
N PHE B 9 -59.20 6.99 -44.55
CA PHE B 9 -59.30 8.18 -43.75
C PHE B 9 -60.77 8.35 -43.49
N ILE B 10 -61.11 7.99 -42.26
CA ILE B 10 -62.30 8.37 -41.57
C ILE B 10 -61.90 9.71 -41.07
N GLY B 11 -62.64 10.19 -40.09
CA GLY B 11 -62.22 11.37 -39.42
C GLY B 11 -62.81 12.38 -40.37
N SER B 12 -63.64 11.92 -41.29
CA SER B 12 -64.56 12.94 -41.76
C SER B 12 -63.77 13.89 -42.73
N PRO B 13 -64.26 15.11 -43.01
CA PRO B 13 -63.73 15.96 -44.06
C PRO B 13 -62.32 16.29 -43.66
N VAL B 14 -61.62 16.84 -44.64
CA VAL B 14 -60.24 17.20 -44.55
C VAL B 14 -60.16 18.45 -43.69
N ALA B 15 -58.98 19.06 -43.63
CA ALA B 15 -58.74 20.18 -42.73
C ALA B 15 -59.31 21.52 -43.18
N ALA B 16 -59.35 21.79 -44.47
CA ALA B 16 -59.79 23.09 -44.87
C ALA B 16 -58.66 24.02 -45.27
N ASP B 17 -57.42 23.64 -45.05
CA ASP B 17 -56.29 24.46 -45.47
C ASP B 17 -56.09 25.56 -44.49
N GLU B 18 -56.85 25.46 -43.42
CA GLU B 18 -56.57 26.13 -42.23
C GLU B 18 -55.32 25.35 -42.01
N ALA B 19 -55.42 24.09 -42.36
CA ALA B 19 -54.34 23.11 -42.29
C ALA B 19 -53.01 23.71 -42.69
N ARG B 20 -52.96 24.43 -43.82
CA ARG B 20 -51.65 24.91 -44.27
C ARG B 20 -51.11 26.04 -43.46
N SER B 21 -51.96 26.67 -42.68
CA SER B 21 -51.44 27.58 -41.70
C SER B 21 -50.92 26.70 -40.59
N ASN B 22 -51.64 25.61 -40.32
CA ASN B 22 -51.24 24.67 -39.28
C ASN B 22 -50.01 23.83 -39.66
N TRP B 23 -49.86 23.53 -40.95
CA TRP B 23 -48.75 22.69 -41.40
C TRP B 23 -48.13 23.18 -42.70
N PRO B 24 -47.55 24.39 -42.68
CA PRO B 24 -47.09 25.04 -43.90
C PRO B 24 -46.19 24.14 -44.74
N LYS B 25 -45.22 23.51 -44.09
CA LYS B 25 -44.14 22.83 -44.77
C LYS B 25 -44.63 22.00 -45.94
N ARG B 26 -45.77 21.35 -45.75
CA ARG B 26 -46.31 20.41 -46.71
C ARG B 26 -46.51 20.99 -48.11
N TYR B 27 -46.68 22.30 -48.20
CA TYR B 27 -47.12 22.94 -49.43
C TYR B 27 -46.08 23.87 -50.00
N GLY B 28 -45.28 23.39 -50.94
CA GLY B 28 -44.18 24.20 -51.40
C GLY B 28 -43.55 23.86 -52.72
N ARG B 29 -42.68 24.75 -53.17
CA ARG B 29 -41.89 24.54 -54.36
C ARG B 29 -41.81 23.06 -54.69
N LEU B 42 -41.58 15.60 -48.62
CA LEU B 42 -42.90 15.04 -48.85
C LEU B 42 -43.96 16.12 -48.77
N LYS B 43 -44.89 16.11 -49.72
CA LYS B 43 -45.87 17.18 -49.81
C LYS B 43 -47.31 16.68 -49.68
N ALA B 44 -47.94 17.03 -48.57
CA ALA B 44 -49.31 16.65 -48.31
C ALA B 44 -50.19 17.41 -49.30
N ARG B 45 -51.16 16.72 -49.90
CA ARG B 45 -52.17 17.39 -50.70
C ARG B 45 -53.46 17.65 -49.91
N CYS B 46 -53.54 17.13 -48.69
CA CYS B 46 -54.77 17.21 -47.92
C CYS B 46 -54.63 16.58 -46.53
N HIS B 47 -55.51 16.98 -45.62
CA HIS B 47 -55.27 16.78 -44.20
C HIS B 47 -56.53 16.39 -43.41
N TYR B 48 -56.45 15.30 -42.66
CA TYR B 48 -57.58 14.83 -41.87
C TYR B 48 -57.25 14.82 -40.38
N ARG B 49 -58.29 14.82 -39.56
CA ARG B 49 -58.13 14.84 -38.10
C ARG B 49 -58.22 13.47 -37.43
N SER B 50 -58.51 12.43 -38.20
CA SER B 50 -58.66 11.09 -37.62
C SER B 50 -58.47 9.97 -38.64
N ALA B 51 -58.23 8.75 -38.15
CA ALA B 51 -58.08 7.60 -39.03
C ALA B 51 -58.59 6.31 -38.41
N LYS B 52 -59.10 5.42 -39.27
CA LYS B 52 -59.46 4.08 -38.85
C LYS B 52 -58.50 3.09 -39.49
N VAL B 53 -57.64 2.49 -38.68
CA VAL B 53 -56.75 1.45 -39.16
C VAL B 53 -57.25 0.15 -38.55
N ASP B 54 -57.19 -0.94 -39.32
CA ASP B 54 -57.83 -2.16 -38.91
C ASP B 54 -59.19 -1.71 -38.43
N ASN B 55 -59.61 -2.18 -37.27
CA ASN B 55 -60.84 -1.67 -36.69
C ASN B 55 -60.89 -0.64 -35.54
N VAL B 56 -59.74 -0.14 -35.10
CA VAL B 56 -59.78 0.95 -34.11
C VAL B 56 -59.48 2.31 -34.74
N VAL B 57 -60.12 3.34 -34.19
CA VAL B 57 -60.04 4.70 -34.72
C VAL B 57 -59.27 5.62 -33.77
N TYR B 58 -58.29 6.35 -34.31
CA TYR B 58 -57.55 7.32 -33.51
C TYR B 58 -57.39 8.69 -34.15
N CYS B 59 -57.34 9.70 -33.29
CA CYS B 59 -57.32 11.08 -33.68
C CYS B 59 -56.04 11.70 -33.15
N LEU B 60 -55.63 12.83 -33.71
CA LEU B 60 -54.33 13.40 -33.43
C LEU B 60 -54.16 13.58 -31.93
N GLY B 61 -52.92 13.47 -31.47
CA GLY B 61 -52.61 13.66 -30.06
C GLY B 61 -52.72 12.36 -29.30
N ASP B 62 -53.33 11.36 -29.94
CA ASP B 62 -53.35 10.02 -29.37
C ASP B 62 -51.92 9.50 -29.30
N ASP B 63 -51.71 8.55 -28.41
CA ASP B 63 -50.40 7.95 -28.23
C ASP B 63 -50.52 6.58 -28.81
N VAL B 64 -49.40 6.04 -29.26
CA VAL B 64 -49.45 4.90 -30.13
C VAL B 64 -48.16 4.08 -30.25
N TYR B 65 -48.31 2.93 -30.91
CA TYR B 65 -47.19 2.06 -31.23
C TYR B 65 -47.05 1.95 -32.74
N VAL B 66 -45.85 2.15 -33.23
CA VAL B 66 -45.61 2.09 -34.68
C VAL B 66 -44.78 0.87 -35.08
N LYS B 67 -45.10 0.27 -36.22
CA LYS B 67 -44.33 -0.85 -36.74
C LYS B 67 -43.06 -0.32 -37.39
N ALA B 68 -41.91 -0.79 -36.89
CA ALA B 68 -40.63 -0.23 -37.30
C ALA B 68 -39.66 -1.33 -37.69
N GLY B 69 -39.25 -1.35 -38.95
CA GLY B 69 -38.26 -2.29 -39.42
C GLY B 69 -38.70 -3.72 -39.21
N GLU B 70 -37.73 -4.63 -39.28
CA GLU B 70 -38.01 -6.05 -39.17
C GLU B 70 -37.38 -6.61 -37.91
N ASN B 71 -38.17 -7.32 -37.12
CA ASN B 71 -37.67 -7.90 -35.89
C ASN B 71 -36.80 -6.85 -35.20
N GLU B 72 -37.43 -5.73 -34.88
CA GLU B 72 -36.79 -4.62 -34.17
C GLU B 72 -37.91 -3.86 -33.48
N ALA B 73 -37.57 -2.97 -32.56
CA ALA B 73 -38.56 -2.54 -31.59
C ALA B 73 -39.65 -1.73 -32.26
N ASP B 74 -40.63 -1.31 -31.46
CA ASP B 74 -41.77 -0.58 -32.00
C ASP B 74 -41.66 0.88 -31.64
N TYR B 75 -41.46 1.73 -32.65
CA TYR B 75 -41.43 3.15 -32.42
C TYR B 75 -42.68 3.49 -31.63
N ILE B 76 -42.52 4.22 -30.54
CA ILE B 76 -43.66 4.69 -29.78
C ILE B 76 -43.86 6.14 -30.13
N GLY B 77 -45.10 6.54 -30.41
CA GLY B 77 -45.26 7.87 -30.91
C GLY B 77 -46.54 8.59 -30.60
N ARG B 78 -46.42 9.91 -30.62
CA ARG B 78 -47.55 10.80 -30.53
C ARG B 78 -47.90 11.23 -31.94
N ILE B 79 -49.17 11.32 -32.28
CA ILE B 79 -49.55 11.57 -33.66
C ILE B 79 -50.05 12.99 -33.92
N THR B 80 -49.23 13.73 -34.67
CA THR B 80 -49.46 15.14 -34.99
C THR B 80 -49.99 15.46 -36.41
N GLU B 81 -50.02 14.45 -37.29
CA GLU B 81 -50.47 14.67 -38.67
C GLU B 81 -51.19 13.46 -39.30
N PHE B 82 -52.28 13.75 -39.99
CA PHE B 82 -52.96 12.75 -40.79
C PHE B 82 -53.13 13.36 -42.16
N PHE B 83 -52.46 12.80 -43.17
CA PHE B 83 -52.56 13.41 -44.48
C PHE B 83 -52.37 12.44 -45.64
N GLU B 84 -52.86 12.84 -46.80
CA GLU B 84 -52.71 12.05 -48.01
C GLU B 84 -51.66 12.68 -48.92
N GLY B 85 -50.51 12.03 -49.02
CA GLY B 85 -49.41 12.55 -49.81
C GLY B 85 -49.85 12.70 -51.24
N THR B 86 -49.08 13.42 -52.04
CA THR B 86 -49.39 13.55 -53.46
C THR B 86 -49.57 12.18 -54.09
N ASP B 87 -48.80 11.20 -53.60
CA ASP B 87 -48.95 9.83 -54.05
C ASP B 87 -50.41 9.42 -53.93
N GLN B 88 -51.08 10.00 -52.94
CA GLN B 88 -52.40 9.57 -52.50
C GLN B 88 -52.30 8.45 -51.47
N CYS B 89 -51.07 8.02 -51.19
CA CYS B 89 -50.82 7.12 -50.08
C CYS B 89 -51.22 7.86 -48.82
N HIS B 90 -51.57 7.12 -47.78
CA HIS B 90 -52.05 7.74 -46.56
C HIS B 90 -50.99 7.64 -45.47
N TYR B 91 -50.53 8.79 -44.99
CA TYR B 91 -49.46 8.83 -44.01
C TYR B 91 -49.92 9.43 -42.70
N PHE B 92 -49.27 9.09 -41.61
CA PHE B 92 -49.40 9.85 -40.39
C PHE B 92 -48.01 10.26 -39.91
N THR B 93 -47.92 11.47 -39.37
CA THR B 93 -46.67 11.95 -38.78
C THR B 93 -46.77 11.89 -37.27
N CYS B 94 -45.76 11.34 -36.63
CA CYS B 94 -45.73 11.30 -35.18
C CYS B 94 -44.41 11.84 -34.64
N ARG B 95 -44.48 12.56 -33.52
CA ARG B 95 -43.30 12.94 -32.79
C ARG B 95 -42.94 11.80 -31.83
N TRP B 96 -41.66 11.47 -31.79
CA TRP B 96 -41.23 10.22 -31.16
C TRP B 96 -41.04 10.25 -29.65
N PHE B 97 -41.39 9.14 -29.01
CA PHE B 97 -41.00 8.90 -27.62
C PHE B 97 -39.75 8.04 -27.63
N PHE B 98 -38.88 8.23 -26.66
CA PHE B 98 -37.67 7.44 -26.60
C PHE B 98 -37.60 6.54 -25.40
N ARG B 99 -37.29 5.28 -25.66
CA ARG B 99 -37.16 4.31 -24.61
C ARG B 99 -35.77 4.55 -24.21
N ALA B 100 -35.40 4.22 -22.99
CA ALA B 100 -34.06 4.49 -22.55
C ALA B 100 -33.11 3.80 -23.49
N GLU B 101 -33.42 2.61 -23.91
CA GLU B 101 -32.53 1.93 -24.79
C GLU B 101 -32.37 2.81 -25.99
N ASP B 102 -33.44 3.50 -26.31
CA ASP B 102 -33.52 4.37 -27.46
C ASP B 102 -32.57 5.55 -27.53
N THR B 103 -32.21 6.11 -26.40
CA THR B 103 -31.31 7.23 -26.35
C THR B 103 -29.87 6.84 -26.52
N VAL B 104 -29.03 7.86 -26.55
CA VAL B 104 -27.60 7.74 -26.71
C VAL B 104 -27.05 6.73 -25.72
N ILE B 105 -27.86 6.45 -24.70
CA ILE B 105 -27.50 5.55 -23.61
C ILE B 105 -27.85 4.10 -23.94
N ASN B 106 -28.08 3.85 -25.23
CA ASN B 106 -28.45 2.54 -25.74
C ASN B 106 -27.60 1.49 -25.04
N SER B 107 -28.18 0.30 -24.91
CA SER B 107 -27.68 -0.72 -24.01
C SER B 107 -27.68 -0.09 -22.65
N LEU B 108 -26.73 -0.50 -21.82
CA LEU B 108 -26.34 0.27 -20.66
C LEU B 108 -27.58 0.88 -20.04
N VAL B 109 -28.71 0.20 -20.16
CA VAL B 109 -29.89 0.59 -19.41
C VAL B 109 -29.84 -0.27 -18.18
N SER B 110 -28.93 -1.23 -18.22
CA SER B 110 -28.79 -2.23 -17.19
C SER B 110 -28.32 -1.61 -15.88
N ILE B 111 -27.45 -0.61 -15.97
CA ILE B 111 -26.73 -0.15 -14.79
C ILE B 111 -27.68 0.10 -13.64
N SER B 112 -27.26 -0.38 -12.48
CA SER B 112 -28.00 -0.22 -11.25
C SER B 112 -27.08 0.56 -10.33
N VAL B 113 -27.63 1.54 -9.62
CA VAL B 113 -26.82 2.32 -8.70
C VAL B 113 -27.51 2.42 -7.36
N ASP B 114 -26.90 1.84 -6.33
CA ASP B 114 -27.47 1.95 -5.00
C ASP B 114 -28.95 1.66 -5.14
N GLY B 115 -29.27 0.57 -5.81
CA GLY B 115 -30.65 0.21 -6.02
C GLY B 115 -31.45 1.28 -6.72
N HIS B 116 -30.86 1.87 -7.76
CA HIS B 116 -31.59 2.68 -8.74
C HIS B 116 -31.58 1.93 -10.05
N LYS B 117 -32.73 1.89 -10.71
CA LYS B 117 -32.83 1.21 -11.99
C LYS B 117 -33.76 1.99 -12.91
N HIS B 118 -33.44 1.95 -14.20
CA HIS B 118 -34.36 2.46 -15.22
C HIS B 118 -35.62 1.60 -15.14
N ASP B 119 -36.74 2.15 -15.61
CA ASP B 119 -38.08 1.59 -15.34
C ASP B 119 -38.88 1.31 -16.60
N PRO B 120 -38.94 0.03 -17.02
CA PRO B 120 -39.16 -0.40 -18.40
C PRO B 120 -40.25 0.38 -19.08
N ARG B 121 -41.23 0.85 -18.33
CA ARG B 121 -42.13 1.82 -18.92
C ARG B 121 -41.81 3.17 -18.32
N ARG B 122 -40.93 3.88 -19.01
CA ARG B 122 -40.70 5.29 -18.83
C ARG B 122 -40.03 5.76 -20.10
N VAL B 123 -40.35 6.98 -20.52
CA VAL B 123 -39.98 7.38 -21.85
C VAL B 123 -39.69 8.87 -21.86
N PHE B 124 -39.06 9.33 -22.93
CA PHE B 124 -38.75 10.74 -23.05
C PHE B 124 -39.29 11.26 -24.37
N LEU B 125 -39.68 12.53 -24.38
CA LEU B 125 -40.44 13.08 -25.49
C LEU B 125 -39.53 13.74 -26.52
N SER B 126 -39.53 13.19 -27.72
CA SER B 126 -38.62 13.64 -28.76
C SER B 126 -39.29 14.51 -29.82
N GLU B 127 -38.79 15.74 -29.93
CA GLU B 127 -39.26 16.70 -30.93
C GLU B 127 -38.98 16.16 -32.34
N GLU B 128 -38.36 14.98 -32.41
CA GLU B 128 -38.23 14.23 -33.66
C GLU B 128 -39.57 13.83 -34.26
N LYS B 129 -39.62 13.80 -35.60
CA LYS B 129 -40.81 13.36 -36.31
C LYS B 129 -40.46 12.61 -37.60
N ASN B 130 -41.21 11.54 -37.87
CA ASN B 130 -41.10 10.80 -39.14
C ASN B 130 -42.47 10.51 -39.72
N ASP B 131 -42.53 10.25 -41.02
CA ASP B 131 -43.81 10.06 -41.70
C ASP B 131 -44.04 8.62 -42.11
N ASN B 132 -45.19 8.07 -41.72
CA ASN B 132 -45.41 6.65 -41.89
C ASN B 132 -46.81 6.24 -42.34
N VAL B 133 -46.85 5.33 -43.32
CA VAL B 133 -48.07 4.82 -43.88
C VAL B 133 -48.91 4.34 -42.72
N LEU B 134 -50.19 4.71 -42.74
CA LEU B 134 -51.08 4.51 -41.60
C LEU B 134 -51.07 3.09 -41.08
N ASP B 135 -51.02 2.13 -41.99
CA ASP B 135 -51.24 0.74 -41.62
C ASP B 135 -50.10 0.20 -40.75
N CYS B 136 -49.13 1.07 -40.47
CA CYS B 136 -47.99 0.73 -39.61
C CYS B 136 -48.37 0.85 -38.14
N ILE B 137 -49.64 1.07 -37.87
CA ILE B 137 -50.10 1.32 -36.50
C ILE B 137 -50.48 0.04 -35.78
N ILE B 138 -49.66 -0.36 -34.83
CA ILE B 138 -49.99 -1.51 -34.00
C ILE B 138 -51.31 -1.25 -33.32
N SER B 139 -51.27 -0.35 -32.35
CA SER B 139 -52.40 -0.14 -31.47
C SER B 139 -52.20 1.13 -30.67
N LYS B 140 -53.09 1.36 -29.72
CA LYS B 140 -53.04 2.56 -28.91
C LYS B 140 -52.38 2.32 -27.56
N VAL B 141 -51.32 3.07 -27.29
CA VAL B 141 -50.77 3.08 -25.94
C VAL B 141 -51.59 4.06 -25.14
N LYS B 142 -51.26 4.17 -23.87
CA LYS B 142 -51.69 5.28 -23.08
C LYS B 142 -50.49 5.83 -22.32
N ILE B 143 -50.04 7.03 -22.70
CA ILE B 143 -48.83 7.56 -22.12
C ILE B 143 -49.16 8.74 -21.26
N VAL B 144 -49.03 8.57 -19.95
CA VAL B 144 -49.26 9.67 -19.05
C VAL B 144 -47.97 10.49 -18.91
N HIS B 145 -48.07 11.59 -18.18
CA HIS B 145 -46.94 12.43 -17.90
C HIS B 145 -47.12 12.97 -16.49
N VAL B 146 -46.00 13.13 -15.77
CA VAL B 146 -46.07 13.52 -14.38
C VAL B 146 -44.86 14.38 -14.00
N ASP B 147 -45.06 15.29 -13.06
CA ASP B 147 -44.02 16.19 -12.60
C ASP B 147 -43.72 15.90 -11.13
N PRO B 148 -42.52 16.30 -10.66
CA PRO B 148 -42.06 15.98 -9.30
C PRO B 148 -43.02 16.46 -8.23
N ASN B 149 -43.72 17.56 -8.51
CA ASN B 149 -44.65 18.16 -7.56
C ASN B 149 -45.74 17.20 -7.19
N ASP B 151 -45.28 14.11 -6.58
CA ASP B 151 -44.74 13.47 -5.46
C ASP B 151 -45.20 12.09 -4.99
N PRO B 152 -45.52 12.00 -3.71
CA PRO B 152 -45.83 10.76 -3.05
C PRO B 152 -46.95 9.93 -3.58
N LYS B 153 -48.10 10.49 -3.89
CA LYS B 153 -49.14 9.62 -4.36
C LYS B 153 -49.53 9.85 -5.79
N ALA B 154 -49.44 11.10 -6.23
CA ALA B 154 -49.84 11.43 -7.59
C ALA B 154 -48.99 10.67 -8.54
N LYS B 155 -47.70 10.65 -8.30
CA LYS B 155 -46.89 9.92 -9.20
C LYS B 155 -47.41 8.52 -9.05
N ALA B 156 -47.68 8.16 -7.82
CA ALA B 156 -48.11 6.82 -7.53
C ALA B 156 -49.40 6.28 -8.13
N GLN B 157 -50.51 6.99 -8.06
CA GLN B 157 -51.73 6.42 -8.63
C GLN B 157 -51.69 6.30 -10.13
N LEU B 158 -51.27 7.38 -10.77
CA LEU B 158 -51.16 7.42 -12.22
C LEU B 158 -50.31 6.26 -12.68
N ILE B 159 -49.11 6.16 -12.11
CA ILE B 159 -48.15 5.17 -12.54
C ILE B 159 -48.86 3.83 -12.66
N GLU B 160 -49.86 3.65 -11.80
CA GLU B 160 -50.74 2.50 -11.89
C GLU B 160 -51.61 2.56 -13.14
N SER B 161 -52.20 3.71 -13.43
CA SER B 161 -53.09 3.81 -14.59
C SER B 161 -52.45 3.63 -15.99
N CYS B 162 -51.31 4.27 -16.22
CA CYS B 162 -50.73 4.39 -17.56
C CYS B 162 -50.07 3.12 -18.12
N ASP B 163 -50.17 2.95 -19.44
CA ASP B 163 -49.36 1.94 -20.14
C ASP B 163 -47.90 2.37 -20.08
N LEU B 164 -47.68 3.66 -20.30
CA LEU B 164 -46.36 4.28 -20.16
C LEU B 164 -46.51 5.64 -19.49
N TYR B 165 -45.39 6.28 -19.20
CA TYR B 165 -45.40 7.61 -18.60
C TYR B 165 -44.09 8.35 -18.86
N TYR B 166 -44.13 9.67 -18.79
CA TYR B 166 -42.90 10.45 -18.94
C TYR B 166 -42.83 11.69 -18.06
N ASP B 167 -41.69 11.88 -17.39
CA ASP B 167 -41.40 13.16 -16.74
C ASP B 167 -40.41 14.04 -17.52
N SER B 169 -37.80 15.08 -21.23
CA SER B 169 -37.64 15.20 -22.67
C SER B 169 -36.21 14.88 -23.06
N TYR B 170 -36.07 14.04 -24.10
CA TYR B 170 -34.75 13.69 -24.62
C TYR B 170 -34.45 14.47 -25.89
N SER B 171 -33.37 15.24 -25.85
CA SER B 171 -32.89 15.96 -27.02
C SER B 171 -31.52 15.41 -27.36
N VAL B 172 -31.33 15.00 -28.61
CA VAL B 172 -30.11 14.33 -29.02
C VAL B 172 -28.90 15.26 -29.02
N ALA B 173 -29.16 16.56 -28.89
CA ALA B 173 -28.06 17.50 -28.76
C ALA B 173 -27.69 17.46 -27.29
N TYR B 174 -26.47 17.01 -26.99
CA TYR B 174 -25.99 16.98 -25.62
C TYR B 174 -26.65 15.87 -24.82
N SER B 175 -27.51 15.11 -25.49
CA SER B 175 -28.20 14.00 -24.85
C SER B 175 -28.91 14.60 -23.66
N THR B 176 -29.67 15.64 -23.92
CA THR B 176 -30.23 16.44 -22.84
C THR B 176 -31.51 15.81 -22.34
N PHE B 177 -31.50 15.40 -21.08
CA PHE B 177 -32.67 14.92 -20.39
C PHE B 177 -33.07 16.05 -19.49
N ALA B 178 -34.14 16.74 -19.82
CA ALA B 178 -34.56 17.86 -19.02
C ALA B 178 -36.04 17.88 -18.73
N ASN B 179 -36.40 18.48 -17.63
CA ASN B 179 -37.75 18.44 -17.19
C ASN B 179 -38.56 18.99 -18.28
N ILE B 180 -39.77 18.50 -18.36
CA ILE B 180 -40.74 18.95 -19.32
C ILE B 180 -41.97 19.24 -18.50
N THR B 210 -28.02 37.35 0.06
CA THR B 210 -27.13 36.73 -0.92
C THR B 210 -27.13 35.22 -0.75
N ARG B 211 -27.61 34.51 -1.77
CA ARG B 211 -27.73 33.06 -1.69
C ARG B 211 -26.36 32.39 -1.63
N THR B 212 -26.28 31.28 -0.92
CA THR B 212 -25.02 30.60 -0.66
C THR B 212 -25.12 29.11 -0.93
N ALA B 213 -24.19 28.59 -1.71
CA ALA B 213 -24.13 27.17 -2.02
C ALA B 213 -22.83 26.51 -1.56
N THR B 214 -22.95 25.31 -1.03
CA THR B 214 -21.81 24.51 -0.61
C THR B 214 -21.43 23.56 -1.73
N LEU B 215 -20.12 23.46 -1.99
CA LEU B 215 -19.63 22.61 -3.05
C LEU B 215 -18.75 21.49 -2.50
N LEU B 216 -18.75 20.36 -3.20
CA LEU B 216 -17.86 19.26 -2.88
C LEU B 216 -17.05 18.93 -4.13
N ASP B 217 -15.72 19.02 -4.02
CA ASP B 217 -14.88 18.64 -5.14
C ASP B 217 -14.13 17.35 -4.85
N LEU B 218 -14.14 16.45 -5.85
CA LEU B 218 -13.55 15.12 -5.74
C LEU B 218 -12.51 14.94 -6.82
N TYR B 219 -11.38 14.38 -6.42
CA TYR B 219 -10.28 14.28 -7.34
C TYR B 219 -9.99 15.72 -7.70
N SER B 220 -9.89 16.57 -6.68
CA SER B 220 -9.52 17.94 -6.93
C SER B 220 -8.09 18.15 -6.47
N GLY B 221 -7.16 18.14 -7.41
CA GLY B 221 -5.81 18.59 -7.13
C GLY B 221 -5.76 20.09 -7.34
N CYS B 222 -5.10 20.80 -6.44
CA CYS B 222 -4.87 22.24 -6.53
C CYS B 222 -6.16 23.07 -6.57
N GLY B 223 -7.26 22.44 -6.93
CA GLY B 223 -8.52 23.14 -7.14
C GLY B 223 -8.66 23.97 -8.41
N GLY B 224 -8.17 23.47 -9.53
CA GLY B 224 -8.36 24.18 -10.80
C GLY B 224 -9.82 24.33 -11.17
N SER B 226 -12.51 23.52 -8.87
CA SER B 226 -13.21 24.03 -7.70
C SER B 226 -13.20 25.55 -7.72
N THR B 227 -12.00 26.11 -7.78
CA THR B 227 -11.80 27.55 -7.85
C THR B 227 -12.60 28.16 -8.98
N GLY B 228 -12.22 27.83 -10.21
CA GLY B 228 -12.83 28.44 -11.38
C GLY B 228 -14.34 28.45 -11.27
N LEU B 229 -14.90 27.29 -10.90
CA LEU B 229 -16.33 27.15 -10.71
C LEU B 229 -16.84 28.21 -9.73
N CYS B 230 -16.23 28.27 -8.55
CA CYS B 230 -16.63 29.27 -7.56
C CYS B 230 -16.60 30.69 -8.15
N LEU B 231 -15.52 30.99 -8.86
CA LEU B 231 -15.32 32.29 -9.50
C LEU B 231 -16.50 32.65 -10.40
N GLY B 232 -16.89 31.75 -11.29
CA GLY B 232 -18.05 32.00 -12.13
C GLY B 232 -19.31 32.19 -11.29
N ALA B 233 -19.48 31.30 -10.33
CA ALA B 233 -20.63 31.31 -9.44
C ALA B 233 -20.87 32.70 -8.85
N ALA B 234 -19.80 33.33 -8.38
CA ALA B 234 -19.92 34.68 -7.84
C ALA B 234 -20.52 35.65 -8.85
N LEU B 235 -19.93 35.70 -10.04
CA LEU B 235 -20.43 36.57 -11.10
C LEU B 235 -21.92 36.36 -11.32
N SER B 236 -22.35 35.11 -11.33
CA SER B 236 -23.79 34.83 -11.43
C SER B 236 -24.58 35.57 -10.34
N GLY B 237 -23.91 35.84 -9.22
CA GLY B 237 -24.57 36.42 -8.07
C GLY B 237 -24.73 35.39 -6.96
N LEU B 238 -24.42 34.15 -7.30
CA LEU B 238 -24.39 33.07 -6.31
C LEU B 238 -23.04 33.06 -5.61
N LYS B 239 -23.02 32.68 -4.33
CA LYS B 239 -21.74 32.44 -3.67
C LYS B 239 -21.51 30.95 -3.49
N LEU B 240 -20.61 30.42 -4.31
CA LEU B 240 -20.30 28.99 -4.24
C LEU B 240 -19.00 28.84 -3.47
N GLU B 241 -19.07 28.27 -2.27
CA GLU B 241 -17.84 28.03 -1.53
C GLU B 241 -17.55 26.54 -1.51
N THR B 242 -16.29 26.18 -1.67
CA THR B 242 -15.96 24.77 -1.73
C THR B 242 -15.74 24.32 -0.30
N ARG B 243 -16.69 23.56 0.21
CA ARG B 243 -16.79 23.22 1.62
C ARG B 243 -15.96 22.00 1.98
N TRP B 244 -15.67 21.21 0.97
CA TRP B 244 -14.85 20.04 1.14
C TRP B 244 -14.18 19.75 -0.17
N ALA B 245 -12.99 19.19 -0.11
CA ALA B 245 -12.34 18.71 -1.29
C ALA B 245 -11.63 17.43 -0.90
N VAL B 246 -11.67 16.44 -1.79
CA VAL B 246 -11.00 15.19 -1.53
C VAL B 246 -10.01 14.86 -2.62
N ASP B 247 -8.74 14.78 -2.24
CA ASP B 247 -7.74 14.34 -3.19
C ASP B 247 -6.67 13.52 -2.52
N PHE B 248 -6.16 12.58 -3.30
CA PHE B 248 -5.15 11.64 -2.88
C PHE B 248 -3.81 12.32 -2.68
N ASN B 249 -3.36 13.01 -3.73
CA ASN B 249 -2.04 13.64 -3.72
C ASN B 249 -1.91 14.56 -2.52
N SER B 250 -0.86 14.39 -1.70
CA SER B 250 -0.69 15.23 -0.52
C SER B 250 -0.27 16.66 -0.89
N PHE B 251 0.39 16.81 -2.03
CA PHE B 251 0.83 18.13 -2.49
C PHE B 251 -0.34 18.94 -3.02
N ALA B 252 -1.13 18.35 -3.92
CA ALA B 252 -2.29 19.05 -4.46
C ALA B 252 -3.16 19.56 -3.32
N CYS B 253 -3.32 18.71 -2.32
CA CYS B 253 -4.01 19.09 -1.09
C CYS B 253 -3.28 20.25 -0.41
N GLN B 254 -1.97 20.16 -0.30
CA GLN B 254 -1.20 21.26 0.27
C GLN B 254 -1.59 22.59 -0.36
N SER B 255 -1.51 22.64 -1.69
CA SER B 255 -1.79 23.84 -2.48
C SER B 255 -3.22 24.34 -2.23
N LEU B 256 -4.18 23.47 -2.51
CA LEU B 256 -5.58 23.83 -2.45
C LEU B 256 -5.94 24.35 -1.07
N LYS B 257 -5.29 23.82 -0.04
CA LYS B 257 -5.51 24.33 1.31
C LYS B 257 -4.81 25.67 1.50
N TYR B 258 -3.71 25.88 0.79
CA TYR B 258 -3.08 27.20 0.84
C TYR B 258 -4.05 28.26 0.36
N ASN B 259 -4.64 28.03 -0.81
CA ASN B 259 -5.46 29.07 -1.43
C ASN B 259 -6.95 29.05 -1.09
N HIS B 260 -7.41 27.97 -0.49
CA HIS B 260 -8.78 27.88 0.01
C HIS B 260 -8.74 27.52 1.48
N PRO B 261 -8.31 28.43 2.30
CA PRO B 261 -8.09 28.12 3.69
C PRO B 261 -9.34 27.66 4.36
N GLN B 262 -10.49 28.25 4.08
CA GLN B 262 -11.71 27.82 4.72
C GLN B 262 -12.31 26.64 3.98
N THR B 263 -11.70 25.48 4.11
CA THR B 263 -12.16 24.33 3.38
C THR B 263 -11.68 23.13 4.13
N GLU B 264 -12.20 21.96 3.80
CA GLU B 264 -11.71 20.76 4.43
C GLU B 264 -11.08 19.99 3.33
N VAL B 265 -9.77 19.96 3.30
CA VAL B 265 -9.11 19.25 2.26
C VAL B 265 -8.72 17.96 2.87
N ARG B 266 -9.15 16.89 2.24
CA ARG B 266 -8.99 15.56 2.77
C ARG B 266 -8.03 14.83 1.87
N ASN B 267 -6.94 14.34 2.45
CA ASN B 267 -6.01 13.54 1.69
C ASN B 267 -6.37 12.10 2.01
N GLU B 268 -6.99 11.46 1.03
CA GLU B 268 -7.52 10.11 1.19
C GLU B 268 -8.22 9.71 -0.09
N LYS B 269 -8.49 8.41 -0.24
CA LYS B 269 -9.11 7.92 -1.44
C LYS B 269 -10.60 8.23 -1.42
N ALA B 270 -11.17 8.41 -2.61
CA ALA B 270 -12.59 8.63 -2.74
C ALA B 270 -13.33 7.58 -1.93
N ASP B 271 -12.93 6.32 -2.09
CA ASP B 271 -13.56 5.21 -1.41
C ASP B 271 -13.74 5.54 0.07
N GLU B 272 -12.59 5.58 0.74
CA GLU B 272 -12.54 5.75 2.18
C GLU B 272 -13.42 6.92 2.54
N PHE B 273 -13.22 8.04 1.84
CA PHE B 273 -14.02 9.22 2.13
C PHE B 273 -15.49 8.87 2.19
N LEU B 274 -15.97 8.14 1.19
CA LEU B 274 -17.38 7.73 1.14
C LEU B 274 -17.79 6.85 2.31
N ALA B 275 -17.09 5.73 2.49
CA ALA B 275 -17.44 4.81 3.58
C ALA B 275 -17.51 5.57 4.90
N LEU B 276 -16.46 6.33 5.15
CA LEU B 276 -16.35 7.23 6.29
C LEU B 276 -17.54 8.18 6.34
N LEU B 277 -18.09 8.52 5.19
CA LEU B 277 -19.26 9.39 5.13
C LEU B 277 -20.45 8.66 5.73
N LYS B 278 -20.71 7.45 5.24
CA LYS B 278 -21.84 6.67 5.75
C LYS B 278 -21.76 6.49 7.26
N GLU B 279 -20.62 6.00 7.73
CA GLU B 279 -20.45 5.88 9.18
C GLU B 279 -20.70 7.24 9.84
N TRP B 280 -20.05 8.28 9.32
CA TRP B 280 -20.17 9.60 9.91
C TRP B 280 -21.63 9.98 10.09
N ALA B 281 -22.48 9.56 9.17
CA ALA B 281 -23.91 9.82 9.31
C ALA B 281 -24.50 9.05 10.48
N VAL B 282 -24.34 7.73 10.49
CA VAL B 282 -24.90 7.01 11.63
C VAL B 282 -24.38 7.61 12.92
N LEU B 283 -23.10 7.40 13.17
CA LEU B 283 -22.46 7.81 14.42
C LEU B 283 -22.91 9.23 14.74
N CYS B 284 -22.99 10.06 13.71
CA CYS B 284 -23.49 11.42 13.86
C CYS B 284 -24.82 11.39 14.60
N LYS B 285 -25.66 10.42 14.26
CA LYS B 285 -26.95 10.28 14.94
C LYS B 285 -26.91 10.04 16.47
N LYS B 286 -25.96 9.23 16.93
CA LYS B 286 -25.85 8.88 18.35
C LYS B 286 -25.15 9.97 19.18
N TYR B 287 -24.15 10.59 18.57
CA TYR B 287 -23.30 11.58 19.23
C TYR B 287 -22.06 10.93 19.83
N ASP B 311 -3.62 4.58 34.55
CA ASP B 311 -4.24 5.60 33.72
C ASP B 311 -4.83 4.91 32.52
N GLU B 312 -4.29 3.77 32.19
CA GLU B 312 -4.80 3.07 31.04
C GLU B 312 -4.69 4.01 29.86
N PHE B 313 -3.61 4.78 29.81
CA PHE B 313 -3.38 5.70 28.72
C PHE B 313 -4.55 6.61 28.46
N VAL B 314 -5.01 7.28 29.50
CA VAL B 314 -6.14 8.18 29.38
C VAL B 314 -5.73 9.30 28.42
N VAL B 315 -6.71 9.83 27.69
CA VAL B 315 -6.47 10.84 26.66
C VAL B 315 -7.25 12.13 26.87
N GLU B 316 -6.72 13.24 26.35
CA GLU B 316 -7.37 14.53 26.52
C GLU B 316 -8.01 15.19 25.31
N LYS B 317 -7.68 14.77 24.10
CA LYS B 317 -8.27 15.45 22.95
C LYS B 317 -8.43 14.56 21.76
N LEU B 318 -9.31 14.94 20.85
CA LEU B 318 -9.47 14.17 19.64
C LEU B 318 -9.36 15.18 18.54
N VAL B 319 -8.45 15.03 17.61
CA VAL B 319 -8.47 16.06 16.59
C VAL B 319 -8.67 15.55 15.18
N GLY B 320 -9.02 14.27 15.03
CA GLY B 320 -9.23 13.73 13.70
C GLY B 320 -10.07 12.49 13.56
N ILE B 321 -10.61 12.31 12.37
CA ILE B 321 -11.39 11.13 12.08
C ILE B 321 -11.13 10.67 10.69
N CYS B 322 -11.00 9.38 10.50
CA CYS B 322 -10.83 8.87 9.17
C CYS B 322 -11.26 7.44 9.15
N TYR B 323 -11.62 6.94 7.98
CA TYR B 323 -12.00 5.56 7.83
C TYR B 323 -10.96 5.02 6.88
N GLY B 324 -10.65 3.76 6.99
CA GLY B 324 -9.50 3.23 6.27
C GLY B 324 -8.32 4.12 6.55
N GLY B 325 -7.26 3.95 5.77
CA GLY B 325 -6.03 4.70 5.95
C GLY B 325 -4.91 3.98 5.23
N SER B 326 -3.68 4.38 5.51
CA SER B 326 -2.52 3.66 5.01
C SER B 326 -2.60 2.20 5.38
N ASP B 327 -2.47 1.93 6.67
CA ASP B 327 -2.41 0.58 7.21
C ASP B 327 -3.78 -0.10 7.09
N ARG B 328 -4.81 0.72 6.97
CA ARG B 328 -6.06 0.31 6.33
C ARG B 328 -7.13 -0.43 7.13
N GLU B 329 -6.91 -0.83 8.37
CA GLU B 329 -7.93 -1.67 8.98
C GLU B 329 -9.22 -0.89 8.83
N ASN B 330 -10.19 -1.46 8.11
CA ASN B 330 -11.22 -0.60 7.56
C ASN B 330 -12.13 -0.32 8.72
N GLY B 331 -12.19 0.94 9.10
CA GLY B 331 -12.94 1.33 10.27
C GLY B 331 -12.49 2.70 10.73
N ILE B 332 -13.33 3.32 11.52
CA ILE B 332 -13.07 4.65 11.98
C ILE B 332 -11.90 4.71 12.92
N TYR B 333 -11.06 5.73 12.77
CA TYR B 333 -9.95 5.96 13.66
C TYR B 333 -9.96 7.45 13.94
N PHE B 334 -9.47 7.88 15.10
CA PHE B 334 -9.43 9.31 15.47
C PHE B 334 -8.03 9.75 15.83
N LYS B 335 -7.50 10.82 15.26
CA LYS B 335 -6.22 11.29 15.74
C LYS B 335 -6.55 11.63 17.16
N VAL B 336 -5.67 11.34 18.10
CA VAL B 336 -5.95 11.51 19.52
C VAL B 336 -4.85 12.22 20.28
N GLN B 337 -5.19 12.85 21.39
CA GLN B 337 -4.18 13.48 22.21
C GLN B 337 -4.23 13.06 23.68
N TRP B 338 -3.11 12.56 24.17
CA TRP B 338 -2.98 12.19 25.58
C TRP B 338 -2.40 13.41 26.27
N GLU B 339 -1.91 13.28 27.50
CA GLU B 339 -1.64 14.51 28.25
C GLU B 339 -0.31 15.19 27.88
N GLY B 340 -0.39 16.36 27.27
CA GLY B 340 0.78 17.17 26.92
C GLY B 340 1.79 16.60 25.93
N TYR B 341 1.37 15.71 25.03
CA TYR B 341 2.33 15.01 24.16
C TYR B 341 2.58 15.55 22.74
N GLY B 342 1.93 16.65 22.34
CA GLY B 342 2.24 17.27 21.05
C GLY B 342 2.10 16.38 19.83
N PRO B 343 2.74 16.76 18.71
CA PRO B 343 2.80 16.03 17.43
C PRO B 343 3.30 14.58 17.52
N GLU B 344 4.37 14.34 18.27
CA GLU B 344 4.76 12.97 18.60
C GLU B 344 3.75 12.47 19.62
N GLU B 345 3.67 11.15 19.80
CA GLU B 345 2.76 10.57 20.79
C GLU B 345 1.30 10.66 20.35
N ASP B 346 1.05 11.34 19.24
CA ASP B 346 -0.29 11.35 18.65
C ASP B 346 -0.44 10.15 17.74
N THR B 347 -1.44 9.32 18.01
CA THR B 347 -1.59 8.08 17.26
C THR B 347 -3.03 7.91 16.76
N TRP B 348 -3.18 7.46 15.53
CA TRP B 348 -4.51 7.11 15.05
C TRP B 348 -4.96 5.89 15.83
N GLU B 349 -6.08 6.00 16.53
CA GLU B 349 -6.58 4.88 17.30
C GLU B 349 -7.96 4.50 16.79
N PRO B 350 -8.27 3.19 16.80
CA PRO B 350 -9.58 2.77 16.29
C PRO B 350 -10.70 3.34 17.13
N ILE B 351 -11.94 3.10 16.69
CA ILE B 351 -13.11 3.61 17.38
C ILE B 351 -13.31 2.86 18.69
N ASP B 352 -12.89 1.60 18.70
CA ASP B 352 -13.09 0.72 19.85
C ASP B 352 -12.21 1.12 21.03
N ASN B 353 -10.92 1.34 20.76
CA ASN B 353 -9.97 1.70 21.81
C ASN B 353 -10.40 2.94 22.59
N LEU B 354 -11.21 3.78 21.95
CA LEU B 354 -11.61 5.05 22.54
C LEU B 354 -12.95 4.93 23.26
N SER B 355 -13.51 3.72 23.25
CA SER B 355 -14.73 3.45 23.99
C SER B 355 -14.53 3.73 25.47
N ASP B 356 -13.27 3.67 25.91
CA ASP B 356 -12.96 4.04 27.29
C ASP B 356 -13.43 5.46 27.57
N CYS B 357 -13.01 6.38 26.71
CA CYS B 357 -13.30 7.80 26.92
C CYS B 357 -14.22 8.25 25.80
N PRO B 358 -15.48 7.81 25.87
CA PRO B 358 -16.51 8.08 24.85
C PRO B 358 -16.85 9.55 24.85
N GLN B 359 -16.88 10.17 26.03
CA GLN B 359 -17.32 11.56 26.16
C GLN B 359 -16.54 12.51 25.25
N LYS B 360 -15.27 12.20 25.02
CA LYS B 360 -14.46 13.01 24.12
C LYS B 360 -14.95 12.88 22.70
N ILE B 361 -15.25 11.65 22.27
CA ILE B 361 -15.70 11.42 20.91
C ILE B 361 -17.09 12.01 20.71
N ARG B 362 -17.93 11.91 21.74
CA ARG B 362 -19.23 12.55 21.71
C ARG B 362 -19.01 14.02 21.48
N GLU B 363 -18.15 14.61 22.30
CA GLU B 363 -17.84 16.02 22.15
C GLU B 363 -17.42 16.31 20.70
N PHE B 364 -16.39 15.63 20.23
CA PHE B 364 -15.82 15.81 18.90
C PHE B 364 -16.87 15.78 17.80
N VAL B 365 -17.66 14.72 17.77
CA VAL B 365 -18.75 14.61 16.81
C VAL B 365 -19.67 15.82 16.94
N GLN B 366 -19.93 16.22 18.18
CA GLN B 366 -20.83 17.33 18.46
C GLN B 366 -20.36 18.64 17.81
N GLU B 367 -19.15 19.10 18.11
CA GLU B 367 -18.68 20.32 17.45
C GLU B 367 -18.63 20.09 15.95
N GLY B 368 -18.13 18.92 15.56
CA GLY B 368 -17.99 18.59 14.16
C GLY B 368 -19.23 18.83 13.33
N HIS B 369 -20.37 18.36 13.82
CA HIS B 369 -21.62 18.54 13.07
C HIS B 369 -21.97 20.00 12.85
N LYS B 370 -21.91 20.79 13.92
CA LYS B 370 -22.18 22.21 13.81
C LYS B 370 -21.29 22.84 12.75
N ARG B 371 -20.05 22.38 12.70
CA ARG B 371 -19.06 22.92 11.79
C ARG B 371 -19.22 22.36 10.38
N LYS B 372 -20.08 21.36 10.24
CA LYS B 372 -20.22 20.65 8.99
C LYS B 372 -18.83 20.36 8.40
N ILE B 373 -18.06 19.57 9.14
CA ILE B 373 -16.73 19.16 8.71
C ILE B 373 -16.88 18.11 7.63
N LEU B 374 -17.94 17.32 7.76
CA LEU B 374 -18.28 16.30 6.79
C LEU B 374 -19.70 16.53 6.31
N PRO B 375 -19.94 16.31 5.01
CA PRO B 375 -21.26 16.56 4.43
C PRO B 375 -22.29 15.53 4.87
N LEU B 376 -23.55 15.98 4.94
CA LEU B 376 -24.69 15.10 5.12
C LEU B 376 -25.69 15.44 4.04
N PRO B 377 -26.52 14.46 3.66
CA PRO B 377 -27.01 14.34 2.28
C PRO B 377 -27.69 15.61 1.79
N GLY B 378 -28.38 16.26 2.72
CA GLY B 378 -29.02 17.51 2.42
C GLY B 378 -27.98 18.59 2.17
N ASP B 379 -26.83 18.47 2.84
CA ASP B 379 -25.85 19.55 2.93
C ASP B 379 -25.13 19.90 1.62
N VAL B 380 -24.82 18.90 0.82
CA VAL B 380 -24.16 19.15 -0.45
C VAL B 380 -25.13 19.84 -1.40
N ASP B 381 -24.64 20.83 -2.13
CA ASP B 381 -25.46 21.53 -3.11
C ASP B 381 -24.99 21.21 -4.53
N VAL B 382 -23.74 21.55 -4.82
CA VAL B 382 -23.12 21.23 -6.09
C VAL B 382 -22.01 20.27 -5.76
N ILE B 383 -21.56 19.50 -6.74
CA ILE B 383 -20.37 18.69 -6.55
C ILE B 383 -19.57 18.50 -7.83
N CYS B 384 -18.25 18.45 -7.68
CA CYS B 384 -17.32 18.49 -8.80
C CYS B 384 -16.72 17.13 -9.17
N GLY B 385 -16.60 16.89 -10.47
CA GLY B 385 -16.17 15.61 -11.02
C GLY B 385 -14.66 15.46 -11.18
N GLY B 386 -14.26 14.72 -12.21
CA GLY B 386 -12.86 14.45 -12.46
C GLY B 386 -12.28 13.08 -12.19
N PRO B 387 -13.14 12.05 -12.02
CA PRO B 387 -12.55 10.73 -11.79
C PRO B 387 -11.64 10.32 -12.94
N PRO B 388 -10.40 9.94 -12.65
CA PRO B 388 -9.55 9.53 -13.76
C PRO B 388 -10.02 8.20 -14.30
N CYS B 389 -10.24 8.11 -15.60
CA CYS B 389 -10.49 6.81 -16.22
C CYS B 389 -9.27 6.51 -17.07
N GLN B 390 -8.56 5.45 -16.68
CA GLN B 390 -7.24 5.19 -17.24
C GLN B 390 -7.31 4.78 -18.70
N GLY B 391 -8.35 4.03 -19.05
CA GLY B 391 -8.54 3.61 -20.43
C GLY B 391 -8.86 4.80 -21.33
N LYS B 406 -13.92 -1.14 -18.89
CA LYS B 406 -15.11 -1.83 -18.40
C LYS B 406 -15.10 -1.94 -16.89
N ASP B 407 -14.22 -2.83 -16.38
CA ASP B 407 -13.90 -2.74 -14.96
C ASP B 407 -12.58 -2.33 -14.13
N GLU B 408 -11.42 -2.19 -14.72
CA GLU B 408 -10.27 -2.05 -13.79
C GLU B 408 -9.89 -0.62 -13.39
N LYS B 409 -9.63 0.20 -14.38
CA LYS B 409 -9.25 1.59 -14.11
C LYS B 409 -10.40 2.61 -14.18
N ASN B 410 -11.61 2.13 -14.43
CA ASN B 410 -12.78 2.99 -14.57
C ASN B 410 -13.58 3.06 -13.26
N LYS B 411 -13.11 2.30 -12.28
CA LYS B 411 -13.75 2.14 -10.98
C LYS B 411 -14.01 3.46 -10.26
N GLN B 412 -13.18 4.44 -10.53
CA GLN B 412 -13.30 5.74 -9.92
C GLN B 412 -14.56 6.36 -10.40
N VAL B 414 -17.19 4.80 -11.06
CA VAL B 414 -18.21 4.08 -10.32
C VAL B 414 -18.36 4.60 -8.91
N THR B 415 -17.24 4.91 -8.31
CA THR B 415 -17.14 5.47 -6.98
C THR B 415 -17.77 6.88 -6.93
N PHE B 416 -17.38 7.72 -7.88
CA PHE B 416 -17.93 9.07 -7.97
C PHE B 416 -19.45 9.05 -7.96
N ASP B 418 -21.34 6.74 -6.92
CA ASP B 418 -21.81 6.26 -5.63
C ASP B 418 -21.94 7.40 -4.64
N ILE B 419 -20.90 8.22 -4.53
CA ILE B 419 -21.00 9.42 -3.72
C ILE B 419 -22.28 10.14 -4.09
N VAL B 420 -22.36 10.55 -5.36
CA VAL B 420 -23.48 11.36 -5.80
C VAL B 420 -24.73 10.73 -5.19
N ALA B 421 -24.77 9.39 -5.19
CA ALA B 421 -25.95 8.63 -4.78
C ALA B 421 -26.26 8.85 -3.32
N TYR B 422 -25.26 8.68 -2.49
CA TYR B 422 -25.47 8.85 -1.08
C TYR B 422 -25.88 10.25 -0.74
N LEU B 423 -25.15 11.20 -1.30
CA LEU B 423 -25.42 12.60 -1.10
C LEU B 423 -26.64 13.21 -1.77
N LYS B 424 -26.91 12.85 -3.01
CA LYS B 424 -28.04 13.44 -3.71
C LYS B 424 -28.05 14.96 -3.68
N PRO B 425 -26.99 15.59 -4.16
CA PRO B 425 -26.86 17.02 -4.25
C PRO B 425 -27.72 17.51 -5.38
N LYS B 426 -28.04 18.80 -5.42
CA LYS B 426 -28.87 19.38 -6.46
C LYS B 426 -28.16 19.33 -7.81
N TYR B 427 -26.90 19.74 -7.82
CA TYR B 427 -26.14 19.83 -9.07
C TYR B 427 -24.93 18.91 -9.10
N VAL B 428 -24.62 18.43 -10.29
CA VAL B 428 -23.48 17.54 -10.51
C VAL B 428 -22.74 17.94 -11.77
N LEU B 429 -21.44 18.14 -11.64
CA LEU B 429 -20.59 18.48 -12.77
C LEU B 429 -19.41 17.52 -12.85
N GLU B 431 -16.04 16.31 -15.06
CA GLU B 431 -15.10 16.58 -16.12
C GLU B 431 -14.32 15.32 -16.43
N ASN B 432 -13.93 15.13 -17.69
CA ASN B 432 -13.12 13.98 -18.06
C ASN B 432 -12.70 14.04 -19.51
N VAL B 433 -11.74 13.19 -19.89
CA VAL B 433 -11.18 13.27 -21.23
C VAL B 433 -12.18 12.88 -22.32
N VAL B 434 -11.91 13.34 -23.54
CA VAL B 434 -12.74 13.02 -24.70
C VAL B 434 -12.89 11.51 -24.91
N ASP B 435 -11.92 10.75 -24.40
CA ASP B 435 -11.88 9.31 -24.60
C ASP B 435 -13.08 8.55 -24.04
N ILE B 436 -13.62 9.02 -22.92
CA ILE B 436 -14.75 8.34 -22.30
C ILE B 436 -15.77 7.98 -23.36
N LEU B 437 -15.99 8.91 -24.28
CA LEU B 437 -16.97 8.75 -25.35
C LEU B 437 -16.45 7.88 -26.49
N LYS B 438 -15.13 7.88 -26.68
CA LYS B 438 -14.53 7.06 -27.73
C LYS B 438 -14.27 5.61 -27.32
N PHE B 439 -13.80 5.40 -26.10
CA PHE B 439 -13.40 4.08 -25.65
C PHE B 439 -14.58 3.15 -25.39
N ALA B 440 -14.46 1.91 -25.85
CA ALA B 440 -15.49 0.89 -25.65
C ALA B 440 -16.86 1.35 -26.13
N ASP B 441 -16.89 1.98 -27.30
CA ASP B 441 -18.12 2.52 -27.87
C ASP B 441 -18.74 3.56 -26.95
N GLY B 442 -17.89 4.39 -26.34
CA GLY B 442 -18.35 5.42 -25.42
C GLY B 442 -19.11 4.82 -24.24
N TYR B 443 -18.67 3.63 -23.82
CA TYR B 443 -19.30 2.91 -22.72
C TYR B 443 -19.47 3.78 -21.48
N LEU B 444 -18.42 4.53 -21.15
CA LEU B 444 -18.39 5.27 -19.89
C LEU B 444 -19.27 6.52 -19.93
N GLY B 445 -19.33 7.16 -21.10
CA GLY B 445 -20.20 8.30 -21.29
C GLY B 445 -21.61 7.91 -20.95
N LYS B 446 -22.04 6.77 -21.48
CA LYS B 446 -23.37 6.25 -21.21
C LYS B 446 -23.47 5.78 -19.77
N TYR B 447 -22.35 5.34 -19.21
CA TYR B 447 -22.39 4.89 -17.83
C TYR B 447 -22.77 6.03 -16.90
N ALA B 448 -22.12 7.17 -17.11
CA ALA B 448 -22.39 8.37 -16.34
C ALA B 448 -23.81 8.84 -16.64
N LEU B 449 -24.12 8.92 -17.92
CA LEU B 449 -25.43 9.38 -18.35
C LEU B 449 -26.55 8.61 -17.66
N SER B 450 -26.49 7.28 -17.81
CA SER B 450 -27.40 6.37 -17.14
C SER B 450 -27.41 6.63 -15.65
N CYS B 451 -26.33 6.55 -14.95
CA CYS B 451 -26.54 6.74 -13.55
C CYS B 451 -27.24 8.01 -13.22
N LEU B 452 -26.97 9.08 -13.92
CA LEU B 452 -27.67 10.31 -13.59
C LEU B 452 -29.15 10.18 -13.83
N VAL B 453 -29.44 9.66 -15.00
CA VAL B 453 -30.81 9.45 -15.45
C VAL B 453 -31.52 8.41 -14.66
N ALA B 454 -30.85 7.37 -14.25
CA ALA B 454 -31.49 6.36 -13.44
C ALA B 454 -31.82 6.99 -12.13
N LYS B 456 -32.64 9.76 -11.67
CA LYS B 456 -33.77 10.67 -11.89
C LYS B 456 -33.35 12.10 -11.97
N TYR B 457 -32.10 12.28 -12.32
CA TYR B 457 -31.45 13.57 -12.43
C TYR B 457 -31.54 14.03 -13.88
N GLN B 458 -32.01 15.25 -14.11
CA GLN B 458 -31.91 15.81 -15.46
C GLN B 458 -30.43 15.85 -15.81
N ALA B 459 -30.09 15.48 -17.04
CA ALA B 459 -28.69 15.46 -17.45
C ALA B 459 -28.48 15.96 -18.86
N ARG B 460 -27.27 16.44 -19.12
CA ARG B 460 -26.88 16.91 -20.45
C ARG B 460 -25.38 16.75 -20.53
N LEU B 461 -24.81 16.59 -21.71
CA LEU B 461 -23.35 16.59 -21.79
C LEU B 461 -22.79 17.25 -23.05
N GLY B 462 -21.57 17.79 -22.93
CA GLY B 462 -20.93 18.43 -24.05
C GLY B 462 -19.43 18.62 -23.89
N VAL B 465 -13.89 23.16 -25.65
CA VAL B 465 -12.48 23.39 -25.98
C VAL B 465 -11.91 24.56 -25.17
N ALA B 466 -10.75 24.33 -24.57
CA ALA B 466 -10.13 25.31 -23.68
C ALA B 466 -9.84 26.66 -24.35
N GLY B 467 -9.30 26.60 -25.56
CA GLY B 467 -8.86 27.80 -26.26
C GLY B 467 -9.95 28.83 -26.50
N CYS B 468 -11.14 28.35 -26.88
CA CYS B 468 -12.24 29.23 -27.22
C CYS B 468 -12.61 30.14 -26.05
N TYR B 469 -12.14 29.75 -24.87
CA TYR B 469 -12.43 30.47 -23.63
C TYR B 469 -11.35 31.45 -23.15
N GLY B 470 -10.34 31.70 -23.97
CA GLY B 470 -9.27 32.60 -23.60
C GLY B 470 -7.91 32.03 -23.25
N LEU B 471 -7.65 30.78 -23.65
CA LEU B 471 -6.32 30.21 -23.45
C LEU B 471 -5.59 29.96 -24.77
N PRO B 472 -4.25 30.02 -24.74
CA PRO B 472 -3.40 29.77 -25.90
C PRO B 472 -3.14 28.27 -26.06
N GLN B 473 -4.20 27.48 -26.04
CA GLN B 473 -4.09 26.04 -26.24
C GLN B 473 -5.41 25.46 -26.71
N PHE B 474 -5.36 24.31 -27.36
CA PHE B 474 -6.58 23.64 -27.76
C PHE B 474 -6.68 22.35 -26.96
N ARG B 475 -7.52 22.35 -25.94
CA ARG B 475 -7.67 21.20 -25.05
C ARG B 475 -9.14 20.89 -24.92
N ARG B 477 -12.16 18.75 -23.50
CA ARG B 477 -12.62 17.88 -22.43
C ARG B 477 -14.15 17.84 -22.36
N VAL B 478 -14.62 16.71 -21.87
CA VAL B 478 -16.04 16.44 -21.73
C VAL B 478 -16.56 16.87 -20.37
N PHE B 479 -17.72 17.52 -20.42
CA PHE B 479 -18.42 17.94 -19.22
C PHE B 479 -19.83 17.38 -19.18
N LEU B 480 -20.13 16.74 -18.05
CA LEU B 480 -21.42 16.11 -17.82
C LEU B 480 -22.17 16.92 -16.77
N TRP B 481 -23.29 17.46 -17.19
CA TRP B 481 -24.22 18.17 -16.32
C TRP B 481 -25.30 17.24 -15.80
N GLY B 482 -25.64 17.44 -14.54
CA GLY B 482 -26.81 16.82 -13.98
C GLY B 482 -27.35 17.77 -12.93
N ALA B 483 -28.65 17.69 -12.68
CA ALA B 483 -29.30 18.57 -11.74
C ALA B 483 -30.56 17.86 -11.31
N LEU B 484 -31.09 18.22 -10.14
CA LEU B 484 -32.31 17.56 -9.71
C LEU B 484 -33.44 18.05 -10.59
N SER B 485 -34.63 17.50 -10.41
CA SER B 485 -35.79 17.95 -11.16
C SER B 485 -36.35 19.16 -10.44
N SER B 486 -35.90 19.34 -9.21
CA SER B 486 -36.27 20.47 -8.39
C SER B 486 -35.49 21.69 -8.88
N VAL B 488 -32.98 23.84 -12.10
CA VAL B 488 -32.89 24.27 -13.48
C VAL B 488 -31.61 23.75 -14.10
N LEU B 489 -31.73 23.02 -15.21
CA LEU B 489 -30.56 22.44 -15.87
C LEU B 489 -29.68 23.53 -16.47
N PRO B 490 -28.38 23.50 -16.14
CA PRO B 490 -27.44 24.47 -16.71
C PRO B 490 -27.19 24.17 -18.17
N LYS B 491 -26.37 25.02 -18.79
CA LYS B 491 -26.08 24.94 -20.20
C LYS B 491 -24.64 25.37 -20.42
N TYR B 492 -24.09 25.01 -21.57
CA TYR B 492 -22.69 25.25 -21.85
C TYR B 492 -22.45 26.62 -22.47
N PRO B 493 -21.60 27.43 -21.82
CA PRO B 493 -21.23 28.73 -22.37
C PRO B 493 -20.48 28.53 -23.68
N LEU B 494 -20.84 29.31 -24.70
CA LEU B 494 -20.23 29.17 -26.01
C LEU B 494 -18.81 29.75 -26.04
N PRO B 495 -18.04 29.46 -27.10
CA PRO B 495 -16.69 29.97 -27.28
C PRO B 495 -16.63 31.49 -27.19
N THR B 496 -15.68 32.03 -26.44
CA THR B 496 -15.48 33.47 -26.36
C THR B 496 -14.37 33.97 -27.28
N TYR B 497 -13.70 33.03 -27.94
CA TYR B 497 -12.57 33.39 -28.80
C TYR B 497 -12.68 32.74 -30.18
N ASP B 498 -11.85 33.18 -31.12
CA ASP B 498 -12.02 32.88 -32.54
C ASP B 498 -11.53 31.48 -32.92
N VAL B 499 -11.05 30.74 -31.93
CA VAL B 499 -10.42 29.44 -32.20
C VAL B 499 -11.30 28.61 -33.13
N VAL B 500 -10.67 28.00 -34.13
CA VAL B 500 -11.38 27.15 -35.07
C VAL B 500 -11.48 25.74 -34.52
N VAL B 501 -12.70 25.24 -34.34
CA VAL B 501 -12.92 23.88 -33.87
C VAL B 501 -13.18 22.95 -35.05
N ARG B 502 -12.45 21.83 -35.08
CA ARG B 502 -12.44 20.96 -36.24
C ARG B 502 -13.45 19.83 -36.17
N GLY B 503 -14.22 19.78 -35.09
CA GLY B 503 -15.21 18.74 -34.93
C GLY B 503 -14.57 17.36 -34.86
N GLY B 504 -13.65 17.20 -33.91
CA GLY B 504 -12.96 15.93 -33.72
C GLY B 504 -13.82 15.07 -32.81
N ALA B 505 -15.12 15.39 -32.80
CA ALA B 505 -16.09 14.77 -31.92
C ALA B 505 -16.36 13.31 -32.22
N PRO B 506 -16.53 12.50 -31.17
CA PRO B 506 -16.91 11.08 -31.17
C PRO B 506 -18.22 10.87 -31.93
N ASN B 507 -18.32 9.79 -32.69
CA ASN B 507 -19.56 9.48 -33.41
C ASN B 507 -20.67 9.12 -32.44
N ALA B 508 -20.30 8.40 -31.38
CA ALA B 508 -21.26 7.98 -30.35
C ALA B 508 -22.09 9.18 -29.91
N PHE B 509 -21.43 10.30 -29.70
CA PHE B 509 -22.14 11.55 -29.53
C PHE B 509 -21.52 12.51 -30.52
N SER B 510 -22.22 12.76 -31.62
CA SER B 510 -21.73 13.68 -32.62
C SER B 510 -22.07 15.10 -32.22
N GLN B 511 -23.31 15.30 -31.78
CA GLN B 511 -23.65 16.62 -31.35
C GLN B 511 -23.66 16.61 -29.84
N CYS B 512 -22.48 16.78 -29.25
CA CYS B 512 -22.32 17.31 -27.91
C CYS B 512 -21.49 18.59 -27.88
N VAL B 514 -19.83 22.10 -27.93
CA VAL B 514 -20.27 23.47 -27.78
C VAL B 514 -19.37 24.25 -28.70
N ALA B 515 -19.99 24.76 -29.74
CA ALA B 515 -19.30 25.50 -30.75
C ALA B 515 -20.34 26.32 -31.42
N TYR B 516 -19.95 27.40 -32.10
CA TYR B 516 -20.93 28.23 -32.81
C TYR B 516 -21.60 27.62 -34.04
N ASP B 517 -20.85 26.85 -34.82
CA ASP B 517 -21.45 26.22 -35.97
C ASP B 517 -21.48 27.00 -37.27
N GLU B 518 -20.78 28.10 -37.34
CA GLU B 518 -20.72 28.89 -38.58
C GLU B 518 -21.40 30.21 -38.64
N THR B 519 -22.17 30.62 -37.65
CA THR B 519 -22.76 31.93 -37.79
C THR B 519 -21.71 32.97 -37.43
N GLN B 520 -21.98 34.24 -37.76
CA GLN B 520 -21.02 35.31 -37.57
C GLN B 520 -20.54 35.49 -36.14
N LYS B 521 -19.25 35.68 -36.01
CA LYS B 521 -18.63 35.87 -34.72
C LYS B 521 -19.10 37.14 -34.09
N PRO B 522 -19.47 37.11 -32.82
CA PRO B 522 -19.83 38.36 -32.20
C PRO B 522 -18.49 38.92 -31.91
N SER B 523 -17.75 39.05 -33.01
CA SER B 523 -16.43 39.63 -32.96
C SER B 523 -15.69 38.90 -31.88
N LEU B 524 -15.75 37.60 -31.92
CA LEU B 524 -15.13 36.85 -30.88
C LEU B 524 -13.68 37.29 -30.85
N LYS B 525 -13.12 37.38 -29.66
CA LYS B 525 -11.80 37.90 -29.46
C LYS B 525 -10.85 37.04 -30.20
N LYS B 526 -9.72 37.59 -30.58
CA LYS B 526 -8.76 36.86 -31.38
C LYS B 526 -8.11 35.78 -30.60
N ALA B 527 -7.75 34.70 -31.29
CA ALA B 527 -7.12 33.59 -30.64
C ALA B 527 -5.80 34.01 -30.05
N LEU B 528 -5.51 33.54 -28.84
CA LEU B 528 -4.27 33.85 -28.17
C LEU B 528 -3.11 33.05 -28.69
N LEU B 529 -1.93 33.58 -28.42
CA LEU B 529 -0.70 32.95 -28.76
C LEU B 529 0.14 33.11 -27.54
N LEU B 530 1.24 32.39 -27.49
CA LEU B 530 2.11 32.41 -26.33
C LEU B 530 2.56 33.81 -25.99
N GLY B 531 3.07 34.52 -26.98
CA GLY B 531 3.51 35.86 -26.69
C GLY B 531 2.60 36.43 -25.66
N ASP B 532 1.32 36.28 -25.92
CA ASP B 532 0.30 36.90 -25.12
C ASP B 532 0.48 36.52 -23.68
N ALA B 533 0.31 35.24 -23.43
CA ALA B 533 0.34 34.67 -22.09
C ALA B 533 1.58 35.09 -21.31
N ILE B 534 2.75 34.74 -21.82
CA ILE B 534 4.00 34.85 -21.06
C ILE B 534 4.99 36.01 -21.31
N SER B 535 4.74 36.85 -22.31
CA SER B 535 5.72 37.89 -22.65
C SER B 535 6.04 38.73 -21.43
N ASP B 536 5.08 38.78 -20.52
CA ASP B 536 5.17 39.55 -19.28
C ASP B 536 6.28 39.07 -18.36
N LEU B 537 6.47 37.76 -18.32
CA LEU B 537 7.32 37.13 -17.32
C LEU B 537 8.80 37.50 -17.42
N PRO B 538 9.43 37.73 -16.26
CA PRO B 538 10.85 38.06 -16.13
C PRO B 538 11.74 36.96 -16.67
N LYS B 539 12.92 37.33 -17.15
CA LYS B 539 13.88 36.37 -17.66
C LYS B 539 14.44 35.54 -16.52
N VAL B 540 14.40 34.22 -16.68
CA VAL B 540 14.92 33.28 -15.70
C VAL B 540 15.61 32.14 -16.43
N GLN B 541 16.54 31.48 -15.75
CA GLN B 541 17.34 30.46 -16.40
C GLN B 541 17.26 29.13 -15.66
N ASN B 542 17.78 28.08 -16.30
CA ASN B 542 17.43 26.71 -15.95
C ASN B 542 17.37 26.42 -14.45
N HIS B 543 18.30 26.95 -13.66
CA HIS B 543 18.09 26.76 -12.24
C HIS B 543 17.57 28.03 -11.63
N GLN B 544 16.24 28.07 -11.51
CA GLN B 544 15.55 28.97 -10.61
C GLN B 544 14.80 28.13 -9.57
N PRO B 545 15.36 28.12 -8.34
CA PRO B 545 14.98 27.56 -7.03
C PRO B 545 13.89 28.34 -6.30
N ASN B 546 13.63 29.59 -6.69
CA ASN B 546 12.83 30.46 -5.84
C ASN B 546 11.34 30.39 -6.15
N ASP B 547 10.61 29.75 -5.24
CA ASP B 547 9.17 29.67 -5.36
C ASP B 547 8.70 31.09 -5.58
N VAL B 548 9.40 32.03 -4.96
CA VAL B 548 8.88 33.38 -4.84
C VAL B 548 9.80 34.47 -5.31
N GLU B 550 10.01 38.60 -7.30
CA GLU B 550 9.32 39.81 -7.71
C GLU B 550 9.27 39.92 -9.23
N TYR B 551 8.28 40.62 -9.74
CA TYR B 551 8.06 40.70 -11.16
C TYR B 551 8.91 41.79 -11.69
N GLY B 552 9.92 41.46 -12.46
CA GLY B 552 10.70 42.54 -12.99
C GLY B 552 9.82 42.82 -14.15
N GLY B 553 8.60 43.26 -13.88
CA GLY B 553 7.66 43.45 -14.95
C GLY B 553 6.44 44.31 -14.74
N SER B 554 5.77 44.57 -15.84
CA SER B 554 4.50 45.25 -15.85
C SER B 554 3.70 44.46 -16.84
N PRO B 555 2.40 44.31 -16.63
CA PRO B 555 1.62 43.47 -17.52
C PRO B 555 1.77 44.01 -18.89
N LYS B 556 2.07 43.21 -19.87
CA LYS B 556 2.24 43.69 -21.23
C LYS B 556 1.02 43.56 -22.06
N THR B 557 0.05 42.79 -21.61
CA THR B 557 -1.05 42.36 -22.45
C THR B 557 -2.40 42.34 -21.78
N GLU B 558 -3.44 42.28 -22.58
CA GLU B 558 -4.79 42.28 -22.07
C GLU B 558 -4.95 41.07 -21.21
N PHE B 559 -4.41 39.96 -21.68
CA PHE B 559 -4.34 38.75 -20.89
C PHE B 559 -3.55 38.98 -19.61
N GLN B 560 -2.23 39.19 -19.78
CA GLN B 560 -1.34 39.34 -18.65
C GLN B 560 -1.90 40.36 -17.67
N ARG B 561 -2.48 41.43 -18.21
CA ARG B 561 -3.18 42.38 -17.36
C ARG B 561 -4.22 41.64 -16.55
N TYR B 562 -4.85 40.66 -17.18
CA TYR B 562 -5.91 39.90 -16.52
C TYR B 562 -5.45 38.87 -15.48
N ILE B 563 -4.38 38.16 -15.76
CA ILE B 563 -3.98 37.09 -14.87
C ILE B 563 -3.50 37.65 -13.54
N ARG B 564 -2.77 38.77 -13.58
CA ARG B 564 -2.29 39.30 -12.33
C ARG B 564 -3.36 40.27 -11.87
N LEU B 565 -4.15 39.80 -10.91
CA LEU B 565 -5.30 40.51 -10.38
C LEU B 565 -5.45 39.95 -8.98
N SER B 566 -5.88 40.79 -8.05
CA SER B 566 -5.95 40.39 -6.66
C SER B 566 -6.96 39.27 -6.49
N ARG B 567 -6.98 38.62 -5.37
CA ARG B 567 -7.97 37.60 -5.22
C ARG B 567 -9.28 38.34 -5.34
N LYS B 568 -9.37 39.48 -4.69
CA LYS B 568 -10.55 40.32 -4.71
C LYS B 568 -10.91 40.99 -6.03
N ASP B 569 -9.92 41.30 -6.82
CA ASP B 569 -10.19 41.95 -8.05
C ASP B 569 -11.03 40.93 -8.73
N LEU B 571 -12.78 38.44 -6.76
CA LEU B 571 -13.63 37.81 -5.78
C LEU B 571 -13.26 36.37 -5.53
N ASP B 572 -12.01 36.09 -5.20
CA ASP B 572 -11.70 34.71 -4.89
C ASP B 572 -12.51 34.51 -3.67
N TRP B 573 -12.47 35.51 -2.82
CA TRP B 573 -13.24 35.50 -1.61
C TRP B 573 -12.83 34.34 -0.73
N SER B 574 -11.66 33.77 -0.97
CA SER B 574 -11.24 32.67 -0.14
C SER B 574 -11.02 33.18 1.25
N PHE B 575 -10.43 34.36 1.34
CA PHE B 575 -10.15 35.01 2.61
C PHE B 575 -11.24 36.00 3.07
N GLY B 576 -12.29 36.15 2.27
CA GLY B 576 -13.38 37.05 2.59
C GLY B 576 -13.01 38.50 2.37
N GLU B 577 -13.43 39.38 3.27
CA GLU B 577 -13.14 40.79 3.09
C GLU B 577 -11.80 41.04 3.76
N GLY B 578 -10.79 41.26 2.92
CA GLY B 578 -9.41 41.32 3.33
C GLY B 578 -8.58 40.89 2.14
N ALA B 579 -7.26 40.99 2.24
CA ALA B 579 -6.39 40.71 1.11
C ALA B 579 -5.66 39.38 1.24
N GLY B 580 -5.59 38.64 0.14
CA GLY B 580 -4.94 37.35 0.14
C GLY B 580 -3.43 37.43 0.36
N PRO B 581 -2.89 36.49 1.15
CA PRO B 581 -1.44 36.36 1.30
C PRO B 581 -0.77 36.22 -0.06
N ASP B 582 0.50 36.59 -0.15
CA ASP B 582 1.25 36.58 -1.40
C ASP B 582 0.68 37.57 -2.43
N GLU B 583 0.47 38.80 -1.96
CA GLU B 583 -0.03 39.89 -2.77
C GLU B 583 1.05 40.48 -3.68
N GLY B 584 0.78 40.48 -4.99
CA GLY B 584 1.64 41.14 -5.95
C GLY B 584 2.91 40.37 -6.28
N LYS B 585 3.18 39.37 -5.50
CA LYS B 585 4.37 38.60 -5.69
C LYS B 585 4.19 37.58 -6.78
N LEU B 586 5.29 37.26 -7.47
CA LEU B 586 5.28 36.25 -8.52
C LEU B 586 5.75 34.95 -7.89
N LEU B 587 5.03 33.88 -8.14
CA LEU B 587 5.37 32.61 -7.52
C LEU B 587 5.49 31.48 -8.53
N ASP B 588 6.26 30.47 -8.17
CA ASP B 588 6.32 29.26 -8.97
C ASP B 588 6.77 29.56 -10.39
N HIS B 589 7.74 30.47 -10.53
CA HIS B 589 8.33 30.67 -11.83
C HIS B 589 9.59 29.85 -11.72
N GLN B 590 9.52 28.61 -12.20
CA GLN B 590 10.64 27.69 -12.17
C GLN B 590 10.51 26.67 -13.28
N PRO B 591 11.64 26.29 -13.91
CA PRO B 591 11.59 25.15 -14.82
C PRO B 591 12.02 23.83 -14.18
N LEU B 592 11.96 22.76 -14.97
CA LEU B 592 12.57 21.51 -14.59
C LEU B 592 14.06 21.79 -14.55
N ARG B 593 14.78 21.22 -13.59
CA ARG B 593 16.21 21.40 -13.64
C ARG B 593 16.77 20.27 -14.46
N LEU B 594 17.25 20.63 -15.65
CA LEU B 594 17.67 19.63 -16.61
C LEU B 594 19.04 19.11 -16.23
N ASN B 595 19.23 17.80 -16.37
CA ASN B 595 20.49 17.22 -16.03
C ASN B 595 21.39 17.99 -16.92
N ASN B 596 22.60 18.20 -16.47
CA ASN B 596 23.53 19.01 -17.20
C ASN B 596 23.71 18.47 -18.59
N ASP B 597 23.63 17.18 -18.78
CA ASP B 597 23.79 16.71 -20.14
C ASP B 597 22.69 17.34 -20.94
N ASP B 598 21.49 17.39 -20.37
CA ASP B 598 20.37 17.96 -21.07
C ASP B 598 20.51 19.46 -21.29
N TYR B 599 21.02 20.17 -20.30
CA TYR B 599 21.14 21.60 -20.41
C TYR B 599 21.99 21.99 -21.58
N GLU B 600 23.14 21.35 -21.74
CA GLU B 600 24.00 21.61 -22.86
C GLU B 600 23.25 21.51 -24.18
N ARG B 601 22.38 20.50 -24.33
CA ARG B 601 21.65 20.37 -25.59
C ARG B 601 20.56 21.41 -25.84
N VAL B 602 20.05 22.04 -24.77
CA VAL B 602 19.15 23.18 -24.94
C VAL B 602 19.90 24.47 -25.28
N GLN B 603 20.95 24.76 -24.53
CA GLN B 603 21.72 25.96 -24.78
C GLN B 603 22.30 25.87 -26.19
N GLN B 604 22.49 24.64 -26.66
CA GLN B 604 22.99 24.39 -28.00
C GLN B 604 21.84 24.43 -29.00
N ILE B 605 20.64 24.73 -28.50
CA ILE B 605 19.47 24.93 -29.35
C ILE B 605 19.53 26.28 -30.06
N PRO B 606 19.04 26.31 -31.32
CA PRO B 606 18.99 27.48 -32.21
C PRO B 606 18.31 28.75 -31.69
N VAL B 607 17.22 28.69 -30.92
CA VAL B 607 16.41 29.88 -30.60
C VAL B 607 15.90 30.56 -31.87
N LYS B 608 15.77 29.78 -32.94
CA LYS B 608 15.08 30.25 -34.13
C LYS B 608 13.63 29.89 -33.92
N LYS B 609 12.81 30.06 -34.94
CA LYS B 609 11.39 29.72 -34.86
C LYS B 609 11.20 28.21 -34.74
N GLY B 610 11.97 27.46 -35.51
CA GLY B 610 11.74 26.04 -35.72
C GLY B 610 12.63 25.06 -34.99
N ALA B 611 13.20 25.45 -33.85
CA ALA B 611 14.21 24.63 -33.20
C ALA B 611 13.79 23.17 -33.10
N ASN B 612 14.72 22.28 -33.42
CA ASN B 612 14.52 20.84 -33.33
C ASN B 612 15.87 20.19 -33.10
N PHE B 613 15.88 18.99 -32.54
CA PHE B 613 17.13 18.24 -32.42
C PHE B 613 17.74 18.22 -33.80
N ARG B 614 16.89 18.09 -34.81
CA ARG B 614 17.32 18.03 -36.19
C ARG B 614 18.27 19.19 -36.47
N ASP B 615 18.13 20.25 -35.67
CA ASP B 615 19.04 21.39 -35.75
C ASP B 615 20.36 21.16 -34.99
N LEU B 616 20.45 20.07 -34.25
CA LEU B 616 21.72 19.68 -33.65
C LEU B 616 22.59 19.19 -34.80
N LYS B 617 23.81 18.75 -34.55
CA LYS B 617 24.65 18.47 -35.70
C LYS B 617 24.60 16.99 -36.05
N GLY B 618 23.75 16.75 -37.04
CA GLY B 618 23.61 15.52 -37.78
C GLY B 618 22.36 15.94 -38.53
N VAL B 619 22.10 15.38 -39.70
CA VAL B 619 20.93 15.81 -40.46
C VAL B 619 20.48 14.71 -41.38
N ARG B 620 19.19 14.66 -41.65
CA ARG B 620 18.71 13.61 -42.54
C ARG B 620 17.38 13.84 -43.20
N VAL B 621 17.18 13.03 -44.24
CA VAL B 621 15.92 12.91 -44.93
C VAL B 621 15.87 11.50 -45.46
N GLY B 622 14.67 11.07 -45.82
CA GLY B 622 14.47 9.81 -46.52
C GLY B 622 13.28 10.14 -47.39
N ALA B 623 12.92 9.25 -48.30
CA ALA B 623 11.76 9.53 -49.15
C ALA B 623 10.67 9.97 -48.19
N ASN B 624 10.37 9.11 -47.22
CA ASN B 624 9.68 9.54 -46.01
C ASN B 624 10.77 10.13 -45.15
N ASN B 625 10.51 11.27 -44.52
CA ASN B 625 11.60 11.93 -43.81
C ASN B 625 11.94 11.15 -42.55
N ILE B 626 13.17 10.66 -42.52
CA ILE B 626 13.67 9.87 -41.40
C ILE B 626 15.06 10.37 -41.09
N VAL B 627 15.26 10.84 -39.88
CA VAL B 627 16.53 11.43 -39.57
C VAL B 627 17.51 10.31 -39.72
N GLU B 628 18.71 10.66 -40.13
CA GLU B 628 19.77 9.69 -40.23
C GLU B 628 20.98 10.51 -39.86
N TRP B 629 22.02 9.89 -39.32
CA TRP B 629 23.22 10.64 -39.05
C TRP B 629 23.81 10.93 -40.40
N ASP B 630 24.45 12.08 -40.59
CA ASP B 630 25.10 12.35 -41.87
C ASP B 630 26.31 11.46 -41.91
N PRO B 631 26.56 10.80 -43.01
CA PRO B 631 27.66 9.85 -43.01
C PRO B 631 28.94 10.59 -42.67
N GLU B 632 29.09 11.81 -43.18
CA GLU B 632 30.32 12.54 -42.98
C GLU B 632 30.63 12.84 -41.54
N ILE B 633 29.64 13.22 -40.76
CA ILE B 633 29.91 13.69 -39.41
C ILE B 633 30.04 12.63 -38.34
N GLU B 634 31.20 12.63 -37.69
CA GLU B 634 31.42 11.72 -36.61
C GLU B 634 30.48 12.24 -35.57
N ARG B 635 29.81 11.35 -34.85
CA ARG B 635 28.85 11.79 -33.86
C ARG B 635 29.56 12.63 -32.85
N VAL B 636 28.92 13.68 -32.38
CA VAL B 636 29.49 14.58 -31.37
C VAL B 636 29.32 14.11 -29.94
N LYS B 637 30.04 14.72 -29.01
CA LYS B 637 29.88 14.39 -27.60
C LYS B 637 29.86 15.66 -26.75
N LEU B 638 29.23 15.58 -25.59
CA LEU B 638 29.04 16.73 -24.71
C LEU B 638 30.22 16.97 -23.78
N SER B 639 30.06 17.93 -22.86
CA SER B 639 31.13 18.24 -21.95
C SER B 639 31.30 16.94 -21.26
N SER B 640 30.17 16.35 -20.96
CA SER B 640 30.12 15.00 -20.48
C SER B 640 30.22 14.17 -21.73
N GLY B 641 30.42 12.88 -21.55
CA GLY B 641 30.56 11.95 -22.64
C GLY B 641 29.29 11.73 -23.43
N LYS B 642 28.19 12.22 -22.88
CA LYS B 642 26.92 12.02 -23.52
C LYS B 642 26.96 12.62 -24.89
N PRO B 643 26.24 12.00 -25.80
CA PRO B 643 26.18 12.47 -27.18
C PRO B 643 25.24 13.65 -27.27
N LEU B 644 24.81 13.95 -28.47
CA LEU B 644 23.88 15.03 -28.69
C LEU B 644 22.70 14.47 -27.97
N VAL B 645 22.83 13.20 -27.58
CA VAL B 645 21.79 12.44 -26.89
C VAL B 645 20.74 12.05 -27.89
N PRO B 646 21.07 12.10 -29.17
CA PRO B 646 20.10 11.72 -30.18
C PRO B 646 19.64 10.28 -30.04
N ASP B 647 20.54 9.42 -29.64
CA ASP B 647 20.26 8.01 -29.59
C ASP B 647 18.78 7.73 -29.80
N TYR B 648 17.94 8.06 -28.85
CA TYR B 648 16.52 7.81 -29.05
C TYR B 648 15.84 8.71 -30.05
N ALA B 649 16.29 9.95 -30.07
CA ALA B 649 15.65 11.01 -30.85
C ALA B 649 15.47 10.63 -32.30
N SER B 651 14.84 7.72 -33.18
CA SER B 651 13.75 6.78 -32.99
C SER B 651 12.36 7.35 -32.80
N PHE B 652 12.23 8.42 -32.03
CA PHE B 652 10.90 8.82 -31.65
C PHE B 652 10.13 8.97 -32.92
N ILE B 653 8.92 8.43 -32.90
CA ILE B 653 8.01 8.51 -34.02
C ILE B 653 8.73 7.99 -35.24
N LYS B 654 9.59 7.02 -35.05
CA LYS B 654 10.24 6.45 -36.20
C LYS B 654 10.78 7.57 -37.05
N GLY B 655 11.57 8.47 -36.49
CA GLY B 655 12.06 9.56 -37.30
C GLY B 655 10.96 10.57 -37.37
N LYS B 656 10.92 11.39 -38.41
CA LYS B 656 9.93 12.45 -38.46
C LYS B 656 9.92 13.10 -37.08
N SER B 657 8.74 13.25 -36.49
CA SER B 657 8.64 13.79 -35.16
C SER B 657 9.61 14.96 -35.05
N LEU B 658 9.26 16.07 -35.69
CA LEU B 658 10.07 17.28 -35.58
C LEU B 658 9.93 17.82 -34.16
N LYS B 659 9.03 17.19 -33.43
CA LYS B 659 8.66 17.60 -32.08
C LYS B 659 9.77 17.49 -31.03
N PRO B 660 10.62 16.44 -31.09
CA PRO B 660 11.14 16.10 -29.77
C PRO B 660 11.94 17.19 -29.13
N PHE B 661 13.08 17.53 -29.73
CA PHE B 661 14.01 18.41 -29.07
C PHE B 661 13.98 19.67 -29.86
N GLY B 662 13.29 20.64 -29.33
CA GLY B 662 13.17 21.89 -30.02
C GLY B 662 12.04 22.65 -29.40
N ARG B 663 12.01 23.94 -29.69
CA ARG B 663 10.94 24.78 -29.23
C ARG B 663 10.19 25.34 -30.43
N LEU B 664 9.23 26.20 -30.11
CA LEU B 664 8.64 27.13 -31.04
C LEU B 664 8.23 28.27 -30.13
N TRP B 665 7.63 29.32 -30.66
CA TRP B 665 7.50 30.52 -29.85
C TRP B 665 6.15 31.20 -29.97
N TRP B 666 6.13 32.44 -29.46
CA TRP B 666 4.92 33.18 -29.18
C TRP B 666 3.98 33.20 -30.37
N ASP B 667 4.50 32.88 -31.55
CA ASP B 667 3.70 32.81 -32.76
C ASP B 667 2.63 31.73 -32.70
N GLU B 668 2.72 30.84 -31.71
CA GLU B 668 1.83 29.70 -31.68
C GLU B 668 1.36 29.26 -30.29
N THR B 669 0.51 28.23 -30.31
CA THR B 669 -0.15 27.68 -29.13
C THR B 669 0.34 26.25 -28.87
N VAL B 670 0.26 25.84 -27.61
CA VAL B 670 0.50 24.45 -27.26
C VAL B 670 -0.84 23.73 -27.22
N PRO B 671 -1.04 22.75 -28.12
CA PRO B 671 -2.34 22.10 -28.24
C PRO B 671 -2.87 21.67 -26.88
N THR B 672 -2.05 20.99 -26.10
CA THR B 672 -2.40 20.67 -24.72
C THR B 672 -1.21 20.81 -23.80
N VAL B 673 -1.37 21.59 -22.74
CA VAL B 673 -0.36 21.62 -21.69
C VAL B 673 -0.44 20.28 -21.02
N VAL B 674 0.72 19.66 -20.78
CA VAL B 674 0.75 18.33 -20.20
C VAL B 674 1.36 18.32 -18.79
N THR B 675 1.27 17.15 -18.18
CA THR B 675 1.70 16.92 -16.80
C THR B 675 3.22 16.90 -16.66
N ARG B 676 3.92 16.53 -17.72
CA ARG B 676 5.36 16.36 -17.65
C ARG B 676 6.11 17.34 -18.54
N ALA B 677 7.06 18.07 -17.95
CA ALA B 677 7.90 18.90 -18.77
C ALA B 677 9.22 18.17 -18.92
N GLU B 678 9.37 17.51 -20.05
CA GLU B 678 10.66 17.01 -20.48
C GLU B 678 10.80 17.13 -21.99
N PRO B 679 11.98 17.57 -22.45
CA PRO B 679 12.20 17.98 -23.85
C PRO B 679 12.20 16.88 -24.93
N HIS B 680 12.59 15.66 -24.60
CA HIS B 680 12.85 14.69 -25.66
C HIS B 680 11.64 14.41 -26.56
N ASN B 681 10.43 14.40 -26.02
CA ASN B 681 9.25 14.27 -26.86
C ASN B 681 8.42 15.53 -27.19
N GLN B 682 8.53 16.58 -26.40
CA GLN B 682 7.45 17.60 -26.38
C GLN B 682 7.47 19.03 -26.93
N VAL B 683 8.54 19.49 -27.58
CA VAL B 683 8.63 20.90 -27.95
C VAL B 683 8.16 21.75 -26.77
N ILE B 684 8.85 21.61 -25.64
CA ILE B 684 8.55 22.45 -24.48
C ILE B 684 9.57 23.57 -24.18
N ILE B 685 10.69 23.56 -24.90
CA ILE B 685 11.77 24.47 -24.53
C ILE B 685 11.17 25.86 -24.63
N HIS B 686 11.70 26.83 -23.88
CA HIS B 686 11.21 28.20 -23.98
C HIS B 686 11.45 28.67 -25.42
N PRO B 687 10.68 29.67 -25.89
CA PRO B 687 11.16 30.19 -27.18
C PRO B 687 12.59 30.77 -27.17
N THR B 688 12.87 31.69 -26.27
CA THR B 688 14.20 32.26 -26.21
C THR B 688 15.03 32.02 -24.96
N GLN B 689 14.41 31.86 -23.80
CA GLN B 689 15.20 31.72 -22.60
C GLN B 689 16.02 30.44 -22.55
N ALA B 690 15.64 29.41 -23.28
CA ALA B 690 16.37 28.16 -23.17
C ALA B 690 16.35 27.54 -21.76
N ARG B 691 15.20 27.61 -21.09
CA ARG B 691 14.98 27.04 -19.76
C ARG B 691 13.96 25.93 -19.73
N VAL B 692 13.58 25.42 -20.89
CA VAL B 692 12.35 24.61 -20.98
C VAL B 692 11.11 25.50 -20.96
N LEU B 693 10.16 25.28 -20.06
CA LEU B 693 9.13 26.26 -19.76
C LEU B 693 8.87 26.17 -18.27
N THR B 694 8.87 27.30 -17.57
CA THR B 694 8.69 27.20 -16.13
C THR B 694 7.26 26.87 -15.89
N ILE B 695 6.94 26.65 -14.63
CA ILE B 695 5.60 26.26 -14.26
C ILE B 695 4.65 27.40 -14.54
N ARG B 696 4.99 28.57 -14.02
CA ARG B 696 4.06 29.69 -14.04
C ARG B 696 3.60 29.99 -15.46
N GLU B 697 4.45 29.82 -16.47
CA GLU B 697 3.96 29.97 -17.83
C GLU B 697 2.91 28.91 -18.07
N ASN B 698 3.20 27.68 -17.64
CA ASN B 698 2.28 26.57 -17.87
C ASN B 698 0.93 26.76 -17.18
N ALA B 699 0.93 27.37 -16.00
CA ALA B 699 -0.28 27.66 -15.27
C ALA B 699 -1.04 28.80 -15.96
N ARG B 700 -0.29 29.80 -16.41
CA ARG B 700 -0.85 30.86 -17.23
C ARG B 700 -1.61 30.24 -18.39
N LEU B 701 -0.92 29.37 -19.11
CA LEU B 701 -1.50 28.63 -20.22
C LEU B 701 -2.77 27.94 -19.77
N GLN B 702 -2.77 27.50 -18.52
CA GLN B 702 -3.92 26.77 -17.98
C GLN B 702 -4.98 27.72 -17.45
N GLY B 703 -4.72 29.01 -17.55
CA GLY B 703 -5.68 30.01 -17.15
C GLY B 703 -5.71 30.23 -15.65
N PHE B 704 -4.78 29.58 -14.95
CA PHE B 704 -4.65 29.80 -13.51
C PHE B 704 -4.38 31.26 -13.23
N PRO B 705 -5.15 31.83 -12.32
CA PRO B 705 -4.83 33.18 -11.85
C PRO B 705 -3.54 33.12 -11.05
N ASP B 706 -2.70 34.15 -11.16
CA ASP B 706 -1.34 34.09 -10.61
C ASP B 706 -1.31 34.06 -9.09
N TYR B 707 -2.29 34.70 -8.47
CA TYR B 707 -2.33 34.83 -7.02
C TYR B 707 -2.45 33.44 -6.42
N TYR B 708 -2.56 32.48 -7.33
CA TYR B 708 -2.75 31.09 -6.99
C TYR B 708 -1.46 30.29 -6.74
N ARG B 709 -1.32 29.76 -5.53
CA ARG B 709 -0.07 29.11 -5.14
C ARG B 709 -0.11 27.60 -5.35
N LEU B 710 1.04 26.96 -5.14
CA LEU B 710 1.17 25.53 -5.27
C LEU B 710 2.20 25.06 -4.26
N PHE B 711 2.39 23.76 -4.15
CA PHE B 711 3.31 23.18 -3.18
C PHE B 711 3.91 21.85 -3.64
N GLY B 712 5.03 21.44 -3.00
CA GLY B 712 5.81 20.23 -3.26
C GLY B 712 7.00 20.51 -4.17
N PRO B 713 7.78 19.50 -4.54
CA PRO B 713 8.85 19.60 -5.56
C PRO B 713 8.48 20.17 -7.01
N ILE B 714 9.43 20.68 -7.77
CA ILE B 714 9.05 21.13 -9.12
C ILE B 714 8.24 20.10 -9.97
N LYS B 715 8.78 18.89 -10.00
CA LYS B 715 8.20 17.78 -10.72
C LYS B 715 6.71 17.57 -10.37
N GLU B 716 6.36 17.73 -9.11
CA GLU B 716 4.97 17.64 -8.70
C GLU B 716 4.08 18.79 -9.11
N LYS B 717 4.53 20.01 -8.91
CA LYS B 717 3.76 21.17 -9.32
C LYS B 717 3.34 20.94 -10.77
N TYR B 718 4.32 20.58 -11.60
CA TYR B 718 4.07 20.36 -13.02
C TYR B 718 2.85 19.48 -13.27
N ILE B 719 2.78 18.34 -12.59
CA ILE B 719 1.62 17.46 -12.73
C ILE B 719 0.35 18.16 -12.25
N GLN B 720 0.46 18.83 -11.10
CA GLN B 720 -0.69 19.51 -10.53
C GLN B 720 -1.39 20.35 -11.59
N VAL B 721 -0.61 21.15 -12.32
CA VAL B 721 -1.21 21.98 -13.36
C VAL B 721 -1.54 21.21 -14.64
N GLY B 722 -0.79 20.14 -14.91
CA GLY B 722 -1.09 19.31 -16.06
C GLY B 722 -2.51 18.80 -15.98
N ASN B 723 -2.96 18.53 -14.75
CA ASN B 723 -4.30 17.98 -14.52
C ASN B 723 -5.45 19.00 -14.55
N ALA B 724 -5.14 20.24 -14.24
CA ALA B 724 -6.18 21.24 -14.01
C ALA B 724 -7.12 21.45 -15.21
N VAL B 725 -8.40 21.66 -14.91
CA VAL B 725 -9.33 22.15 -15.90
C VAL B 725 -8.95 23.60 -16.15
N ALA B 726 -8.90 24.00 -17.43
CA ALA B 726 -8.57 25.38 -17.72
C ALA B 726 -9.55 26.21 -16.92
N VAL B 727 -9.01 27.10 -16.07
CA VAL B 727 -9.84 27.86 -15.15
C VAL B 727 -10.86 28.77 -15.84
N PRO B 728 -10.50 29.36 -16.98
CA PRO B 728 -11.51 30.15 -17.69
C PRO B 728 -12.77 29.32 -18.02
N VAL B 729 -12.58 28.07 -18.42
CA VAL B 729 -13.69 27.17 -18.75
C VAL B 729 -14.51 26.86 -17.51
N ALA B 730 -13.82 26.52 -16.43
CA ALA B 730 -14.44 26.23 -15.15
C ALA B 730 -15.25 27.44 -14.72
N ARG B 731 -14.80 28.61 -15.15
CA ARG B 731 -15.39 29.88 -14.74
C ARG B 731 -16.66 30.16 -15.51
N ALA B 732 -16.63 29.90 -16.81
CA ALA B 732 -17.83 30.01 -17.63
C ALA B 732 -18.88 29.03 -17.09
N LEU B 733 -18.48 27.77 -16.93
CA LEU B 733 -19.36 26.77 -16.35
C LEU B 733 -19.95 27.27 -15.05
N GLY B 734 -19.08 27.82 -14.20
CA GLY B 734 -19.51 28.38 -12.93
C GLY B 734 -20.59 29.42 -13.11
N TYR B 735 -20.45 30.26 -14.12
CA TYR B 735 -21.46 31.28 -14.39
C TYR B 735 -22.81 30.67 -14.77
N CYS B 736 -22.80 29.81 -15.79
CA CYS B 736 -24.06 29.17 -16.21
C CYS B 736 -24.73 28.50 -15.01
N LEU B 737 -23.94 27.77 -14.24
CA LEU B 737 -24.42 27.13 -13.03
C LEU B 737 -25.08 28.14 -12.12
N GLY B 738 -24.41 29.27 -11.87
CA GLY B 738 -24.99 30.31 -11.04
C GLY B 738 -26.37 30.71 -11.52
N GLN B 739 -26.47 30.99 -12.81
CA GLN B 739 -27.76 31.33 -13.42
C GLN B 739 -28.80 30.28 -13.03
N ALA B 740 -28.48 29.02 -13.30
CA ALA B 740 -29.42 27.92 -13.04
C ALA B 740 -29.83 27.83 -11.56
N TYR B 741 -28.84 27.78 -10.67
CA TYR B 741 -29.09 27.67 -9.25
C TYR B 741 -30.01 28.78 -8.77
N LEU B 742 -29.73 30.00 -9.23
CA LEU B 742 -30.59 31.13 -8.91
C LEU B 742 -31.89 31.06 -9.72
N GLY B 743 -31.81 30.55 -10.94
CA GLY B 743 -32.99 30.29 -11.72
C GLY B 743 -33.29 31.35 -12.76
N GLU B 744 -32.33 32.24 -12.96
CA GLU B 744 -32.40 33.18 -14.07
C GLU B 744 -31.88 32.45 -15.28
N SER B 745 -32.75 32.32 -16.26
CA SER B 745 -32.40 31.63 -17.50
C SER B 745 -33.50 31.78 -18.53
N GLU B 746 -33.40 31.01 -19.60
CA GLU B 746 -34.39 31.04 -20.66
C GLU B 746 -34.86 29.65 -21.05
N GLY B 747 -35.97 29.61 -21.78
CA GLY B 747 -36.51 28.37 -22.29
C GLY B 747 -35.34 27.63 -22.89
N SER B 748 -35.26 26.34 -22.61
CA SER B 748 -34.05 25.59 -22.88
C SER B 748 -33.56 25.67 -24.31
N ASP B 749 -32.26 25.86 -24.42
CA ASP B 749 -31.51 25.38 -25.56
C ASP B 749 -30.18 24.96 -24.94
N PRO B 750 -29.30 24.34 -25.72
CA PRO B 750 -28.13 23.75 -25.06
C PRO B 750 -27.13 24.75 -24.47
N LEU B 751 -26.86 25.83 -25.18
CA LEU B 751 -25.76 26.72 -24.81
C LEU B 751 -26.18 28.15 -24.49
N TYR B 752 -25.36 28.80 -23.67
CA TYR B 752 -25.76 30.08 -23.07
C TYR B 752 -24.90 31.26 -23.47
N GLN B 753 -25.29 32.44 -22.99
CA GLN B 753 -24.56 33.65 -23.32
C GLN B 753 -23.88 34.46 -22.21
N LEU B 754 -22.67 34.94 -22.52
CA LEU B 754 -21.90 35.72 -21.56
C LEU B 754 -21.80 37.18 -21.99
N PRO B 755 -21.70 38.08 -21.02
CA PRO B 755 -21.60 39.51 -21.30
C PRO B 755 -20.18 40.03 -21.06
N PRO B 756 -19.88 40.40 -19.81
CA PRO B 756 -18.55 40.90 -19.47
C PRO B 756 -17.58 39.78 -19.12
N SER B 757 -18.04 38.82 -18.32
CA SER B 757 -17.21 37.69 -17.92
C SER B 757 -15.81 37.82 -18.47
#